data_8VES
#
_entry.id   8VES
#
_cell.length_a   1.00
_cell.length_b   1.00
_cell.length_c   1.00
_cell.angle_alpha   90.00
_cell.angle_beta   90.00
_cell.angle_gamma   90.00
#
_symmetry.space_group_name_H-M   'P 1'
#
loop_
_entity.id
_entity.type
_entity.pdbx_description
1 polymer 'Endoribonuclease YicC'
2 polymer 'RNA (26-MER)'
3 water water
#
loop_
_entity_poly.entity_id
_entity_poly.type
_entity_poly.pdbx_seq_one_letter_code
_entity_poly.pdbx_strand_id
1 'polypeptide(L)'
;GSMIRSMTAYARREIKGEWGSATWEMRSVNQRYLETYFRLPEQFRSLEPVVRERIRSRLTRGKVECTLRYEPDVSAQGEL
ILNEKLAKQLVTAANWVKMQSDEGEINPVDILRWPGVMAAQEQDLDAIAAEILAALDGTLDDFIVARETEGQALKALIEQ
RLEGVTAEVVKVRSHMPEILQWQRERLVAKLEDAQVQLENNRLEQELVLLAQRIDVAEELDRLEAHVKETYNILKKKEAV
GRRLDFMMQEFNRESNTLASKSINAEVTNSAIELKVLIEQMREQIQNIE
;
A,C,B,E,D,F
2 'polyribonucleotide' GGCAGAAGAAUGCUGUAAAACAGAGA H
#
# COMPACT_ATOMS: atom_id res chain seq x y z
N MET A 3 -21.54 20.11 17.32
CA MET A 3 -21.29 19.15 18.40
C MET A 3 -20.08 18.29 18.09
N ILE A 4 -19.15 18.82 17.31
CA ILE A 4 -17.92 18.09 17.02
C ILE A 4 -17.02 18.09 18.25
N ARG A 5 -16.55 16.91 18.64
CA ARG A 5 -15.69 16.76 19.80
C ARG A 5 -14.24 16.70 19.35
N SER A 6 -13.39 17.50 19.99
CA SER A 6 -11.96 17.44 19.71
C SER A 6 -11.28 16.50 20.68
N MET A 7 -10.08 16.07 20.31
CA MET A 7 -9.31 15.14 21.12
C MET A 7 -8.35 15.82 22.09
N THR A 8 -8.37 17.15 22.17
CA THR A 8 -7.54 17.90 23.11
C THR A 8 -8.44 18.66 24.05
N ALA A 9 -8.40 18.30 25.33
CA ALA A 9 -9.26 18.93 26.32
C ALA A 9 -8.65 18.73 27.70
N TYR A 10 -9.15 19.50 28.66
CA TYR A 10 -8.68 19.43 30.04
C TYR A 10 -9.84 19.72 30.97
N ALA A 11 -9.95 18.95 32.05
CA ALA A 11 -11.04 19.12 32.99
C ALA A 11 -10.57 18.78 34.39
N ARG A 12 -10.76 19.72 35.33
CA ARG A 12 -10.37 19.54 36.71
C ARG A 12 -11.59 19.71 37.60
N ARG A 13 -11.76 18.81 38.55
CA ARG A 13 -12.89 18.86 39.47
C ARG A 13 -12.41 18.51 40.88
N GLU A 14 -12.74 19.36 41.85
CA GLU A 14 -12.34 19.18 43.23
C GLU A 14 -13.54 18.89 44.09
N ILE A 15 -13.42 17.91 44.98
CA ILE A 15 -14.48 17.50 45.88
C ILE A 15 -13.95 17.53 47.31
N LYS A 16 -14.65 18.23 48.19
CA LYS A 16 -14.26 18.40 49.57
C LYS A 16 -15.27 17.72 50.49
N GLY A 17 -14.75 17.01 51.50
CA GLY A 17 -15.59 16.34 52.46
C GLY A 17 -14.83 16.15 53.75
N GLU A 18 -15.49 15.52 54.72
CA GLU A 18 -14.88 15.33 56.04
C GLU A 18 -13.59 14.52 55.95
N TRP A 19 -13.48 13.65 54.94
CA TRP A 19 -12.25 12.87 54.79
C TRP A 19 -11.11 13.73 54.24
N GLY A 20 -11.42 14.76 53.47
CA GLY A 20 -10.41 15.63 52.92
C GLY A 20 -10.82 16.13 51.56
N SER A 21 -9.82 16.51 50.76
CA SER A 21 -10.02 17.06 49.43
C SER A 21 -9.46 16.11 48.39
N ALA A 22 -10.25 15.83 47.36
CA ALA A 22 -9.84 14.95 46.27
C ALA A 22 -10.00 15.69 44.96
N THR A 23 -8.94 15.66 44.14
CA THR A 23 -8.91 16.38 42.87
C THR A 23 -8.80 15.38 41.73
N TRP A 24 -9.71 15.48 40.76
CA TRP A 24 -9.68 14.66 39.56
C TRP A 24 -9.31 15.55 38.38
N GLU A 25 -8.24 15.18 37.68
CA GLU A 25 -7.80 15.90 36.49
C GLU A 25 -7.80 14.96 35.31
N MET A 26 -8.35 15.42 34.19
CA MET A 26 -8.37 14.65 32.96
C MET A 26 -7.79 15.49 31.84
N ARG A 27 -6.86 14.91 31.08
CA ARG A 27 -6.25 15.56 29.93
C ARG A 27 -6.27 14.61 28.74
N SER A 28 -6.36 15.17 27.55
CA SER A 28 -6.45 14.37 26.34
C SER A 28 -5.51 14.91 25.28
N VAL A 29 -4.86 14.00 24.57
CA VAL A 29 -3.94 14.32 23.48
C VAL A 29 -4.35 13.49 22.28
N ASN A 30 -4.02 14.00 21.08
CA ASN A 30 -4.42 13.33 19.85
C ASN A 30 -3.84 11.91 19.79
N GLN A 31 -4.66 10.98 19.29
CA GLN A 31 -4.25 9.60 19.12
C GLN A 31 -5.14 8.96 18.08
N ARG A 32 -4.64 7.88 17.47
CA ARG A 32 -5.44 7.17 16.49
C ARG A 32 -6.52 6.31 17.15
N TYR A 33 -6.21 5.73 18.31
CA TYR A 33 -7.19 4.94 19.04
C TYR A 33 -7.31 5.44 20.47
N LEU A 34 -8.03 4.71 21.32
CA LEU A 34 -8.25 5.13 22.70
C LEU A 34 -7.32 4.35 23.62
N GLU A 35 -6.53 5.06 24.40
CA GLU A 35 -5.68 4.46 25.42
C GLU A 35 -5.67 5.36 26.65
N THR A 36 -5.81 4.75 27.81
CA THR A 36 -5.98 5.48 29.07
C THR A 36 -4.87 5.12 30.03
N TYR A 37 -4.29 6.14 30.68
CA TYR A 37 -3.28 5.97 31.70
C TYR A 37 -3.75 6.66 32.98
N PHE A 38 -3.54 5.99 34.11
CA PHE A 38 -4.03 6.48 35.40
C PHE A 38 -2.87 6.67 36.36
N ARG A 39 -2.95 7.74 37.15
CA ARG A 39 -1.97 8.05 38.19
C ARG A 39 -2.63 8.01 39.56
N LEU A 40 -3.46 6.99 39.79
CA LEU A 40 -4.16 6.87 41.06
C LEU A 40 -3.17 6.60 42.18
N PRO A 41 -3.40 7.14 43.37
CA PRO A 41 -2.59 6.74 44.52
C PRO A 41 -2.88 5.29 44.90
N GLU A 42 -1.89 4.65 45.53
CA GLU A 42 -2.03 3.24 45.84
C GLU A 42 -3.15 2.97 46.84
N GLN A 43 -3.62 4.00 47.54
CA GLN A 43 -4.80 3.82 48.38
C GLN A 43 -6.02 3.45 47.55
N PHE A 44 -6.18 4.09 46.39
CA PHE A 44 -7.31 3.84 45.49
C PHE A 44 -6.86 3.18 44.19
N ARG A 45 -5.79 2.39 44.24
CA ARG A 45 -5.32 1.72 43.04
C ARG A 45 -6.33 0.69 42.52
N SER A 46 -7.13 0.12 43.43
CA SER A 46 -8.09 -0.91 43.02
C SER A 46 -9.23 -0.36 42.18
N LEU A 47 -9.40 0.95 42.10
CA LEU A 47 -10.46 1.55 41.30
C LEU A 47 -10.12 1.62 39.82
N GLU A 48 -8.92 1.17 39.42
CA GLU A 48 -8.51 1.29 38.03
C GLU A 48 -9.45 0.61 37.05
N PRO A 49 -9.91 -0.64 37.28
CA PRO A 49 -10.81 -1.25 36.29
C PRO A 49 -12.12 -0.52 36.10
N VAL A 50 -12.76 -0.08 37.18
CA VAL A 50 -14.04 0.63 37.06
C VAL A 50 -13.85 1.96 36.34
N VAL A 51 -12.79 2.68 36.69
CA VAL A 51 -12.50 3.96 36.05
C VAL A 51 -12.26 3.76 34.56
N ARG A 52 -11.45 2.75 34.22
CA ARG A 52 -11.18 2.48 32.82
C ARG A 52 -12.45 2.11 32.07
N GLU A 53 -13.31 1.32 32.69
CA GLU A 53 -14.57 0.94 32.04
C GLU A 53 -15.43 2.16 31.76
N ARG A 54 -15.57 3.04 32.75
CA ARG A 54 -16.40 4.24 32.54
C ARG A 54 -15.81 5.14 31.46
N ILE A 55 -14.49 5.34 31.48
CA ILE A 55 -13.86 6.24 30.51
C ILE A 55 -13.98 5.67 29.10
N ARG A 56 -13.69 4.37 28.93
CA ARG A 56 -13.82 3.77 27.62
C ARG A 56 -15.26 3.67 27.17
N SER A 57 -16.22 3.71 28.10
CA SER A 57 -17.62 3.75 27.71
C SER A 57 -18.03 5.13 27.21
N ARG A 58 -17.52 6.19 27.84
CA ARG A 58 -17.93 7.54 27.47
C ARG A 58 -17.01 8.22 26.46
N LEU A 59 -16.00 7.52 25.94
CA LEU A 59 -15.08 8.09 24.97
C LEU A 59 -14.87 7.10 23.84
N THR A 60 -14.39 7.60 22.71
CA THR A 60 -14.12 6.75 21.55
C THR A 60 -12.65 6.77 21.14
N ARG A 61 -12.05 7.95 21.01
CA ARG A 61 -10.66 8.06 20.56
C ARG A 61 -9.92 9.07 21.43
N GLY A 62 -8.59 8.95 21.45
CA GLY A 62 -7.77 9.90 22.15
C GLY A 62 -6.94 9.29 23.26
N LYS A 63 -5.77 9.87 23.52
CA LYS A 63 -4.92 9.43 24.62
C LYS A 63 -5.31 10.23 25.86
N VAL A 64 -5.85 9.53 26.86
CA VAL A 64 -6.44 10.17 28.03
C VAL A 64 -5.56 9.87 29.24
N GLU A 65 -5.17 10.92 29.96
CA GLU A 65 -4.44 10.79 31.21
C GLU A 65 -5.30 11.34 32.35
N CYS A 66 -5.49 10.53 33.37
CA CYS A 66 -6.32 10.90 34.52
C CYS A 66 -5.50 10.82 35.79
N THR A 67 -5.54 11.87 36.59
CA THR A 67 -4.78 11.96 37.83
C THR A 67 -5.72 12.25 38.98
N LEU A 68 -5.62 11.45 40.04
CA LEU A 68 -6.40 11.65 41.25
C LEU A 68 -5.46 12.00 42.38
N ARG A 69 -5.71 13.14 43.02
CA ARG A 69 -4.94 13.55 44.20
C ARG A 69 -5.84 13.44 45.41
N TYR A 70 -5.40 12.68 46.41
CA TYR A 70 -6.18 12.38 47.59
C TYR A 70 -5.47 12.90 48.83
N GLU A 71 -6.19 13.65 49.65
CA GLU A 71 -5.66 14.25 50.88
C GLU A 71 -6.47 13.75 52.07
N PRO A 72 -6.07 12.65 52.69
CA PRO A 72 -6.84 12.12 53.82
C PRO A 72 -6.65 12.95 55.08
N ASP A 73 -7.59 12.75 56.01
CA ASP A 73 -7.53 13.37 57.32
C ASP A 73 -7.40 12.28 58.39
N VAL A 74 -6.87 12.69 59.55
CA VAL A 74 -6.68 11.74 60.64
C VAL A 74 -8.01 11.23 61.19
N SER A 75 -9.09 11.99 61.02
CA SER A 75 -10.39 11.57 61.54
C SER A 75 -10.91 10.33 60.83
N ALA A 76 -10.75 10.27 59.52
CA ALA A 76 -11.32 9.20 58.70
C ALA A 76 -10.19 8.28 58.20
N GLN A 77 -10.42 6.98 58.33
CA GLN A 77 -9.47 5.97 57.85
C GLN A 77 -10.18 5.03 56.89
N GLY A 78 -9.50 4.71 55.78
CA GLY A 78 -10.01 3.80 54.78
C GLY A 78 -9.30 2.46 54.79
N GLU A 79 -9.72 1.61 53.86
CA GLU A 79 -9.14 0.29 53.71
C GLU A 79 -8.92 -0.01 52.23
N LEU A 80 -8.00 -0.93 51.98
CA LEU A 80 -7.71 -1.36 50.61
C LEU A 80 -8.75 -2.37 50.16
N ILE A 81 -9.38 -2.08 49.01
CA ILE A 81 -10.37 -2.99 48.46
C ILE A 81 -9.65 -4.14 47.76
N LEU A 82 -10.04 -5.37 48.08
CA LEU A 82 -9.37 -6.55 47.59
C LEU A 82 -10.37 -7.45 46.86
N ASN A 83 -9.92 -8.08 45.78
CA ASN A 83 -10.74 -9.04 45.05
C ASN A 83 -10.77 -10.33 45.85
N GLU A 84 -11.80 -10.49 46.68
CA GLU A 84 -11.88 -11.65 47.55
C GLU A 84 -12.01 -12.94 46.76
N LYS A 85 -12.76 -12.91 45.65
CA LYS A 85 -12.98 -14.12 44.87
C LYS A 85 -11.67 -14.65 44.30
N LEU A 86 -10.84 -13.78 43.75
CA LEU A 86 -9.57 -14.23 43.18
C LEU A 86 -8.56 -14.59 44.26
N ALA A 87 -8.56 -13.86 45.38
CA ALA A 87 -7.62 -14.15 46.45
C ALA A 87 -7.85 -15.54 47.04
N LYS A 88 -9.11 -15.92 47.22
CA LYS A 88 -9.41 -17.26 47.74
C LYS A 88 -9.06 -18.34 46.73
N GLN A 89 -9.24 -18.05 45.44
CA GLN A 89 -8.94 -19.04 44.41
C GLN A 89 -7.45 -19.34 44.35
N LEU A 90 -6.61 -18.33 44.47
CA LEU A 90 -5.17 -18.55 44.42
C LEU A 90 -4.70 -19.39 45.60
N VAL A 91 -5.25 -19.12 46.79
CA VAL A 91 -4.89 -19.91 47.97
C VAL A 91 -5.27 -21.36 47.78
N THR A 92 -6.46 -21.61 47.24
CA THR A 92 -6.88 -22.99 47.00
C THR A 92 -5.96 -23.68 46.01
N ALA A 93 -5.58 -22.98 44.93
CA ALA A 93 -4.65 -23.55 43.96
C ALA A 93 -3.27 -23.78 44.59
N ALA A 94 -2.83 -22.86 45.44
CA ALA A 94 -1.55 -23.05 46.12
C ALA A 94 -1.60 -24.25 47.06
N ASN A 95 -2.72 -24.44 47.74
CA ASN A 95 -2.86 -25.60 48.63
C ASN A 95 -2.77 -26.90 47.85
N TRP A 96 -3.36 -26.94 46.65
CA TRP A 96 -3.28 -28.14 45.82
C TRP A 96 -1.83 -28.45 45.46
N VAL A 97 -1.05 -27.42 45.13
CA VAL A 97 0.38 -27.63 44.86
C VAL A 97 1.09 -28.11 46.12
N LYS A 98 0.67 -27.62 47.29
CA LYS A 98 1.26 -28.08 48.54
C LYS A 98 0.97 -29.55 48.80
N MET A 99 -0.16 -30.05 48.31
CA MET A 99 -0.46 -31.47 48.47
C MET A 99 0.56 -32.33 47.73
N GLN A 100 0.93 -31.93 46.51
CA GLN A 100 1.92 -32.69 45.76
C GLN A 100 3.31 -32.51 46.34
N SER A 101 3.69 -31.27 46.69
CA SER A 101 5.03 -31.01 47.18
C SER A 101 5.20 -31.43 48.63
N ASP A 102 4.11 -31.48 49.40
CA ASP A 102 4.15 -31.86 50.81
C ASP A 102 5.05 -30.94 51.63
N GLU A 103 5.14 -29.68 51.22
CA GLU A 103 5.96 -28.67 51.91
C GLU A 103 5.57 -27.30 51.35
N GLY A 104 6.29 -26.27 51.77
CA GLY A 104 6.08 -24.93 51.28
C GLY A 104 5.16 -24.11 52.16
N GLU A 105 5.16 -22.80 51.90
CA GLU A 105 4.32 -21.87 52.63
C GLU A 105 3.91 -20.74 51.69
N ILE A 106 2.78 -20.12 52.00
CA ILE A 106 2.20 -19.07 51.17
C ILE A 106 2.57 -17.72 51.75
N ASN A 107 3.25 -16.90 50.96
CA ASN A 107 3.56 -15.53 51.39
C ASN A 107 2.34 -14.65 51.15
N PRO A 108 1.80 -13.99 52.17
CA PRO A 108 0.62 -13.14 51.95
C PRO A 108 0.85 -12.02 50.95
N VAL A 109 2.05 -11.43 50.95
CA VAL A 109 2.33 -10.35 50.01
C VAL A 109 2.40 -10.89 48.58
N ASP A 110 2.79 -12.15 48.41
CA ASP A 110 2.83 -12.74 47.07
C ASP A 110 1.42 -12.83 46.48
N ILE A 111 0.44 -13.18 47.30
CA ILE A 111 -0.94 -13.24 46.82
C ILE A 111 -1.43 -11.84 46.43
N LEU A 112 -1.11 -10.83 47.24
CA LEU A 112 -1.55 -9.47 46.93
C LEU A 112 -0.91 -8.96 45.64
N ARG A 113 0.37 -9.27 45.43
CA ARG A 113 1.07 -8.80 44.24
C ARG A 113 0.54 -9.42 42.97
N TRP A 114 -0.22 -10.51 43.07
CA TRP A 114 -0.75 -11.16 41.88
C TRP A 114 -1.69 -10.20 41.14
N PRO A 115 -1.55 -10.05 39.83
CA PRO A 115 -2.42 -9.12 39.10
C PRO A 115 -3.89 -9.48 39.26
N GLY A 116 -4.71 -8.46 39.47
CA GLY A 116 -6.13 -8.63 39.63
C GLY A 116 -6.61 -8.84 41.05
N VAL A 117 -5.70 -9.20 41.96
CA VAL A 117 -6.11 -9.37 43.36
C VAL A 117 -6.45 -8.03 43.99
N MET A 118 -5.62 -7.02 43.73
CA MET A 118 -5.87 -5.67 44.24
C MET A 118 -6.79 -4.91 43.28
N ALA A 119 -8.02 -5.41 43.17
CA ALA A 119 -9.02 -4.84 42.29
C ALA A 119 -10.31 -4.60 43.07
N ALA A 120 -11.13 -3.69 42.56
CA ALA A 120 -12.36 -3.30 43.21
C ALA A 120 -13.52 -3.37 42.23
N GLN A 121 -14.72 -3.55 42.78
CA GLN A 121 -15.94 -3.53 42.00
C GLN A 121 -16.91 -2.53 42.62
N GLU A 122 -17.87 -2.07 41.81
CA GLU A 122 -18.81 -1.07 42.28
C GLU A 122 -19.65 -1.56 43.45
N GLN A 123 -19.89 -2.87 43.51
CA GLN A 123 -20.72 -3.42 44.59
C GLN A 123 -20.06 -3.23 45.94
N ASP A 124 -18.76 -3.47 46.03
CA ASP A 124 -18.02 -3.39 47.29
C ASP A 124 -17.15 -2.12 47.25
N LEU A 125 -17.73 -1.01 47.68
CA LEU A 125 -17.02 0.26 47.74
C LEU A 125 -17.32 0.95 49.06
N ASP A 126 -16.34 1.69 49.56
CA ASP A 126 -16.48 2.42 50.80
C ASP A 126 -17.32 3.68 50.57
N ALA A 127 -17.58 4.41 51.65
CA ALA A 127 -18.27 5.69 51.52
C ALA A 127 -17.43 6.68 50.72
N ILE A 128 -16.12 6.69 50.95
CA ILE A 128 -15.24 7.59 50.21
C ILE A 128 -15.14 7.17 48.75
N ALA A 129 -15.12 5.86 48.49
CA ALA A 129 -14.96 5.38 47.13
C ALA A 129 -16.14 5.79 46.25
N ALA A 130 -17.36 5.72 46.79
CA ALA A 130 -18.53 6.13 46.00
C ALA A 130 -18.47 7.62 45.68
N GLU A 131 -18.04 8.44 46.63
CA GLU A 131 -17.90 9.87 46.37
C GLU A 131 -16.81 10.13 45.34
N ILE A 132 -15.73 9.36 45.37
CA ILE A 132 -14.68 9.48 44.36
C ILE A 132 -15.23 9.12 42.99
N LEU A 133 -16.02 8.06 42.90
CA LEU A 133 -16.61 7.67 41.62
C LEU A 133 -17.58 8.73 41.10
N ALA A 134 -18.36 9.33 42.00
CA ALA A 134 -19.25 10.42 41.58
C ALA A 134 -18.46 11.62 41.10
N ALA A 135 -17.35 11.93 41.79
CA ALA A 135 -16.47 13.00 41.35
C ALA A 135 -15.91 12.72 39.97
N LEU A 136 -15.55 11.46 39.71
CA LEU A 136 -15.06 11.09 38.39
C LEU A 136 -16.15 11.23 37.34
N ASP A 137 -17.39 10.87 37.68
CA ASP A 137 -18.48 11.04 36.72
C ASP A 137 -18.66 12.52 36.38
N GLY A 138 -18.63 13.39 37.40
CA GLY A 138 -18.71 14.81 37.12
C GLY A 138 -17.55 15.32 36.30
N THR A 139 -16.34 14.85 36.61
CA THR A 139 -15.16 15.26 35.86
C THR A 139 -15.24 14.80 34.41
N LEU A 140 -15.75 13.59 34.18
CA LEU A 140 -15.89 13.09 32.83
C LEU A 140 -16.94 13.87 32.06
N ASP A 141 -18.03 14.26 32.73
CA ASP A 141 -19.02 15.11 32.07
C ASP A 141 -18.42 16.47 31.70
N ASP A 142 -17.67 17.06 32.63
CA ASP A 142 -17.01 18.34 32.32
C ASP A 142 -15.97 18.18 31.23
N PHE A 143 -15.30 17.03 31.18
CA PHE A 143 -14.32 16.75 30.13
C PHE A 143 -15.01 16.62 28.77
N ILE A 144 -16.18 15.99 28.73
CA ILE A 144 -16.94 15.92 27.49
C ILE A 144 -17.38 17.31 27.06
N VAL A 145 -17.80 18.14 28.03
CA VAL A 145 -18.18 19.52 27.70
C VAL A 145 -16.99 20.28 27.15
N ALA A 146 -15.81 20.10 27.74
CA ALA A 146 -14.61 20.77 27.25
C ALA A 146 -14.26 20.30 25.84
N ARG A 147 -14.39 19.00 25.58
CA ARG A 147 -14.16 18.50 24.24
C ARG A 147 -15.13 19.13 23.24
N GLU A 148 -16.40 19.23 23.60
CA GLU A 148 -17.39 19.80 22.70
C GLU A 148 -17.11 21.27 22.43
N THR A 149 -16.74 22.03 23.47
CA THR A 149 -16.46 23.45 23.28
C THR A 149 -15.10 23.69 22.63
N GLU A 150 -14.16 22.76 22.76
CA GLU A 150 -12.90 22.89 22.03
C GLU A 150 -13.09 22.50 20.56
N GLY A 151 -13.96 21.53 20.30
CA GLY A 151 -14.26 21.16 18.92
C GLY A 151 -15.07 22.20 18.18
N GLN A 152 -15.76 23.08 18.91
CA GLN A 152 -16.45 24.19 18.26
C GLN A 152 -15.47 25.14 17.60
N ALA A 153 -14.32 25.37 18.25
CA ALA A 153 -13.28 26.18 17.62
C ALA A 153 -12.73 25.50 16.37
N LEU A 154 -12.54 24.18 16.43
CA LEU A 154 -12.05 23.45 15.26
C LEU A 154 -13.05 23.52 14.11
N LYS A 155 -14.35 23.41 14.43
CA LYS A 155 -15.37 23.51 13.39
C LYS A 155 -15.32 24.87 12.70
N ALA A 156 -15.09 25.93 13.48
CA ALA A 156 -14.97 27.27 12.89
C ALA A 156 -13.73 27.36 12.00
N LEU A 157 -12.63 26.74 12.43
CA LEU A 157 -11.41 26.76 11.61
C LEU A 157 -11.61 26.00 10.31
N ILE A 158 -12.24 24.83 10.36
CA ILE A 158 -12.42 24.04 9.16
C ILE A 158 -13.40 24.72 8.22
N GLU A 159 -14.51 25.25 8.75
CA GLU A 159 -15.48 25.93 7.91
C GLU A 159 -14.91 27.19 7.29
N GLN A 160 -13.93 27.82 7.95
CA GLN A 160 -13.25 28.96 7.35
C GLN A 160 -12.48 28.54 6.10
N ARG A 161 -11.82 27.38 6.16
CA ARG A 161 -11.14 26.85 4.98
C ARG A 161 -12.13 26.46 3.89
N LEU A 162 -13.27 25.89 4.28
CA LEU A 162 -14.24 25.45 3.29
C LEU A 162 -14.83 26.63 2.52
N GLU A 163 -14.94 27.79 3.16
CA GLU A 163 -15.31 28.99 2.41
C GLU A 163 -14.25 29.36 1.38
N GLY A 164 -12.98 29.08 1.68
CA GLY A 164 -11.94 29.29 0.69
C GLY A 164 -12.03 28.32 -0.47
N VAL A 165 -12.41 27.07 -0.20
CA VAL A 165 -12.53 26.08 -1.27
C VAL A 165 -13.63 26.48 -2.25
N THR A 166 -14.78 26.93 -1.74
CA THR A 166 -15.83 27.40 -2.63
C THR A 166 -15.42 28.66 -3.37
N ALA A 167 -14.61 29.51 -2.75
CA ALA A 167 -14.10 30.69 -3.45
C ALA A 167 -13.20 30.28 -4.61
N GLU A 168 -12.34 29.27 -4.40
CA GLU A 168 -11.48 28.80 -5.49
C GLU A 168 -12.29 28.14 -6.59
N VAL A 169 -13.32 27.38 -6.22
CA VAL A 169 -14.13 26.69 -7.23
C VAL A 169 -14.87 27.70 -8.09
N VAL A 170 -15.46 28.73 -7.48
CA VAL A 170 -16.14 29.75 -8.27
C VAL A 170 -15.14 30.62 -9.02
N LYS A 171 -13.89 30.69 -8.56
CA LYS A 171 -12.87 31.44 -9.28
C LYS A 171 -12.46 30.72 -10.57
N VAL A 172 -12.28 29.40 -10.50
CA VAL A 172 -11.90 28.65 -11.68
C VAL A 172 -13.05 28.63 -12.69
N ARG A 173 -14.29 28.59 -12.19
CA ARG A 173 -15.44 28.52 -13.10
C ARG A 173 -15.54 29.76 -13.99
N SER A 174 -15.05 30.89 -13.51
CA SER A 174 -15.06 32.09 -14.35
C SER A 174 -13.96 32.07 -15.41
N HIS A 175 -12.83 31.44 -15.11
CA HIS A 175 -11.71 31.42 -16.05
C HIS A 175 -11.94 30.44 -17.21
N MET A 176 -12.74 29.39 -16.98
CA MET A 176 -12.90 28.36 -18.00
C MET A 176 -13.47 28.88 -19.32
N PRO A 177 -14.55 29.68 -19.33
CA PRO A 177 -15.01 30.23 -20.63
C PRO A 177 -13.98 31.10 -21.31
N GLU A 178 -13.14 31.80 -20.55
CA GLU A 178 -12.10 32.62 -21.18
C GLU A 178 -10.99 31.76 -21.78
N ILE A 179 -10.62 30.67 -21.09
CA ILE A 179 -9.54 29.82 -21.57
C ILE A 179 -9.92 29.17 -22.90
N LEU A 180 -11.11 28.59 -22.96
CA LEU A 180 -11.54 27.93 -24.19
C LEU A 180 -11.70 28.93 -25.33
N GLN A 181 -12.20 30.13 -25.03
CA GLN A 181 -12.31 31.16 -26.05
C GLN A 181 -10.93 31.64 -26.50
N TRP A 182 -9.98 31.74 -25.57
CA TRP A 182 -8.63 32.16 -25.94
C TRP A 182 -7.94 31.13 -26.82
N GLN A 183 -8.21 29.84 -26.60
CA GLN A 183 -7.61 28.82 -27.44
C GLN A 183 -8.08 28.93 -28.89
N ARG A 184 -9.31 29.39 -29.10
CA ARG A 184 -9.80 29.58 -30.46
C ARG A 184 -9.01 30.65 -31.20
N GLU A 185 -8.73 31.77 -30.52
CA GLU A 185 -7.96 32.84 -31.15
C GLU A 185 -6.54 32.39 -31.47
N ARG A 186 -5.92 31.63 -30.56
CA ARG A 186 -4.56 31.17 -30.78
C ARG A 186 -4.48 30.22 -31.97
N LEU A 187 -5.48 29.34 -32.12
CA LEU A 187 -5.43 28.35 -33.20
C LEU A 187 -5.67 29.00 -34.56
N VAL A 188 -6.67 29.90 -34.65
CA VAL A 188 -6.94 30.55 -35.92
C VAL A 188 -5.82 31.52 -36.30
N ALA A 189 -5.05 32.02 -35.32
CA ALA A 189 -3.92 32.86 -35.64
C ALA A 189 -2.86 32.08 -36.42
N LYS A 190 -2.61 30.84 -36.03
CA LYS A 190 -1.68 30.01 -36.78
C LYS A 190 -2.19 29.74 -38.18
N LEU A 191 -3.49 29.47 -38.32
CA LEU A 191 -4.09 29.20 -39.61
C LEU A 191 -4.37 30.46 -40.41
N GLU A 192 -4.18 31.64 -39.82
CA GLU A 192 -4.42 32.89 -40.52
C GLU A 192 -3.32 33.24 -41.50
N ASP A 193 -2.18 32.55 -41.47
CA ASP A 193 -1.08 32.85 -42.37
C ASP A 193 -1.45 32.61 -43.82
N ALA A 194 -1.68 31.35 -44.21
CA ALA A 194 -2.04 31.05 -45.58
C ALA A 194 -3.08 29.93 -45.69
N GLN A 195 -3.86 29.68 -44.65
CA GLN A 195 -4.77 28.55 -44.61
C GLN A 195 -6.22 29.02 -44.64
N VAL A 196 -7.02 28.40 -45.50
CA VAL A 196 -8.45 28.62 -45.53
C VAL A 196 -9.08 27.58 -44.60
N GLN A 197 -9.43 28.01 -43.39
CA GLN A 197 -9.89 27.10 -42.36
C GLN A 197 -11.27 26.52 -42.66
N LEU A 198 -11.98 27.04 -43.65
CA LEU A 198 -13.31 26.53 -43.98
C LEU A 198 -13.20 25.29 -44.87
N GLU A 199 -12.45 24.29 -44.41
CA GLU A 199 -12.29 23.02 -45.10
C GLU A 199 -12.73 21.92 -44.15
N ASN A 200 -13.85 21.28 -44.47
CA ASN A 200 -14.47 20.26 -43.61
C ASN A 200 -14.76 20.92 -42.26
N ASN A 201 -14.46 20.27 -41.14
CA ASN A 201 -14.63 20.85 -39.81
C ASN A 201 -13.41 20.57 -38.95
N ARG A 202 -12.22 20.61 -39.56
CA ARG A 202 -11.01 20.31 -38.82
C ARG A 202 -10.79 21.32 -37.70
N LEU A 203 -11.08 22.59 -37.95
CA LEU A 203 -10.93 23.60 -36.90
C LEU A 203 -11.88 23.32 -35.73
N GLU A 204 -13.13 22.98 -36.02
CA GLU A 204 -14.09 22.75 -34.95
C GLU A 204 -13.83 21.43 -34.23
N GLN A 205 -13.51 20.38 -34.98
CA GLN A 205 -13.24 19.08 -34.36
C GLN A 205 -12.02 19.16 -33.44
N GLU A 206 -10.99 19.89 -33.85
CA GLU A 206 -9.83 20.07 -32.99
C GLU A 206 -10.20 20.84 -31.74
N LEU A 207 -10.99 21.90 -31.87
CA LEU A 207 -11.43 22.66 -30.71
C LEU A 207 -12.32 21.81 -29.80
N VAL A 208 -13.19 21.00 -30.40
CA VAL A 208 -14.00 20.08 -29.61
C VAL A 208 -13.11 19.07 -28.90
N LEU A 209 -12.12 18.54 -29.61
CA LEU A 209 -11.19 17.61 -28.98
C LEU A 209 -10.40 18.28 -27.86
N LEU A 210 -9.98 19.54 -28.08
CA LEU A 210 -9.29 20.27 -27.04
C LEU A 210 -10.21 20.61 -25.88
N ALA A 211 -11.47 20.95 -26.18
CA ALA A 211 -12.41 21.30 -25.12
C ALA A 211 -12.67 20.10 -24.20
N GLN A 212 -12.79 18.91 -24.77
CA GLN A 212 -12.99 17.71 -23.97
C GLN A 212 -11.74 17.34 -23.18
N ARG A 213 -10.55 17.74 -23.63
CA ARG A 213 -9.33 17.41 -22.91
C ARG A 213 -9.18 18.25 -21.66
N ILE A 214 -9.49 19.55 -21.74
CA ILE A 214 -9.28 20.46 -20.62
C ILE A 214 -10.57 20.71 -19.84
N ASP A 215 -11.63 19.96 -20.13
CA ASP A 215 -12.92 20.14 -19.47
C ASP A 215 -12.80 19.69 -18.02
N VAL A 216 -12.73 20.65 -17.10
CA VAL A 216 -12.62 20.35 -15.68
C VAL A 216 -13.97 20.56 -14.98
N ALA A 217 -15.07 20.55 -15.72
CA ALA A 217 -16.38 20.76 -15.11
C ALA A 217 -16.74 19.60 -14.18
N GLU A 218 -16.34 18.39 -14.54
CA GLU A 218 -16.64 17.23 -13.69
C GLU A 218 -15.94 17.32 -12.35
N GLU A 219 -14.70 17.80 -12.33
CA GLU A 219 -13.96 17.89 -11.08
C GLU A 219 -14.50 19.01 -10.19
N LEU A 220 -14.90 20.12 -10.79
CA LEU A 220 -15.42 21.24 -10.01
C LEU A 220 -16.75 20.88 -9.35
N ASP A 221 -17.62 20.16 -10.06
CA ASP A 221 -18.90 19.78 -9.49
C ASP A 221 -18.72 18.83 -8.31
N ARG A 222 -17.78 17.89 -8.41
CA ARG A 222 -17.51 17.00 -7.29
C ARG A 222 -16.88 17.74 -6.12
N LEU A 223 -16.06 18.76 -6.39
CA LEU A 223 -15.55 19.59 -5.32
C LEU A 223 -16.67 20.34 -4.62
N GLU A 224 -17.62 20.88 -5.38
CA GLU A 224 -18.73 21.61 -4.79
C GLU A 224 -19.68 20.68 -4.05
N ALA A 225 -19.88 19.46 -4.55
CA ALA A 225 -20.71 18.48 -3.87
C ALA A 225 -20.04 17.89 -2.63
N HIS A 226 -18.75 18.12 -2.45
CA HIS A 226 -18.04 17.62 -1.28
C HIS A 226 -17.94 18.65 -0.16
N VAL A 227 -18.08 19.94 -0.47
CA VAL A 227 -18.16 20.93 0.60
C VAL A 227 -19.57 20.98 1.16
N LYS A 228 -20.57 20.61 0.36
CA LYS A 228 -21.93 20.52 0.88
C LYS A 228 -22.06 19.35 1.86
N GLU A 229 -21.41 18.23 1.55
CA GLU A 229 -21.47 17.09 2.46
C GLU A 229 -20.58 17.29 3.67
N THR A 230 -19.46 18.01 3.52
CA THR A 230 -18.58 18.25 4.66
C THR A 230 -19.24 19.14 5.71
N TYR A 231 -20.10 20.07 5.28
CA TYR A 231 -20.87 20.85 6.24
C TYR A 231 -21.76 19.96 7.10
N ASN A 232 -22.41 18.98 6.49
CA ASN A 232 -23.30 18.10 7.24
C ASN A 232 -22.54 17.16 8.16
N ILE A 233 -21.32 16.76 7.77
CA ILE A 233 -20.53 15.89 8.64
C ILE A 233 -20.15 16.62 9.92
N LEU A 234 -19.91 17.92 9.84
CA LEU A 234 -19.57 18.72 11.00
C LEU A 234 -20.75 18.95 11.94
N LYS A 235 -21.90 18.30 11.71
CA LYS A 235 -23.05 18.41 12.61
C LYS A 235 -23.61 17.04 12.97
N LYS A 236 -22.82 15.98 12.83
CA LYS A 236 -23.33 14.62 13.01
C LYS A 236 -23.39 14.18 14.46
N LYS A 237 -22.78 14.92 15.38
CA LYS A 237 -22.89 14.66 16.82
C LYS A 237 -22.41 13.26 17.19
N GLU A 238 -21.32 12.82 16.55
CA GLU A 238 -20.76 11.51 16.82
C GLU A 238 -19.26 11.58 16.55
N ALA A 239 -18.62 10.43 16.42
CA ALA A 239 -17.19 10.35 16.14
C ALA A 239 -16.99 10.41 14.62
N VAL A 240 -16.67 11.59 14.11
CA VAL A 240 -16.54 11.79 12.67
C VAL A 240 -15.11 12.20 12.34
N GLY A 241 -14.15 11.80 13.17
CA GLY A 241 -12.77 12.11 12.88
C GLY A 241 -12.26 11.40 11.65
N ARG A 242 -12.57 10.10 11.52
CA ARG A 242 -12.12 9.35 10.36
C ARG A 242 -12.96 9.62 9.13
N ARG A 243 -14.25 9.92 9.30
CA ARG A 243 -15.09 10.21 8.14
C ARG A 243 -14.63 11.46 7.43
N LEU A 244 -14.23 12.49 8.18
CA LEU A 244 -13.69 13.70 7.58
C LEU A 244 -12.38 13.42 6.87
N ASP A 245 -11.55 12.55 7.44
CA ASP A 245 -10.27 12.22 6.82
C ASP A 245 -10.47 11.58 5.46
N PHE A 246 -11.44 10.67 5.35
CA PHE A 246 -11.75 10.09 4.05
C PHE A 246 -12.29 11.13 3.08
N MET A 247 -13.02 12.12 3.60
CA MET A 247 -13.54 13.18 2.74
C MET A 247 -12.42 14.01 2.14
N MET A 248 -11.35 14.24 2.91
CA MET A 248 -10.22 15.01 2.39
C MET A 248 -9.48 14.27 1.29
N GLN A 249 -9.42 12.94 1.37
CA GLN A 249 -8.83 12.18 0.27
C GLN A 249 -9.62 12.36 -1.01
N GLU A 250 -10.95 12.43 -0.91
CA GLU A 250 -11.77 12.77 -2.06
C GLU A 250 -11.57 14.22 -2.47
N PHE A 251 -11.30 15.11 -1.51
CA PHE A 251 -10.97 16.49 -1.86
C PHE A 251 -9.67 16.55 -2.65
N ASN A 252 -8.66 15.81 -2.21
CA ASN A 252 -7.38 15.83 -2.90
C ASN A 252 -7.46 15.12 -4.25
N ARG A 253 -8.32 14.10 -4.36
CA ARG A 253 -8.44 13.37 -5.61
C ARG A 253 -8.93 14.28 -6.73
N GLU A 254 -9.92 15.13 -6.44
CA GLU A 254 -10.43 16.06 -7.45
C GLU A 254 -9.53 17.27 -7.64
N SER A 255 -8.89 17.75 -6.57
CA SER A 255 -8.00 18.88 -6.70
C SER A 255 -6.78 18.53 -7.55
N ASN A 256 -6.19 17.37 -7.33
CA ASN A 256 -5.03 16.96 -8.11
C ASN A 256 -5.39 16.75 -9.57
N THR A 257 -6.57 16.17 -9.83
CA THR A 257 -7.00 15.99 -11.21
C THR A 257 -7.27 17.33 -11.88
N LEU A 258 -7.77 18.30 -11.12
CA LEU A 258 -7.97 19.64 -11.66
C LEU A 258 -6.64 20.27 -12.07
N ALA A 259 -5.59 20.07 -11.27
CA ALA A 259 -4.27 20.58 -11.63
C ALA A 259 -3.76 19.91 -12.90
N SER A 260 -4.00 18.61 -13.05
CA SER A 260 -3.47 17.88 -14.19
C SER A 260 -4.11 18.34 -15.49
N LYS A 261 -5.43 18.43 -15.53
CA LYS A 261 -6.14 18.83 -16.74
C LYS A 261 -6.00 20.31 -17.05
N SER A 262 -5.44 21.10 -16.14
CA SER A 262 -5.34 22.53 -16.35
C SER A 262 -4.37 22.85 -17.48
N ILE A 263 -4.76 23.78 -18.34
CA ILE A 263 -3.91 24.25 -19.42
C ILE A 263 -3.47 25.69 -19.25
N ASN A 264 -3.99 26.39 -18.25
CA ASN A 264 -3.64 27.78 -17.98
C ASN A 264 -2.95 27.88 -16.62
N ALA A 265 -2.02 28.83 -16.52
CA ALA A 265 -1.25 28.96 -15.29
C ALA A 265 -2.11 29.47 -14.13
N GLU A 266 -3.13 30.27 -14.42
CA GLU A 266 -3.99 30.77 -13.36
C GLU A 266 -4.76 29.64 -12.69
N VAL A 267 -5.27 28.69 -13.47
CA VAL A 267 -5.98 27.56 -12.91
C VAL A 267 -5.04 26.69 -12.09
N THR A 268 -3.83 26.44 -12.59
CA THR A 268 -2.86 25.65 -11.85
C THR A 268 -2.47 26.33 -10.54
N ASN A 269 -2.27 27.66 -10.57
CA ASN A 269 -2.02 28.38 -9.33
C ASN A 269 -3.21 28.31 -8.39
N SER A 270 -4.42 28.18 -8.93
CA SER A 270 -5.59 28.00 -8.09
C SER A 270 -5.65 26.57 -7.54
N ALA A 271 -5.31 25.58 -8.36
CA ALA A 271 -5.31 24.20 -7.91
C ALA A 271 -4.27 23.98 -6.81
N ILE A 272 -3.18 24.72 -6.84
CA ILE A 272 -2.21 24.66 -5.75
C ILE A 272 -2.83 25.23 -4.47
N GLU A 273 -3.61 26.31 -4.60
CA GLU A 273 -4.29 26.87 -3.45
C GLU A 273 -5.31 25.89 -2.88
N LEU A 274 -5.97 25.13 -3.74
CA LEU A 274 -6.91 24.13 -3.26
C LEU A 274 -6.20 23.06 -2.42
N LYS A 275 -5.01 22.63 -2.85
CA LYS A 275 -4.28 21.62 -2.10
C LYS A 275 -3.79 22.16 -0.77
N VAL A 276 -3.48 23.45 -0.69
CA VAL A 276 -3.03 24.03 0.57
C VAL A 276 -4.18 24.10 1.57
N LEU A 277 -5.37 24.49 1.10
CA LEU A 277 -6.53 24.53 1.99
C LEU A 277 -6.86 23.14 2.51
N ILE A 278 -6.70 22.12 1.66
CA ILE A 278 -6.89 20.74 2.11
C ILE A 278 -5.84 20.38 3.15
N GLU A 279 -4.59 20.81 2.95
CA GLU A 279 -3.54 20.53 3.92
C GLU A 279 -3.84 21.18 5.26
N GLN A 280 -4.33 22.43 5.23
CA GLN A 280 -4.68 23.10 6.48
C GLN A 280 -5.85 22.40 7.16
N MET A 281 -6.85 21.97 6.40
CA MET A 281 -7.95 21.22 6.97
C MET A 281 -7.49 19.90 7.53
N ARG A 282 -6.57 19.23 6.84
CA ARG A 282 -6.07 17.94 7.32
C ARG A 282 -5.37 18.09 8.66
N GLU A 283 -4.67 19.20 8.87
CA GLU A 283 -3.98 19.41 10.14
C GLU A 283 -4.96 19.52 11.30
N GLN A 284 -6.08 20.22 11.10
CA GLN A 284 -7.08 20.34 12.16
C GLN A 284 -7.83 19.02 12.37
N ILE A 285 -8.06 18.26 11.30
CA ILE A 285 -8.83 17.03 11.41
C ILE A 285 -8.14 16.01 12.31
N GLN A 286 -6.81 16.06 12.37
CA GLN A 286 -6.09 15.17 13.27
C GLN A 286 -6.45 15.40 14.72
N ASN A 287 -7.03 16.54 15.05
CA ASN A 287 -7.46 16.86 16.41
C ASN A 287 -8.92 16.50 16.66
N ILE A 288 -9.65 16.05 15.66
CA ILE A 288 -11.08 15.79 15.79
C ILE A 288 -11.30 14.33 16.17
N GLU A 289 -12.08 14.11 17.22
CA GLU A 289 -12.40 12.77 17.67
C GLU A 289 -13.25 12.04 16.64
N MET B 3 32.16 9.60 -8.51
CA MET B 3 32.26 8.20 -8.91
C MET B 3 30.94 7.49 -8.71
N ILE B 4 30.70 6.44 -9.50
CA ILE B 4 29.48 5.65 -9.37
C ILE B 4 29.46 4.97 -8.01
N ARG B 5 28.32 5.06 -7.32
CA ARG B 5 28.17 4.46 -6.00
C ARG B 5 26.88 3.66 -5.95
N SER B 6 26.88 2.62 -5.14
CA SER B 6 25.72 1.77 -4.93
C SER B 6 25.00 2.14 -3.64
N MET B 7 23.73 1.76 -3.56
CA MET B 7 22.91 2.06 -2.39
C MET B 7 22.72 0.87 -1.47
N THR B 8 23.47 -0.22 -1.69
CA THR B 8 23.40 -1.40 -0.84
C THR B 8 24.82 -1.73 -0.39
N ALA B 9 25.17 -1.37 0.83
CA ALA B 9 26.48 -1.65 1.37
C ALA B 9 26.36 -1.97 2.85
N TYR B 10 27.33 -2.73 3.35
CA TYR B 10 27.38 -3.12 4.76
C TYR B 10 28.76 -2.80 5.30
N ALA B 11 28.81 -2.09 6.42
CA ALA B 11 30.07 -1.74 7.06
C ALA B 11 29.99 -2.05 8.55
N ARG B 12 31.10 -2.50 9.11
CA ARG B 12 31.12 -2.88 10.52
C ARG B 12 32.48 -2.55 11.11
N ARG B 13 32.47 -2.04 12.34
CA ARG B 13 33.70 -1.73 13.06
C ARG B 13 33.51 -2.07 14.53
N GLU B 14 34.62 -2.32 15.21
CA GLU B 14 34.56 -2.66 16.62
C GLU B 14 35.79 -2.12 17.32
N ILE B 15 35.59 -1.47 18.46
CA ILE B 15 36.67 -0.94 19.28
C ILE B 15 36.59 -1.57 20.65
N LYS B 16 37.74 -1.96 21.19
CA LYS B 16 37.82 -2.63 22.48
C LYS B 16 38.78 -1.90 23.39
N GLY B 17 38.52 -2.00 24.68
CA GLY B 17 39.37 -1.37 25.68
C GLY B 17 38.91 -1.75 27.07
N GLU B 18 39.62 -1.21 28.06
CA GLU B 18 39.28 -1.51 29.45
C GLU B 18 37.87 -1.07 29.80
N TRP B 19 37.35 -0.06 29.11
CA TRP B 19 35.98 0.37 29.35
C TRP B 19 34.97 -0.64 28.83
N GLY B 20 35.32 -1.37 27.77
CA GLY B 20 34.43 -2.35 27.19
C GLY B 20 34.63 -2.43 25.69
N SER B 21 33.62 -2.95 25.01
CA SER B 21 33.64 -3.09 23.56
C SER B 21 32.44 -2.37 22.97
N ALA B 22 32.69 -1.61 21.90
CA ALA B 22 31.65 -0.87 21.19
C ALA B 22 31.71 -1.22 19.72
N THR B 23 30.58 -1.63 19.16
CA THR B 23 30.48 -2.06 17.77
C THR B 23 29.56 -1.13 17.00
N TRP B 24 30.03 -0.66 15.86
CA TRP B 24 29.26 0.16 14.93
C TRP B 24 28.89 -0.71 13.72
N GLU B 25 27.62 -0.66 13.33
CA GLU B 25 27.14 -1.39 12.16
C GLU B 25 26.32 -0.44 11.29
N MET B 26 26.55 -0.48 9.98
CA MET B 26 25.83 0.36 9.03
C MET B 26 25.36 -0.49 7.87
N ARG B 27 24.07 -0.37 7.54
CA ARG B 27 23.46 -1.06 6.43
C ARG B 27 22.76 -0.05 5.53
N SER B 28 22.65 -0.38 4.25
CA SER B 28 22.01 0.50 3.29
C SER B 28 21.06 -0.29 2.39
N VAL B 29 19.89 0.29 2.15
CA VAL B 29 18.89 -0.30 1.27
C VAL B 29 18.42 0.80 0.31
N ASN B 30 17.94 0.39 -0.85
CA ASN B 30 17.52 1.34 -1.87
C ASN B 30 16.40 2.23 -1.35
N GLN B 31 16.46 3.51 -1.73
CA GLN B 31 15.45 4.48 -1.35
C GLN B 31 15.52 5.66 -2.30
N ARG B 32 14.39 6.35 -2.46
CA ARG B 32 14.37 7.52 -3.33
C ARG B 32 15.17 8.67 -2.73
N TYR B 33 14.98 8.93 -1.44
CA TYR B 33 15.68 10.00 -0.73
C TYR B 33 16.56 9.39 0.35
N LEU B 34 17.13 10.25 1.18
CA LEU B 34 18.03 9.83 2.25
C LEU B 34 17.23 9.70 3.55
N GLU B 35 17.20 8.49 4.10
CA GLU B 35 16.53 8.22 5.37
C GLU B 35 17.55 7.59 6.32
N THR B 36 17.63 8.12 7.54
CA THR B 36 18.56 7.63 8.54
C THR B 36 17.79 7.16 9.76
N TYR B 37 17.97 5.90 10.14
CA TYR B 37 17.36 5.33 11.33
C TYR B 37 18.47 4.83 12.25
N PHE B 38 18.38 5.17 13.54
CA PHE B 38 19.43 4.86 14.49
C PHE B 38 18.89 3.96 15.61
N ARG B 39 19.77 3.13 16.14
CA ARG B 39 19.48 2.24 17.25
C ARG B 39 20.52 2.41 18.36
N LEU B 40 20.82 3.66 18.68
CA LEU B 40 21.82 3.95 19.70
C LEU B 40 21.35 3.48 21.08
N PRO B 41 22.28 3.09 21.94
CA PRO B 41 21.90 2.72 23.31
C PRO B 41 21.48 3.95 24.12
N GLU B 42 20.78 3.67 25.22
CA GLU B 42 20.27 4.76 26.05
C GLU B 42 21.40 5.60 26.63
N GLN B 43 22.53 4.97 26.95
CA GLN B 43 23.65 5.70 27.53
C GLN B 43 24.19 6.75 26.58
N PHE B 44 24.32 6.41 25.30
CA PHE B 44 24.86 7.31 24.30
C PHE B 44 23.78 7.93 23.41
N ARG B 45 22.59 8.14 23.96
CA ARG B 45 21.51 8.75 23.19
C ARG B 45 21.82 10.18 22.78
N SER B 46 22.72 10.86 23.49
CA SER B 46 23.03 12.25 23.21
C SER B 46 23.87 12.43 21.94
N LEU B 47 24.38 11.34 21.36
CA LEU B 47 25.20 11.43 20.16
C LEU B 47 24.39 11.44 18.87
N GLU B 48 23.07 11.29 18.96
CA GLU B 48 22.26 11.15 17.74
C GLU B 48 22.39 12.32 16.79
N PRO B 49 22.31 13.59 17.21
CA PRO B 49 22.47 14.67 16.22
C PRO B 49 23.83 14.66 15.54
N VAL B 50 24.90 14.38 16.28
CA VAL B 50 26.24 14.43 15.70
C VAL B 50 26.42 13.32 14.67
N VAL B 51 26.03 12.09 15.02
CA VAL B 51 26.15 10.99 14.07
C VAL B 51 25.23 11.20 12.88
N ARG B 52 24.05 11.78 13.10
CA ARG B 52 23.15 12.06 11.99
C ARG B 52 23.76 13.07 11.04
N GLU B 53 24.36 14.14 11.56
CA GLU B 53 25.02 15.11 10.70
C GLU B 53 26.18 14.47 9.95
N ARG B 54 26.95 13.63 10.63
CA ARG B 54 28.07 12.96 9.97
C ARG B 54 27.60 12.06 8.84
N ILE B 55 26.49 11.35 9.05
CA ILE B 55 25.95 10.50 8.01
C ILE B 55 25.47 11.33 6.83
N ARG B 56 24.68 12.37 7.10
CA ARG B 56 24.12 13.20 6.02
C ARG B 56 25.19 13.97 5.27
N SER B 57 26.35 14.22 5.89
CA SER B 57 27.38 15.00 5.23
C SER B 57 28.10 14.25 4.12
N ARG B 58 28.01 12.92 4.10
CA ARG B 58 28.72 12.13 3.10
C ARG B 58 27.79 11.30 2.22
N LEU B 59 26.75 10.71 2.78
CA LEU B 59 25.77 9.98 1.99
C LEU B 59 24.74 10.95 1.42
N THR B 60 24.24 10.61 0.23
CA THR B 60 23.29 11.48 -0.45
C THR B 60 21.98 10.80 -0.83
N ARG B 61 21.88 9.48 -0.70
CA ARG B 61 20.66 8.79 -1.09
C ARG B 61 20.68 7.39 -0.50
N GLY B 62 19.49 6.84 -0.27
CA GLY B 62 19.32 5.49 0.20
C GLY B 62 19.05 5.43 1.69
N LYS B 63 18.23 4.46 2.08
CA LYS B 63 17.91 4.28 3.50
C LYS B 63 19.10 3.68 4.22
N VAL B 64 19.50 4.31 5.33
CA VAL B 64 20.69 3.92 6.08
C VAL B 64 20.27 3.56 7.49
N GLU B 65 20.71 2.39 7.95
CA GLU B 65 20.47 1.93 9.31
C GLU B 65 21.79 1.86 10.05
N CYS B 66 21.90 2.60 11.15
CA CYS B 66 23.10 2.62 11.98
C CYS B 66 22.77 2.05 13.34
N THR B 67 23.59 1.12 13.82
CA THR B 67 23.39 0.47 15.10
C THR B 67 24.68 0.50 15.90
N LEU B 68 24.58 0.96 17.15
CA LEU B 68 25.71 0.99 18.06
C LEU B 68 25.42 0.06 19.23
N ARG B 69 26.31 -0.90 19.45
CA ARG B 69 26.19 -1.83 20.57
C ARG B 69 27.32 -1.55 21.55
N TYR B 70 26.96 -1.30 22.81
CA TYR B 70 27.92 -0.95 23.84
C TYR B 70 27.80 -1.94 24.99
N GLU B 71 28.85 -2.71 25.22
CA GLU B 71 28.90 -3.70 26.30
C GLU B 71 30.05 -3.38 27.23
N PRO B 72 29.80 -2.76 28.38
CA PRO B 72 30.90 -2.38 29.28
C PRO B 72 31.56 -3.59 29.90
N ASP B 73 32.83 -3.43 30.28
CA ASP B 73 33.56 -4.46 31.01
C ASP B 73 33.18 -4.37 32.48
N VAL B 74 32.35 -5.31 32.94
CA VAL B 74 31.88 -5.27 34.32
C VAL B 74 33.04 -5.46 35.29
N SER B 75 33.93 -6.40 35.00
CA SER B 75 35.06 -6.65 35.90
C SER B 75 35.96 -5.43 36.00
N ALA B 76 36.23 -4.77 34.87
CA ALA B 76 37.09 -3.59 34.87
C ALA B 76 36.41 -2.36 35.47
N GLN B 77 35.10 -2.43 35.72
CA GLN B 77 34.41 -1.30 36.33
C GLN B 77 34.84 -1.13 37.78
N GLY B 78 34.71 0.09 38.27
CA GLY B 78 35.10 0.37 39.64
C GLY B 78 34.25 -0.39 40.64
N GLU B 79 34.82 -0.63 41.82
CA GLU B 79 34.14 -1.41 42.85
C GLU B 79 32.87 -0.69 43.31
N LEU B 80 31.82 -1.47 43.54
CA LEU B 80 30.56 -0.90 44.00
C LEU B 80 30.70 -0.35 45.41
N ILE B 81 30.12 0.81 45.64
CA ILE B 81 30.19 1.49 46.93
C ILE B 81 28.86 1.33 47.65
N LEU B 82 28.92 0.97 48.93
CA LEU B 82 27.73 0.75 49.73
C LEU B 82 27.27 2.06 50.34
N ASN B 83 26.00 2.40 50.13
CA ASN B 83 25.42 3.62 50.69
C ASN B 83 25.09 3.35 52.15
N GLU B 84 25.95 3.82 53.05
CA GLU B 84 25.77 3.55 54.46
C GLU B 84 24.49 4.16 55.01
N LYS B 85 24.19 5.40 54.61
CA LYS B 85 23.03 6.09 55.18
C LYS B 85 21.73 5.55 54.61
N LEU B 86 21.68 5.29 53.30
CA LEU B 86 20.44 4.81 52.69
C LEU B 86 20.06 3.44 53.22
N ALA B 87 21.04 2.54 53.38
CA ALA B 87 20.74 1.23 53.92
C ALA B 87 20.26 1.32 55.36
N LYS B 88 20.87 2.20 56.15
CA LYS B 88 20.45 2.36 57.54
C LYS B 88 19.02 2.89 57.63
N GLN B 89 18.65 3.79 56.72
CA GLN B 89 17.29 4.33 56.72
C GLN B 89 16.26 3.23 56.45
N LEU B 90 16.55 2.35 55.49
CA LEU B 90 15.60 1.29 55.17
C LEU B 90 15.46 0.29 56.32
N VAL B 91 16.58 -0.05 56.97
CA VAL B 91 16.53 -1.03 58.04
C VAL B 91 15.68 -0.51 59.20
N THR B 92 15.87 0.76 59.56
CA THR B 92 15.02 1.35 60.60
C THR B 92 13.56 1.39 60.16
N ALA B 93 13.32 1.76 58.91
CA ALA B 93 11.95 1.78 58.40
C ALA B 93 11.36 0.38 58.33
N ALA B 94 12.16 -0.60 57.94
CA ALA B 94 11.66 -1.97 57.89
C ALA B 94 11.37 -2.52 59.27
N ASN B 95 12.13 -2.07 60.28
CA ASN B 95 11.85 -2.49 61.65
C ASN B 95 10.48 -1.99 62.11
N TRP B 96 10.10 -0.80 61.66
CA TRP B 96 8.78 -0.26 61.99
C TRP B 96 7.66 -1.15 61.45
N VAL B 97 7.82 -1.64 60.22
CA VAL B 97 6.82 -2.53 59.65
C VAL B 97 6.77 -3.86 60.41
N LYS B 98 7.93 -4.33 60.88
CA LYS B 98 7.94 -5.53 61.71
C LYS B 98 7.18 -5.31 63.01
N MET B 99 7.35 -4.13 63.62
CA MET B 99 6.66 -3.83 64.87
C MET B 99 5.14 -3.82 64.67
N GLN B 100 4.68 -3.23 63.57
CA GLN B 100 3.24 -3.18 63.31
C GLN B 100 2.68 -4.57 63.01
N SER B 101 3.41 -5.36 62.23
CA SER B 101 2.95 -6.70 61.85
C SER B 101 3.27 -7.77 62.89
N ASP B 102 4.10 -7.46 63.89
CA ASP B 102 4.50 -8.37 64.95
C ASP B 102 5.23 -9.61 64.43
N GLU B 103 5.65 -9.61 63.17
CA GLU B 103 6.34 -10.75 62.59
C GLU B 103 7.06 -10.30 61.33
N GLY B 104 8.35 -10.57 61.25
CA GLY B 104 9.12 -10.16 60.09
C GLY B 104 10.51 -10.74 60.12
N GLU B 105 11.19 -10.61 58.99
CA GLU B 105 12.56 -11.12 58.85
C GLU B 105 13.26 -10.29 57.79
N ILE B 106 14.19 -9.43 58.21
CA ILE B 106 14.90 -8.58 57.27
C ILE B 106 15.82 -9.43 56.41
N ASN B 107 15.76 -9.22 55.10
CA ASN B 107 16.62 -9.95 54.17
C ASN B 107 17.77 -9.04 53.78
N PRO B 108 19.02 -9.36 54.16
CA PRO B 108 20.13 -8.45 53.85
C PRO B 108 20.33 -8.21 52.37
N VAL B 109 20.10 -9.22 51.52
CA VAL B 109 20.28 -9.04 50.09
C VAL B 109 19.22 -8.11 49.54
N ASP B 110 18.00 -8.17 50.06
CA ASP B 110 16.93 -7.31 49.58
C ASP B 110 17.25 -5.84 49.81
N ILE B 111 17.90 -5.53 50.94
CA ILE B 111 18.32 -4.16 51.20
C ILE B 111 19.36 -3.72 50.18
N LEU B 112 20.33 -4.58 49.87
CA LEU B 112 21.35 -4.24 48.88
C LEU B 112 20.75 -4.08 47.49
N ARG B 113 19.73 -4.87 47.17
CA ARG B 113 19.10 -4.79 45.85
C ARG B 113 18.28 -3.53 45.66
N TRP B 114 18.05 -2.75 46.71
CA TRP B 114 17.26 -1.55 46.58
C TRP B 114 17.96 -0.56 45.65
N PRO B 115 17.21 0.17 44.82
CA PRO B 115 17.84 1.16 43.95
C PRO B 115 18.55 2.24 44.75
N GLY B 116 19.67 2.72 44.23
CA GLY B 116 20.44 3.73 44.92
C GLY B 116 21.55 3.16 45.77
N VAL B 117 21.18 2.38 46.79
CA VAL B 117 22.19 1.76 47.63
C VAL B 117 22.94 0.70 46.82
N MET B 118 24.25 0.59 47.07
CA MET B 118 25.12 -0.31 46.33
C MET B 118 25.08 0.01 44.83
N ALA B 119 25.55 1.20 44.49
CA ALA B 119 25.61 1.68 43.11
C ALA B 119 27.07 1.85 42.70
N ALA B 120 27.41 1.36 41.52
CA ALA B 120 28.76 1.50 41.02
C ALA B 120 29.03 2.93 40.57
N GLN B 121 30.28 3.35 40.69
CA GLN B 121 30.67 4.69 40.27
C GLN B 121 30.52 4.84 38.76
N GLU B 122 30.11 6.03 38.34
CA GLU B 122 29.90 6.28 36.92
C GLU B 122 31.25 6.43 36.20
N GLN B 123 31.38 5.75 35.07
CA GLN B 123 32.60 5.81 34.29
C GLN B 123 32.66 7.09 33.47
N ASP B 124 33.85 7.43 33.00
CA ASP B 124 34.08 8.63 32.20
C ASP B 124 33.56 8.40 30.79
N LEU B 125 32.30 8.78 30.56
CA LEU B 125 31.72 8.63 29.24
C LEU B 125 32.31 9.59 28.22
N ASP B 126 32.90 10.70 28.66
CA ASP B 126 33.46 11.65 27.73
C ASP B 126 34.63 11.05 26.96
N ALA B 127 35.49 10.28 27.64
CA ALA B 127 36.61 9.65 26.97
C ALA B 127 36.15 8.59 25.99
N ILE B 128 35.08 7.85 26.32
CA ILE B 128 34.56 6.83 25.42
C ILE B 128 33.94 7.47 24.18
N ALA B 129 33.35 8.65 24.33
CA ALA B 129 32.65 9.28 23.22
C ALA B 129 33.59 9.59 22.06
N ALA B 130 34.80 10.06 22.37
CA ALA B 130 35.75 10.38 21.31
C ALA B 130 36.16 9.12 20.55
N GLU B 131 36.42 8.04 21.26
CA GLU B 131 36.78 6.78 20.59
C GLU B 131 35.61 6.26 19.76
N ILE B 132 34.39 6.40 20.28
CA ILE B 132 33.21 5.95 19.55
C ILE B 132 33.04 6.77 18.26
N LEU B 133 33.26 8.07 18.33
CA LEU B 133 33.17 8.91 17.14
C LEU B 133 34.27 8.57 16.13
N ALA B 134 35.47 8.26 16.62
CA ALA B 134 36.53 7.83 15.71
C ALA B 134 36.16 6.52 15.01
N ALA B 135 35.59 5.58 15.76
CA ALA B 135 35.12 4.33 15.17
C ALA B 135 34.01 4.60 14.16
N LEU B 136 33.15 5.58 14.44
CA LEU B 136 32.10 5.96 13.52
C LEU B 136 32.69 6.51 12.21
N ASP B 137 33.73 7.34 12.32
CA ASP B 137 34.37 7.85 11.11
C ASP B 137 35.02 6.72 10.32
N GLY B 138 35.64 5.77 11.00
CA GLY B 138 36.17 4.60 10.31
C GLY B 138 35.08 3.79 9.63
N THR B 139 33.93 3.66 10.30
CA THR B 139 32.81 2.94 9.71
C THR B 139 32.29 3.66 8.48
N LEU B 140 32.24 4.99 8.52
CA LEU B 140 31.82 5.75 7.34
C LEU B 140 32.81 5.55 6.19
N ASP B 141 34.10 5.55 6.49
CA ASP B 141 35.09 5.30 5.44
C ASP B 141 34.91 3.93 4.82
N ASP B 142 34.72 2.91 5.65
CA ASP B 142 34.50 1.56 5.14
C ASP B 142 33.19 1.48 4.34
N PHE B 143 32.16 2.18 4.81
CA PHE B 143 30.88 2.19 4.12
C PHE B 143 31.00 2.81 2.74
N ILE B 144 31.71 3.92 2.64
CA ILE B 144 31.90 4.56 1.34
C ILE B 144 32.75 3.70 0.42
N VAL B 145 33.77 3.04 0.97
CA VAL B 145 34.59 2.14 0.16
C VAL B 145 33.76 0.99 -0.37
N ALA B 146 32.91 0.41 0.49
CA ALA B 146 32.05 -0.69 0.05
C ALA B 146 31.06 -0.23 -1.01
N ARG B 147 30.51 0.97 -0.85
CA ARG B 147 29.61 1.51 -1.86
C ARG B 147 30.32 1.69 -3.18
N GLU B 148 31.54 2.22 -3.17
CA GLU B 148 32.27 2.45 -4.41
C GLU B 148 32.68 1.15 -5.07
N THR B 149 33.04 0.14 -4.27
CA THR B 149 33.45 -1.14 -4.84
C THR B 149 32.30 -1.80 -5.59
N GLU B 150 31.10 -1.78 -5.02
CA GLU B 150 29.95 -2.33 -5.71
C GLU B 150 29.49 -1.43 -6.86
N GLY B 151 29.76 -0.13 -6.74
CA GLY B 151 29.38 0.79 -7.81
C GLY B 151 30.13 0.50 -9.10
N GLN B 152 31.40 0.11 -8.99
CA GLN B 152 32.17 -0.24 -10.18
C GLN B 152 31.58 -1.46 -10.88
N ALA B 153 31.08 -2.42 -10.10
CA ALA B 153 30.42 -3.58 -10.69
C ALA B 153 29.17 -3.17 -11.46
N LEU B 154 28.36 -2.27 -10.89
CA LEU B 154 27.15 -1.83 -11.57
C LEU B 154 27.49 -1.08 -12.85
N LYS B 155 28.52 -0.23 -12.81
CA LYS B 155 28.91 0.51 -14.00
C LYS B 155 29.38 -0.43 -15.10
N ALA B 156 30.12 -1.49 -14.73
CA ALA B 156 30.57 -2.46 -15.73
C ALA B 156 29.39 -3.19 -16.35
N LEU B 157 28.40 -3.55 -15.52
CA LEU B 157 27.21 -4.22 -16.05
C LEU B 157 26.44 -3.31 -17.00
N ILE B 158 26.26 -2.04 -16.62
CA ILE B 158 25.49 -1.12 -17.45
C ILE B 158 26.24 -0.84 -18.75
N GLU B 159 27.56 -0.65 -18.67
CA GLU B 159 28.34 -0.44 -19.89
C GLU B 159 28.31 -1.66 -20.80
N GLN B 160 28.22 -2.85 -20.21
CA GLN B 160 28.05 -4.06 -21.02
C GLN B 160 26.71 -4.05 -21.74
N ARG B 161 25.63 -3.66 -21.06
CA ARG B 161 24.33 -3.60 -21.70
C ARG B 161 24.30 -2.54 -22.79
N LEU B 162 24.91 -1.38 -22.53
CA LEU B 162 24.89 -0.29 -23.51
C LEU B 162 25.64 -0.68 -24.77
N GLU B 163 26.70 -1.48 -24.65
CA GLU B 163 27.39 -1.98 -25.83
C GLU B 163 26.47 -2.86 -26.67
N GLY B 164 25.66 -3.69 -26.01
CA GLY B 164 24.71 -4.51 -26.74
C GLY B 164 23.64 -3.71 -27.45
N VAL B 165 23.22 -2.59 -26.86
CA VAL B 165 22.18 -1.77 -27.48
C VAL B 165 22.67 -1.20 -28.80
N THR B 166 23.92 -0.73 -28.84
CA THR B 166 24.47 -0.23 -30.11
C THR B 166 24.56 -1.32 -31.15
N ALA B 167 24.92 -2.53 -30.73
CA ALA B 167 24.96 -3.66 -31.67
C ALA B 167 23.58 -3.96 -32.22
N GLU B 168 22.55 -3.91 -31.36
CA GLU B 168 21.19 -4.16 -31.82
C GLU B 168 20.75 -3.08 -32.80
N VAL B 169 21.15 -1.83 -32.57
CA VAL B 169 20.84 -0.77 -33.51
C VAL B 169 21.49 -1.03 -34.86
N VAL B 170 22.74 -1.51 -34.83
CA VAL B 170 23.43 -1.84 -36.08
C VAL B 170 22.69 -2.93 -36.83
N LYS B 171 22.22 -3.96 -36.12
CA LYS B 171 21.49 -5.05 -36.76
C LYS B 171 20.19 -4.56 -37.37
N VAL B 172 19.49 -3.66 -36.68
CA VAL B 172 18.26 -3.10 -37.24
C VAL B 172 18.57 -2.24 -38.46
N ARG B 173 19.67 -1.48 -38.40
CA ARG B 173 20.06 -0.67 -39.55
C ARG B 173 20.42 -1.51 -40.76
N SER B 174 20.77 -2.79 -40.56
CA SER B 174 21.05 -3.67 -41.68
C SER B 174 19.82 -3.97 -42.52
N HIS B 175 18.62 -3.78 -41.96
CA HIS B 175 17.38 -4.04 -42.67
C HIS B 175 16.69 -2.77 -43.15
N MET B 176 17.40 -1.64 -43.18
CA MET B 176 16.78 -0.39 -43.60
C MET B 176 16.18 -0.45 -45.01
N PRO B 177 16.83 -1.03 -46.02
CA PRO B 177 16.17 -1.12 -47.33
C PRO B 177 14.85 -1.87 -47.29
N GLU B 178 14.72 -2.88 -46.44
CA GLU B 178 13.44 -3.57 -46.29
C GLU B 178 12.46 -2.72 -45.50
N ILE B 179 12.94 -2.00 -44.49
CA ILE B 179 12.06 -1.15 -43.69
C ILE B 179 11.52 -0.01 -44.51
N LEU B 180 12.37 0.63 -45.33
CA LEU B 180 11.91 1.72 -46.17
C LEU B 180 10.86 1.26 -47.16
N GLN B 181 11.03 0.06 -47.72
CA GLN B 181 10.01 -0.50 -48.59
C GLN B 181 8.71 -0.73 -47.82
N TRP B 182 8.82 -1.20 -46.57
CA TRP B 182 7.64 -1.43 -45.76
C TRP B 182 6.92 -0.13 -45.43
N GLN B 183 7.67 0.95 -45.19
CA GLN B 183 7.06 2.23 -44.89
C GLN B 183 6.22 2.74 -46.05
N ARG B 184 6.72 2.59 -47.28
CA ARG B 184 5.97 3.02 -48.44
C ARG B 184 4.65 2.26 -48.57
N GLU B 185 4.70 0.94 -48.41
CA GLU B 185 3.49 0.12 -48.53
C GLU B 185 2.49 0.45 -47.44
N ARG B 186 2.96 0.83 -46.25
CA ARG B 186 2.05 1.22 -45.18
C ARG B 186 1.27 2.48 -45.55
N LEU B 187 1.92 3.43 -46.20
CA LEU B 187 1.25 4.66 -46.59
C LEU B 187 0.49 4.50 -47.90
N VAL B 188 1.06 3.78 -48.87
CA VAL B 188 0.39 3.60 -50.15
C VAL B 188 -0.93 2.86 -49.97
N ALA B 189 -0.92 1.80 -49.16
CA ALA B 189 -2.15 1.05 -48.93
C ALA B 189 -3.21 1.90 -48.24
N LYS B 190 -2.80 2.72 -47.26
CA LYS B 190 -3.76 3.55 -46.54
C LYS B 190 -4.39 4.58 -47.46
N LEU B 191 -3.59 5.17 -48.36
CA LEU B 191 -4.13 6.17 -49.28
C LEU B 191 -5.22 5.55 -50.17
N GLU B 192 -4.95 4.38 -50.75
CA GLU B 192 -5.93 3.73 -51.60
C GLU B 192 -7.05 3.08 -50.81
N ASP B 193 -6.77 2.62 -49.59
CA ASP B 193 -7.83 2.03 -48.77
C ASP B 193 -8.88 3.06 -48.42
N ALA B 194 -8.47 4.27 -48.05
CA ALA B 194 -9.43 5.34 -47.79
C ALA B 194 -10.12 5.80 -49.06
N GLN B 195 -9.41 5.80 -50.19
CA GLN B 195 -10.03 6.20 -51.45
C GLN B 195 -11.11 5.22 -51.88
N VAL B 196 -10.96 3.94 -51.53
CA VAL B 196 -12.01 2.97 -51.81
C VAL B 196 -13.29 3.34 -51.06
N GLN B 197 -13.15 3.71 -49.80
CA GLN B 197 -14.28 4.23 -49.04
C GLN B 197 -14.74 5.55 -49.65
N LEU B 198 -16.06 5.73 -49.72
CA LEU B 198 -16.64 6.90 -50.37
C LEU B 198 -17.11 7.90 -49.33
N GLU B 199 -16.92 9.19 -49.64
CA GLU B 199 -17.31 10.29 -48.76
C GLU B 199 -16.71 10.14 -47.38
N ASN B 200 -15.43 9.76 -47.33
CA ASN B 200 -14.70 9.63 -46.09
C ASN B 200 -13.87 10.90 -45.87
N ASN B 201 -14.10 11.58 -44.76
CA ASN B 201 -13.39 12.80 -44.43
C ASN B 201 -12.09 12.45 -43.71
N ARG B 202 -11.39 13.48 -43.23
CA ARG B 202 -10.10 13.40 -42.54
C ARG B 202 -9.15 12.39 -43.20
N LEU B 203 -9.19 12.31 -44.53
CA LEU B 203 -8.24 11.47 -45.24
C LEU B 203 -6.82 11.99 -45.09
N GLU B 204 -6.65 13.31 -45.22
CA GLU B 204 -5.32 13.90 -45.06
C GLU B 204 -4.83 13.79 -43.63
N GLN B 205 -5.74 13.86 -42.65
CA GLN B 205 -5.33 13.72 -41.26
C GLN B 205 -4.73 12.34 -41.00
N GLU B 206 -5.32 11.29 -41.57
CA GLU B 206 -4.81 9.95 -41.36
C GLU B 206 -3.40 9.80 -41.92
N LEU B 207 -3.17 10.31 -43.13
CA LEU B 207 -1.85 10.18 -43.75
C LEU B 207 -0.80 10.95 -42.96
N VAL B 208 -1.13 12.18 -42.54
CA VAL B 208 -0.15 13.00 -41.83
C VAL B 208 0.22 12.37 -40.50
N LEU B 209 -0.78 11.90 -39.74
CA LEU B 209 -0.49 11.24 -38.48
C LEU B 209 0.29 9.94 -38.70
N LEU B 210 -0.08 9.18 -39.72
CA LEU B 210 0.62 7.91 -39.98
C LEU B 210 2.07 8.15 -40.38
N ALA B 211 2.32 9.16 -41.20
CA ALA B 211 3.69 9.43 -41.65
C ALA B 211 4.59 9.84 -40.49
N GLN B 212 4.01 10.41 -39.43
CA GLN B 212 4.79 10.77 -38.26
C GLN B 212 5.17 9.57 -37.41
N ARG B 213 4.42 8.46 -37.49
CA ARG B 213 4.59 7.31 -36.62
C ARG B 213 5.27 6.14 -37.31
N ILE B 214 6.04 6.38 -38.37
CA ILE B 214 6.78 5.30 -39.03
C ILE B 214 8.24 5.70 -39.15
N ASP B 215 8.67 6.65 -38.32
CA ASP B 215 10.04 7.16 -38.38
C ASP B 215 10.99 6.16 -37.71
N VAL B 216 11.15 5.01 -38.37
CA VAL B 216 12.03 3.98 -37.83
C VAL B 216 13.47 4.46 -37.85
N ALA B 217 13.85 5.22 -38.88
CA ALA B 217 15.22 5.75 -38.93
C ALA B 217 15.48 6.72 -37.78
N GLU B 218 14.49 7.55 -37.45
CA GLU B 218 14.68 8.53 -36.37
C GLU B 218 14.68 7.87 -35.00
N GLU B 219 13.93 6.78 -34.83
CA GLU B 219 13.94 6.08 -33.55
C GLU B 219 15.32 5.52 -33.24
N LEU B 220 15.99 4.96 -34.24
CA LEU B 220 17.33 4.44 -34.04
C LEU B 220 18.32 5.56 -33.73
N ASP B 221 18.15 6.71 -34.38
CA ASP B 221 19.06 7.83 -34.11
C ASP B 221 18.93 8.31 -32.67
N ARG B 222 17.70 8.38 -32.16
CA ARG B 222 17.50 8.77 -30.76
C ARG B 222 18.08 7.72 -29.81
N LEU B 223 17.93 6.44 -30.14
CA LEU B 223 18.57 5.39 -29.35
C LEU B 223 20.09 5.51 -29.40
N GLU B 224 20.63 5.78 -30.59
CA GLU B 224 22.07 5.97 -30.71
C GLU B 224 22.54 7.22 -29.98
N ALA B 225 21.69 8.24 -29.91
CA ALA B 225 22.04 9.46 -29.19
C ALA B 225 21.96 9.28 -27.68
N HIS B 226 21.10 8.38 -27.21
CA HIS B 226 20.98 8.16 -25.77
C HIS B 226 22.16 7.36 -25.23
N VAL B 227 22.60 6.34 -25.96
CA VAL B 227 23.72 5.54 -25.49
C VAL B 227 24.99 6.36 -25.47
N LYS B 228 25.16 7.29 -26.42
CA LYS B 228 26.28 8.22 -26.36
C LYS B 228 26.18 9.11 -25.13
N GLU B 229 24.97 9.60 -24.83
CA GLU B 229 24.79 10.43 -23.64
C GLU B 229 24.92 9.62 -22.36
N THR B 230 24.37 8.40 -22.35
CA THR B 230 24.44 7.58 -21.14
C THR B 230 25.87 7.25 -20.77
N TYR B 231 26.76 7.15 -21.75
CA TYR B 231 28.17 7.02 -21.44
C TYR B 231 28.70 8.27 -20.76
N ASN B 232 28.25 9.45 -21.21
CA ASN B 232 28.67 10.70 -20.60
C ASN B 232 28.12 10.85 -19.19
N ILE B 233 26.91 10.33 -18.93
CA ILE B 233 26.32 10.43 -17.61
C ILE B 233 27.12 9.62 -16.60
N LEU B 234 27.68 8.49 -17.03
CA LEU B 234 28.39 7.60 -16.11
C LEU B 234 29.72 8.16 -15.64
N LYS B 235 30.19 9.26 -16.21
CA LYS B 235 31.48 9.85 -15.85
C LYS B 235 31.33 11.26 -15.29
N LYS B 236 30.20 11.55 -14.65
CA LYS B 236 29.95 12.89 -14.13
C LYS B 236 30.49 13.11 -12.73
N LYS B 237 30.89 12.06 -12.03
CA LYS B 237 31.46 12.12 -10.68
C LYS B 237 30.53 12.76 -9.65
N GLU B 238 29.24 12.87 -9.97
CA GLU B 238 28.25 13.39 -9.04
C GLU B 238 27.14 12.35 -8.85
N ALA B 239 26.10 12.73 -8.13
CA ALA B 239 24.99 11.81 -7.89
C ALA B 239 24.16 11.61 -9.15
N VAL B 240 24.47 10.58 -9.92
CA VAL B 240 23.80 10.32 -11.18
C VAL B 240 22.82 9.17 -11.06
N GLY B 241 22.40 8.82 -9.85
CA GLY B 241 21.44 7.74 -9.69
C GLY B 241 20.09 8.08 -10.31
N ARG B 242 19.59 9.27 -10.03
CA ARG B 242 18.28 9.67 -10.55
C ARG B 242 18.36 10.07 -12.03
N ARG B 243 19.47 10.66 -12.46
CA ARG B 243 19.59 11.09 -13.85
C ARG B 243 19.51 9.91 -14.80
N LEU B 244 20.12 8.78 -14.42
CA LEU B 244 20.01 7.57 -15.23
C LEU B 244 18.60 7.01 -15.18
N ASP B 245 17.91 7.15 -14.05
CA ASP B 245 16.55 6.65 -13.93
C ASP B 245 15.62 7.37 -14.91
N PHE B 246 15.77 8.69 -15.04
CA PHE B 246 15.00 9.43 -16.02
C PHE B 246 15.45 9.13 -17.45
N MET B 247 16.71 8.70 -17.62
CA MET B 247 17.18 8.33 -18.95
C MET B 247 16.59 7.00 -19.39
N MET B 248 16.38 6.07 -18.45
CA MET B 248 15.81 4.78 -18.82
C MET B 248 14.39 4.93 -19.35
N GLN B 249 13.65 5.92 -18.87
CA GLN B 249 12.33 6.18 -19.42
C GLN B 249 12.40 6.59 -20.89
N GLU B 250 13.47 7.30 -21.27
CA GLU B 250 13.64 7.65 -22.67
C GLU B 250 14.04 6.44 -23.50
N PHE B 251 14.85 5.54 -22.94
CA PHE B 251 15.12 4.28 -23.61
C PHE B 251 13.83 3.47 -23.78
N ASN B 252 13.01 3.43 -22.74
CA ASN B 252 11.75 2.69 -22.82
C ASN B 252 10.83 3.30 -23.86
N ARG B 253 10.82 4.63 -23.96
CA ARG B 253 9.93 5.29 -24.91
C ARG B 253 10.27 4.93 -26.34
N GLU B 254 11.55 4.87 -26.68
CA GLU B 254 11.94 4.57 -28.07
C GLU B 254 11.74 3.10 -28.39
N SER B 255 12.08 2.20 -27.46
CA SER B 255 11.96 0.78 -27.74
C SER B 255 10.50 0.34 -27.82
N ASN B 256 9.62 0.98 -27.04
CA ASN B 256 8.20 0.62 -27.09
C ASN B 256 7.60 0.90 -28.47
N THR B 257 7.94 2.05 -29.05
CA THR B 257 7.41 2.38 -30.38
C THR B 257 8.00 1.47 -31.45
N LEU B 258 9.28 1.12 -31.31
CA LEU B 258 9.91 0.25 -32.30
C LEU B 258 9.32 -1.16 -32.28
N ALA B 259 8.96 -1.65 -31.10
CA ALA B 259 8.45 -3.02 -31.01
C ALA B 259 7.06 -3.15 -31.62
N SER B 260 6.22 -2.13 -31.48
CA SER B 260 4.86 -2.20 -31.98
C SER B 260 4.78 -2.09 -33.50
N LYS B 261 5.90 -1.79 -34.17
CA LYS B 261 5.87 -1.64 -35.62
C LYS B 261 5.50 -2.93 -36.32
N SER B 262 6.04 -4.07 -35.85
CA SER B 262 5.81 -5.37 -36.47
C SER B 262 6.21 -5.37 -37.94
N ILE B 263 7.37 -4.79 -38.23
CA ILE B 263 7.83 -4.67 -39.61
C ILE B 263 8.14 -6.03 -40.20
N ASN B 264 8.90 -6.85 -39.47
CA ASN B 264 9.44 -8.08 -40.03
C ASN B 264 9.71 -9.06 -38.90
N ALA B 265 9.83 -10.34 -39.27
CA ALA B 265 10.13 -11.37 -38.27
C ALA B 265 11.50 -11.17 -37.66
N GLU B 266 12.49 -10.80 -38.47
CA GLU B 266 13.85 -10.62 -37.96
C GLU B 266 13.99 -9.31 -37.18
N VAL B 267 13.30 -8.26 -37.62
CA VAL B 267 13.32 -7.00 -36.90
C VAL B 267 12.65 -7.15 -35.54
N THR B 268 11.60 -7.96 -35.48
CA THR B 268 10.90 -8.17 -34.21
C THR B 268 11.82 -8.81 -33.17
N ASN B 269 12.66 -9.74 -33.61
CA ASN B 269 13.60 -10.36 -32.68
C ASN B 269 14.55 -9.33 -32.07
N SER B 270 15.06 -8.40 -32.90
CA SER B 270 15.92 -7.35 -32.37
C SER B 270 15.15 -6.40 -31.48
N ALA B 271 13.91 -6.08 -31.84
CA ALA B 271 13.10 -5.20 -30.99
C ALA B 271 12.84 -5.84 -29.64
N ILE B 272 12.60 -7.15 -29.61
CA ILE B 272 12.46 -7.85 -28.35
C ILE B 272 13.76 -7.79 -27.55
N GLU B 273 14.89 -7.93 -28.24
CA GLU B 273 16.18 -7.87 -27.56
C GLU B 273 16.44 -6.49 -26.97
N LEU B 274 16.02 -5.44 -27.68
CA LEU B 274 16.20 -4.09 -27.14
C LEU B 274 15.43 -3.91 -25.85
N LYS B 275 14.21 -4.45 -25.78
CA LYS B 275 13.44 -4.39 -24.55
C LYS B 275 14.14 -5.15 -23.43
N VAL B 276 14.71 -6.32 -23.75
CA VAL B 276 15.38 -7.12 -22.74
C VAL B 276 16.60 -6.38 -22.18
N LEU B 277 17.41 -5.80 -23.07
CA LEU B 277 18.60 -5.08 -22.62
C LEU B 277 18.22 -3.90 -21.75
N ILE B 278 17.21 -3.14 -22.15
CA ILE B 278 16.76 -2.01 -21.34
C ILE B 278 16.19 -2.49 -20.02
N GLU B 279 15.44 -3.59 -20.03
CA GLU B 279 14.90 -4.13 -18.80
C GLU B 279 16.00 -4.57 -17.85
N GLN B 280 17.04 -5.23 -18.38
CA GLN B 280 18.18 -5.60 -17.55
C GLN B 280 18.94 -4.37 -17.09
N MET B 281 19.07 -3.38 -17.95
CA MET B 281 19.77 -2.14 -17.57
C MET B 281 19.02 -1.41 -16.47
N ARG B 282 17.69 -1.37 -16.55
CA ARG B 282 16.90 -0.70 -15.53
C ARG B 282 17.03 -1.38 -14.18
N GLU B 283 17.34 -2.68 -14.17
CA GLU B 283 17.54 -3.38 -12.91
C GLU B 283 18.70 -2.81 -12.12
N GLN B 284 19.81 -2.52 -12.80
CA GLN B 284 20.99 -2.00 -12.12
C GLN B 284 20.77 -0.57 -11.64
N ILE B 285 20.04 0.24 -12.42
CA ILE B 285 19.81 1.63 -12.05
C ILE B 285 19.02 1.75 -10.75
N GLN B 286 18.26 0.72 -10.38
CA GLN B 286 17.46 0.80 -9.16
C GLN B 286 18.34 0.97 -7.93
N ASN B 287 19.48 0.28 -7.89
CA ASN B 287 20.38 0.32 -6.75
C ASN B 287 21.67 1.06 -7.06
N ILE B 288 21.55 2.18 -7.78
CA ILE B 288 22.69 3.06 -8.02
C ILE B 288 22.39 4.39 -7.36
N GLU B 289 23.43 5.07 -6.91
CA GLU B 289 23.25 6.32 -6.16
C GLU B 289 23.69 7.52 -6.99
N MET C 3 10.69 35.13 7.29
CA MET C 3 11.73 34.50 6.49
C MET C 3 11.54 32.99 6.45
N ILE C 4 12.00 32.36 5.36
CA ILE C 4 11.83 30.93 5.20
C ILE C 4 12.67 30.19 6.23
N ARG C 5 12.08 29.12 6.79
CA ARG C 5 12.69 28.38 7.88
C ARG C 5 12.82 26.91 7.52
N SER C 6 13.76 26.24 8.18
CA SER C 6 13.97 24.81 8.02
C SER C 6 13.26 24.04 9.12
N MET C 7 13.13 22.73 8.91
CA MET C 7 12.52 21.84 9.89
C MET C 7 13.56 21.01 10.64
N THR C 8 14.85 21.28 10.45
CA THR C 8 15.90 20.58 11.16
C THR C 8 16.79 21.62 11.84
N ALA C 9 16.81 21.61 13.17
CA ALA C 9 17.60 22.57 13.92
C ALA C 9 17.87 22.00 15.30
N TYR C 10 18.82 22.61 16.00
CA TYR C 10 19.18 22.22 17.35
C TYR C 10 19.33 23.46 18.21
N ALA C 11 19.04 23.31 19.49
CA ALA C 11 19.19 24.40 20.45
C ALA C 11 19.33 23.83 21.85
N ARG C 12 20.27 24.36 22.61
CA ARG C 12 20.53 23.92 23.97
C ARG C 12 20.65 25.13 24.88
N ARG C 13 20.05 25.04 26.07
CA ARG C 13 20.12 26.09 27.06
C ARG C 13 20.21 25.47 28.44
N GLU C 14 21.06 26.03 29.28
CA GLU C 14 21.23 25.57 30.65
C GLU C 14 21.26 26.77 31.59
N ILE C 15 20.71 26.57 32.79
CA ILE C 15 20.69 27.60 33.82
C ILE C 15 21.33 27.04 35.08
N LYS C 16 22.22 27.81 35.68
CA LYS C 16 22.93 27.40 36.88
C LYS C 16 22.39 28.17 38.07
N GLY C 17 22.07 27.45 39.15
CA GLY C 17 21.57 28.06 40.36
C GLY C 17 21.93 27.23 41.57
N GLU C 18 21.67 27.81 42.74
CA GLU C 18 21.96 27.10 43.98
C GLU C 18 21.08 25.87 44.15
N TRP C 19 19.89 25.87 43.55
CA TRP C 19 19.04 24.68 43.59
C TRP C 19 19.66 23.53 42.80
N GLY C 20 20.23 23.82 41.65
CA GLY C 20 20.80 22.79 40.81
C GLY C 20 21.03 23.33 39.40
N SER C 21 21.13 22.40 38.45
CA SER C 21 21.34 22.72 37.06
C SER C 21 20.24 22.07 36.22
N ALA C 22 19.64 22.85 35.32
CA ALA C 22 18.60 22.35 34.43
C ALA C 22 19.01 22.65 32.99
N THR C 23 18.88 21.66 32.12
CA THR C 23 19.31 21.77 30.74
C THR C 23 18.14 21.51 29.81
N TRP C 24 17.97 22.37 28.81
CA TRP C 24 16.94 22.24 27.79
C TRP C 24 17.59 21.85 26.48
N GLU C 25 17.04 20.81 25.83
CA GLU C 25 17.54 20.37 24.53
C GLU C 25 16.37 20.23 23.57
N MET C 26 16.46 20.90 22.43
CA MET C 26 15.44 20.84 21.40
C MET C 26 16.08 20.37 20.09
N ARG C 27 15.45 19.39 19.45
CA ARG C 27 15.90 18.89 18.17
C ARG C 27 14.69 18.70 17.27
N SER C 28 14.83 19.06 16.00
CA SER C 28 13.73 19.00 15.05
C SER C 28 14.11 18.12 13.87
N VAL C 29 13.16 17.29 13.45
CA VAL C 29 13.31 16.44 12.26
C VAL C 29 12.11 16.69 11.38
N ASN C 30 12.34 16.76 10.07
CA ASN C 30 11.27 17.09 9.13
C ASN C 30 10.13 16.09 9.23
N GLN C 31 8.90 16.60 9.25
CA GLN C 31 7.70 15.79 9.34
C GLN C 31 6.57 16.53 8.64
N ARG C 32 5.53 15.79 8.25
CA ARG C 32 4.41 16.41 7.57
C ARG C 32 3.64 17.36 8.50
N TYR C 33 3.41 16.95 9.74
CA TYR C 33 2.70 17.77 10.71
C TYR C 33 3.63 18.05 11.90
N LEU C 34 3.06 18.62 12.94
CA LEU C 34 3.81 18.95 14.16
C LEU C 34 3.54 17.87 15.20
N GLU C 35 4.61 17.19 15.63
CA GLU C 35 4.53 16.19 16.67
C GLU C 35 5.57 16.50 17.72
N THR C 36 5.15 16.58 18.98
CA THR C 36 6.02 16.96 20.08
C THR C 36 6.18 15.79 21.04
N TYR C 37 7.42 15.45 21.37
CA TYR C 37 7.73 14.45 22.37
C TYR C 37 8.55 15.09 23.48
N PHE C 38 8.19 14.79 24.72
CA PHE C 38 8.82 15.42 25.88
C PHE C 38 9.41 14.35 26.79
N ARG C 39 10.67 14.54 27.16
CA ARG C 39 11.37 13.69 28.12
C ARG C 39 11.61 14.55 29.36
N LEU C 40 10.63 14.58 30.26
CA LEU C 40 10.72 15.44 31.43
C LEU C 40 10.94 14.61 32.68
N PRO C 41 11.63 15.16 33.68
CA PRO C 41 11.82 14.43 34.94
C PRO C 41 10.53 14.31 35.71
N GLU C 42 10.51 13.34 36.64
CA GLU C 42 9.31 13.10 37.43
C GLU C 42 8.93 14.32 38.27
N GLN C 43 9.92 15.10 38.69
CA GLN C 43 9.62 16.30 39.46
C GLN C 43 8.84 17.32 38.65
N PHE C 44 9.21 17.50 37.38
CA PHE C 44 8.60 18.49 36.51
C PHE C 44 7.69 17.85 35.46
N ARG C 45 7.01 16.77 35.84
CA ARG C 45 6.06 16.15 34.92
C ARG C 45 4.82 16.99 34.73
N SER C 46 4.44 17.78 35.75
CA SER C 46 3.24 18.60 35.67
C SER C 46 3.39 19.78 34.71
N LEU C 47 4.60 20.07 34.24
CA LEU C 47 4.82 21.19 33.33
C LEU C 47 4.60 20.82 31.87
N GLU C 48 4.29 19.56 31.58
CA GLU C 48 4.11 19.14 30.19
C GLU C 48 3.00 19.90 29.48
N PRO C 49 1.80 20.08 30.04
CA PRO C 49 0.78 20.86 29.33
C PRO C 49 1.21 22.30 29.07
N VAL C 50 1.97 22.91 29.98
CA VAL C 50 2.44 24.28 29.75
C VAL C 50 3.49 24.30 28.65
N VAL C 51 4.42 23.36 28.68
CA VAL C 51 5.49 23.32 27.68
C VAL C 51 4.92 23.04 26.29
N ARG C 52 3.97 22.10 26.20
CA ARG C 52 3.42 21.72 24.91
C ARG C 52 2.69 22.88 24.25
N GLU C 53 1.97 23.68 25.04
CA GLU C 53 1.22 24.81 24.48
C GLU C 53 2.16 25.85 23.87
N ARG C 54 3.26 26.14 24.55
CA ARG C 54 4.18 27.17 24.05
C ARG C 54 4.82 26.74 22.73
N ILE C 55 5.23 25.48 22.64
CA ILE C 55 5.91 25.01 21.43
C ILE C 55 4.95 24.93 20.26
N ARG C 56 3.75 24.41 20.49
CA ARG C 56 2.79 24.27 19.40
C ARG C 56 2.35 25.62 18.86
N SER C 57 2.34 26.65 19.69
CA SER C 57 1.93 27.98 19.22
C SER C 57 3.01 28.62 18.38
N ARG C 58 4.27 28.51 18.79
CA ARG C 58 5.35 29.17 18.06
C ARG C 58 5.73 28.43 16.78
N LEU C 59 5.71 27.10 16.81
CA LEU C 59 6.11 26.29 15.67
C LEU C 59 4.89 25.85 14.87
N THR C 60 5.16 25.41 13.63
CA THR C 60 4.09 24.99 12.73
C THR C 60 4.24 23.54 12.28
N ARG C 61 5.44 23.12 11.89
CA ARG C 61 5.65 21.77 11.38
C ARG C 61 6.95 21.20 11.94
N GLY C 62 7.09 19.90 11.80
CA GLY C 62 8.30 19.21 12.19
C GLY C 62 8.14 18.44 13.48
N LYS C 63 8.89 17.36 13.60
CA LYS C 63 8.90 16.54 14.80
C LYS C 63 9.92 17.10 15.79
N VAL C 64 9.46 17.47 16.98
CA VAL C 64 10.29 18.13 17.97
C VAL C 64 10.37 17.25 19.21
N GLU C 65 11.60 16.99 19.67
CA GLU C 65 11.84 16.20 20.87
C GLU C 65 12.55 17.09 21.87
N CYS C 66 11.88 17.40 22.98
CA CYS C 66 12.42 18.29 24.01
C CYS C 66 12.72 17.48 25.26
N THR C 67 13.97 17.54 25.71
CA THR C 67 14.40 16.86 26.92
C THR C 67 14.85 17.88 27.95
N LEU C 68 14.33 17.76 29.17
CA LEU C 68 14.72 18.61 30.28
C LEU C 68 15.61 17.80 31.21
N ARG C 69 16.89 18.15 31.25
CA ARG C 69 17.85 17.47 32.12
C ARG C 69 17.94 18.26 33.42
N TYR C 70 17.30 17.75 34.47
CA TYR C 70 17.28 18.40 35.77
C TYR C 70 18.26 17.67 36.70
N GLU C 71 19.26 18.39 37.18
CA GLU C 71 20.28 17.86 38.09
C GLU C 71 20.24 18.67 39.38
N PRO C 72 19.51 18.22 40.39
CA PRO C 72 19.48 18.93 41.66
C PRO C 72 20.76 18.70 42.46
N ASP C 73 20.97 19.60 43.42
CA ASP C 73 22.11 19.46 44.32
C ASP C 73 21.82 18.38 45.36
N VAL C 74 22.88 17.97 46.06
CA VAL C 74 22.74 16.96 47.10
C VAL C 74 21.83 17.46 48.22
N SER C 75 21.99 18.74 48.60
CA SER C 75 21.11 19.32 49.61
C SER C 75 19.67 19.37 49.13
N ALA C 76 19.46 19.73 47.85
CA ALA C 76 18.11 19.84 47.31
C ALA C 76 17.42 18.49 47.21
N GLN C 77 18.17 17.38 47.18
CA GLN C 77 17.57 16.07 47.11
C GLN C 77 16.82 15.77 48.40
N GLY C 78 15.62 15.18 48.25
CA GLY C 78 14.77 14.84 49.38
C GLY C 78 14.88 13.37 49.71
N GLU C 79 15.13 13.08 50.99
CA GLU C 79 15.25 11.71 51.44
C GLU C 79 13.89 11.02 51.40
N LEU C 80 13.93 9.69 51.29
CA LEU C 80 12.70 8.90 51.22
C LEU C 80 11.95 8.97 52.53
N ILE C 81 10.62 9.04 52.44
CA ILE C 81 9.76 9.15 53.60
C ILE C 81 8.81 7.96 53.60
N LEU C 82 8.75 7.25 54.73
CA LEU C 82 7.86 6.10 54.84
C LEU C 82 6.41 6.55 54.91
N ASN C 83 5.55 5.92 54.12
CA ASN C 83 4.11 6.20 54.13
C ASN C 83 3.46 5.31 55.18
N GLU C 84 3.41 5.80 56.41
CA GLU C 84 2.94 4.98 57.52
C GLU C 84 1.47 4.59 57.35
N LYS C 85 0.64 5.51 56.85
CA LYS C 85 -0.77 5.21 56.65
C LYS C 85 -0.95 4.09 55.62
N LEU C 86 -0.20 4.15 54.52
CA LEU C 86 -0.32 3.11 53.49
C LEU C 86 0.29 1.80 53.96
N ALA C 87 1.40 1.86 54.70
CA ALA C 87 2.03 0.64 55.17
C ALA C 87 1.12 -0.14 56.11
N LYS C 88 0.44 0.56 57.03
CA LYS C 88 -0.46 -0.12 57.95
C LYS C 88 -1.66 -0.72 57.23
N GLN C 89 -2.08 -0.10 56.12
CA GLN C 89 -3.18 -0.66 55.34
C GLN C 89 -2.79 -1.99 54.70
N LEU C 90 -1.56 -2.08 54.18
CA LEU C 90 -1.11 -3.32 53.56
C LEU C 90 -0.93 -4.43 54.57
N VAL C 91 -0.50 -4.10 55.79
CA VAL C 91 -0.37 -5.11 56.83
C VAL C 91 -1.73 -5.71 57.16
N THR C 92 -2.75 -4.87 57.25
CA THR C 92 -4.12 -5.39 57.44
C THR C 92 -4.58 -6.19 56.24
N ALA C 93 -4.25 -5.72 55.03
CA ALA C 93 -4.61 -6.46 53.82
C ALA C 93 -3.92 -7.81 53.77
N ALA C 94 -2.63 -7.85 54.12
CA ALA C 94 -1.90 -9.12 54.13
C ALA C 94 -2.45 -10.06 55.19
N ASN C 95 -2.86 -9.52 56.33
CA ASN C 95 -3.40 -10.36 57.40
C ASN C 95 -4.68 -11.04 56.98
N TRP C 96 -5.48 -10.40 56.13
CA TRP C 96 -6.70 -11.02 55.64
C TRP C 96 -6.39 -12.27 54.82
N VAL C 97 -5.37 -12.19 53.96
CA VAL C 97 -4.97 -13.36 53.18
C VAL C 97 -4.39 -14.44 54.09
N LYS C 98 -3.69 -14.04 55.15
CA LYS C 98 -3.12 -15.01 56.08
C LYS C 98 -4.22 -15.83 56.74
N MET C 99 -5.35 -15.21 57.06
CA MET C 99 -6.46 -15.94 57.65
C MET C 99 -7.00 -17.00 56.70
N GLN C 100 -7.08 -16.67 55.40
CA GLN C 100 -7.57 -17.64 54.43
C GLN C 100 -6.62 -18.83 54.32
N SER C 101 -5.32 -18.59 54.31
CA SER C 101 -4.33 -19.65 54.19
C SER C 101 -3.90 -20.23 55.52
N ASP C 102 -4.20 -19.57 56.64
CA ASP C 102 -3.90 -20.04 57.97
C ASP C 102 -2.40 -20.16 58.22
N GLU C 103 -1.58 -19.72 57.28
CA GLU C 103 -0.13 -19.77 57.41
C GLU C 103 0.48 -18.58 56.68
N GLY C 104 1.78 -18.43 56.82
CA GLY C 104 2.52 -17.39 56.13
C GLY C 104 2.91 -16.26 57.06
N GLU C 105 3.97 -15.55 56.66
CA GLU C 105 4.49 -14.42 57.40
C GLU C 105 4.68 -13.24 56.45
N ILE C 106 4.45 -12.03 56.96
CA ILE C 106 4.57 -10.83 56.14
C ILE C 106 6.03 -10.40 56.11
N ASN C 107 6.60 -10.30 54.91
CA ASN C 107 7.98 -9.90 54.76
C ASN C 107 8.08 -8.38 54.87
N PRO C 108 8.83 -7.85 55.86
CA PRO C 108 8.85 -6.39 56.02
C PRO C 108 9.40 -5.64 54.82
N VAL C 109 10.39 -6.20 54.13
CA VAL C 109 10.95 -5.51 52.96
C VAL C 109 9.94 -5.49 51.83
N ASP C 110 9.17 -6.58 51.67
CA ASP C 110 8.17 -6.62 50.59
C ASP C 110 7.14 -5.53 50.74
N ILE C 111 6.82 -5.14 51.98
CA ILE C 111 5.92 -4.01 52.19
C ILE C 111 6.60 -2.71 51.74
N LEU C 112 7.89 -2.55 52.06
CA LEU C 112 8.60 -1.36 51.64
C LEU C 112 8.75 -1.30 50.12
N ARG C 113 9.00 -2.44 49.48
CA ARG C 113 9.14 -2.48 48.04
C ARG C 113 7.84 -2.18 47.31
N TRP C 114 6.71 -2.19 48.01
CA TRP C 114 5.45 -1.86 47.37
C TRP C 114 5.49 -0.40 46.90
N PRO C 115 5.03 -0.11 45.67
CA PRO C 115 5.08 1.27 45.18
C PRO C 115 4.28 2.20 46.07
N GLY C 116 4.82 3.40 46.29
CA GLY C 116 4.16 4.42 47.05
C GLY C 116 4.40 4.37 48.55
N VAL C 117 4.81 3.21 49.08
CA VAL C 117 5.07 3.12 50.52
C VAL C 117 6.33 3.89 50.88
N MET C 118 7.39 3.73 50.08
CA MET C 118 8.67 4.39 50.32
C MET C 118 8.92 5.34 49.16
N ALA C 119 8.49 6.59 49.32
CA ALA C 119 8.64 7.61 48.29
C ALA C 119 9.21 8.88 48.89
N ALA C 120 10.11 9.52 48.15
CA ALA C 120 10.74 10.74 48.62
C ALA C 120 9.74 11.90 48.62
N GLN C 121 9.91 12.80 49.59
CA GLN C 121 9.06 13.98 49.67
C GLN C 121 9.32 14.90 48.49
N GLU C 122 8.26 15.51 47.96
CA GLU C 122 8.34 16.42 46.84
C GLU C 122 8.32 17.86 47.34
N GLN C 123 9.31 18.65 46.93
CA GLN C 123 9.36 20.05 47.27
C GLN C 123 8.34 20.84 46.44
N ASP C 124 8.17 22.11 46.80
CA ASP C 124 7.23 22.95 46.07
C ASP C 124 7.68 23.18 44.63
N LEU C 125 8.93 23.56 44.44
CA LEU C 125 9.55 23.79 43.13
C LEU C 125 8.82 24.83 42.29
N ASP C 126 7.91 25.59 42.89
CA ASP C 126 7.20 26.61 42.13
C ASP C 126 8.15 27.71 41.67
N ALA C 127 9.06 28.14 42.54
CA ALA C 127 10.05 29.13 42.15
C ALA C 127 11.01 28.57 41.10
N ILE C 128 11.43 27.32 41.27
CA ILE C 128 12.36 26.71 40.33
C ILE C 128 11.69 26.55 38.96
N ALA C 129 10.45 26.07 38.94
CA ALA C 129 9.75 25.86 37.68
C ALA C 129 9.50 27.19 36.96
N ALA C 130 9.40 28.29 37.70
CA ALA C 130 9.23 29.59 37.07
C ALA C 130 10.45 29.94 36.23
N GLU C 131 11.65 29.63 36.72
CA GLU C 131 12.85 29.85 35.93
C GLU C 131 12.95 28.88 34.76
N ILE C 132 12.44 27.66 34.94
CA ILE C 132 12.48 26.67 33.86
C ILE C 132 11.68 27.16 32.66
N LEU C 133 10.48 27.70 32.91
CA LEU C 133 9.65 28.20 31.82
C LEU C 133 10.33 29.36 31.10
N ALA C 134 10.98 30.25 31.86
CA ALA C 134 11.76 31.31 31.23
C ALA C 134 12.94 30.73 30.46
N ALA C 135 13.61 29.72 31.03
CA ALA C 135 14.69 29.07 30.32
C ALA C 135 14.18 28.35 29.08
N LEU C 136 13.02 27.70 29.18
CA LEU C 136 12.42 27.07 28.01
C LEU C 136 12.07 28.10 26.95
N ASP C 137 11.53 29.24 27.37
CA ASP C 137 11.21 30.30 26.42
C ASP C 137 12.45 30.82 25.72
N GLY C 138 13.58 30.86 26.43
CA GLY C 138 14.82 31.23 25.79
C GLY C 138 15.27 30.20 24.76
N THR C 139 15.10 28.91 25.08
CA THR C 139 15.45 27.87 24.12
C THR C 139 14.62 27.97 22.85
N LEU C 140 13.32 28.23 23.01
CA LEU C 140 12.43 28.33 21.85
C LEU C 140 12.79 29.54 21.00
N ASP C 141 13.19 30.65 21.63
CA ASP C 141 13.58 31.82 20.87
C ASP C 141 14.82 31.54 20.03
N ASP C 142 15.81 30.85 20.59
CA ASP C 142 16.98 30.49 19.81
C ASP C 142 16.67 29.40 18.80
N PHE C 143 15.65 28.58 19.07
CA PHE C 143 15.28 27.53 18.11
C PHE C 143 14.80 28.13 16.80
N ILE C 144 13.97 29.18 16.87
CA ILE C 144 13.52 29.83 15.65
C ILE C 144 14.67 30.46 14.91
N VAL C 145 15.59 31.10 15.64
CA VAL C 145 16.77 31.69 15.01
C VAL C 145 17.65 30.61 14.41
N ALA C 146 17.78 29.48 15.11
CA ALA C 146 18.54 28.35 14.56
C ALA C 146 17.91 27.83 13.27
N ARG C 147 16.58 27.75 13.24
CA ARG C 147 15.90 27.30 12.03
C ARG C 147 16.11 28.27 10.88
N GLU C 148 16.04 29.57 11.16
CA GLU C 148 16.13 30.57 10.09
C GLU C 148 17.49 30.56 9.42
N THR C 149 18.57 30.40 10.18
CA THR C 149 19.90 30.35 9.58
C THR C 149 20.04 29.12 8.68
N GLU C 150 19.51 27.98 9.12
CA GLU C 150 19.56 26.78 8.29
C GLU C 150 18.67 26.91 7.06
N GLY C 151 17.55 27.62 7.19
CA GLY C 151 16.66 27.79 6.06
C GLY C 151 17.20 28.67 4.96
N GLN C 152 18.15 29.56 5.29
CA GLN C 152 18.74 30.42 4.27
C GLN C 152 19.51 29.60 3.24
N ALA C 153 20.24 28.58 3.69
CA ALA C 153 20.96 27.73 2.75
C ALA C 153 20.01 27.01 1.81
N LEU C 154 18.89 26.51 2.33
CA LEU C 154 17.92 25.84 1.48
C LEU C 154 17.33 26.81 0.46
N LYS C 155 17.04 28.04 0.88
CA LYS C 155 16.53 29.03 -0.07
C LYS C 155 17.56 29.33 -1.16
N ALA C 156 18.84 29.44 -0.77
CA ALA C 156 19.88 29.69 -1.77
C ALA C 156 19.98 28.54 -2.77
N LEU C 157 19.93 27.29 -2.27
CA LEU C 157 19.98 26.15 -3.17
C LEU C 157 18.79 26.13 -4.12
N ILE C 158 17.60 26.41 -3.60
CA ILE C 158 16.41 26.41 -4.44
C ILE C 158 16.50 27.51 -5.49
N GLU C 159 17.02 28.68 -5.12
CA GLU C 159 17.18 29.75 -6.10
C GLU C 159 18.18 29.37 -7.18
N GLN C 160 19.27 28.71 -6.80
CA GLN C 160 20.24 28.27 -7.80
C GLN C 160 19.62 27.27 -8.77
N ARG C 161 18.86 26.32 -8.25
CA ARG C 161 18.21 25.35 -9.14
C ARG C 161 17.15 26.02 -10.01
N LEU C 162 16.45 27.03 -9.49
CA LEU C 162 15.49 27.76 -10.32
C LEU C 162 16.19 28.51 -11.45
N GLU C 163 17.36 29.08 -11.18
CA GLU C 163 18.14 29.70 -12.25
C GLU C 163 18.54 28.68 -13.30
N GLY C 164 18.95 27.48 -12.86
CA GLY C 164 19.22 26.42 -13.80
C GLY C 164 18.01 26.05 -14.64
N VAL C 165 16.83 26.04 -14.02
CA VAL C 165 15.60 25.72 -14.73
C VAL C 165 15.31 26.78 -15.79
N THR C 166 15.49 28.06 -15.45
CA THR C 166 15.29 29.11 -16.44
C THR C 166 16.27 28.99 -17.59
N ALA C 167 17.53 28.65 -17.29
CA ALA C 167 18.51 28.46 -18.36
C ALA C 167 18.11 27.32 -19.28
N GLU C 168 17.63 26.21 -18.71
CA GLU C 168 17.18 25.10 -19.54
C GLU C 168 15.99 25.50 -20.40
N VAL C 169 15.06 26.26 -19.84
CA VAL C 169 13.89 26.68 -20.61
C VAL C 169 14.30 27.57 -21.77
N VAL C 170 15.22 28.51 -21.54
CA VAL C 170 15.62 29.38 -22.64
C VAL C 170 16.41 28.59 -23.69
N LYS C 171 17.18 27.58 -23.27
CA LYS C 171 17.85 26.73 -24.24
C LYS C 171 16.86 25.97 -25.11
N VAL C 172 15.81 25.41 -24.49
CA VAL C 172 14.79 24.70 -25.26
C VAL C 172 14.10 25.64 -26.23
N ARG C 173 13.77 26.85 -25.76
CA ARG C 173 13.09 27.80 -26.62
C ARG C 173 13.98 28.22 -27.79
N SER C 174 15.28 28.35 -27.56
CA SER C 174 16.21 28.65 -28.65
C SER C 174 16.25 27.50 -29.66
N HIS C 175 16.27 26.26 -29.18
CA HIS C 175 16.40 25.13 -30.09
C HIS C 175 15.12 24.84 -30.86
N MET C 176 13.97 25.19 -30.29
CA MET C 176 12.69 24.68 -30.82
C MET C 176 12.39 25.07 -32.26
N PRO C 177 12.49 26.34 -32.68
CA PRO C 177 12.03 26.68 -34.05
C PRO C 177 12.73 25.91 -35.15
N GLU C 178 14.03 25.66 -35.01
CA GLU C 178 14.75 24.86 -36.00
C GLU C 178 14.20 23.44 -36.04
N ILE C 179 13.84 22.89 -34.88
CA ILE C 179 13.26 21.56 -34.84
C ILE C 179 11.91 21.53 -35.54
N LEU C 180 11.08 22.54 -35.28
CA LEU C 180 9.76 22.58 -35.92
C LEU C 180 9.88 22.73 -37.42
N GLN C 181 10.82 23.56 -37.89
CA GLN C 181 10.97 23.77 -39.32
C GLN C 181 11.41 22.49 -40.03
N TRP C 182 12.37 21.76 -39.44
CA TRP C 182 12.88 20.57 -40.08
C TRP C 182 11.85 19.44 -40.08
N GLN C 183 11.09 19.30 -39.00
CA GLN C 183 10.13 18.22 -38.90
C GLN C 183 9.05 18.33 -39.97
N ARG C 184 8.58 19.55 -40.24
CA ARG C 184 7.59 19.74 -41.30
C ARG C 184 8.18 19.40 -42.67
N GLU C 185 9.44 19.79 -42.89
CA GLU C 185 10.09 19.47 -44.16
C GLU C 185 10.26 17.97 -44.34
N ARG C 186 10.62 17.27 -43.28
CA ARG C 186 10.82 15.81 -43.37
C ARG C 186 9.50 15.10 -43.62
N LEU C 187 8.43 15.54 -42.98
CA LEU C 187 7.15 14.86 -43.11
C LEU C 187 6.60 14.95 -44.53
N VAL C 188 6.65 16.15 -45.12
CA VAL C 188 6.12 16.32 -46.47
C VAL C 188 7.00 15.58 -47.48
N ALA C 189 8.32 15.52 -47.22
CA ALA C 189 9.19 14.74 -48.10
C ALA C 189 8.93 13.25 -47.98
N LYS C 190 8.50 12.78 -46.81
CA LYS C 190 8.17 11.37 -46.64
C LYS C 190 6.99 10.97 -47.53
N LEU C 191 5.99 11.85 -47.65
CA LEU C 191 4.85 11.55 -48.50
C LEU C 191 5.25 11.49 -49.97
N GLU C 192 6.19 12.35 -50.39
CA GLU C 192 6.63 12.35 -51.78
C GLU C 192 7.32 11.03 -52.13
N ASP C 193 8.13 10.49 -51.22
CA ASP C 193 8.77 9.21 -51.45
C ASP C 193 7.76 8.08 -51.57
N ALA C 194 6.57 8.24 -51.01
CA ALA C 194 5.52 7.25 -51.09
C ALA C 194 4.59 7.45 -52.29
N GLN C 195 4.91 8.42 -53.15
CA GLN C 195 4.10 8.71 -54.35
C GLN C 195 2.66 9.02 -53.98
N VAL C 196 2.48 9.79 -52.91
CA VAL C 196 1.16 10.20 -52.44
C VAL C 196 0.95 11.66 -52.81
N GLN C 197 -0.09 11.92 -53.61
CA GLN C 197 -0.43 13.27 -54.02
C GLN C 197 -1.62 13.75 -53.23
N LEU C 198 -1.47 14.89 -52.55
CA LEU C 198 -2.52 15.46 -51.72
C LEU C 198 -2.68 16.93 -52.05
N GLU C 199 -3.89 17.44 -51.82
CA GLU C 199 -4.15 18.86 -52.02
C GLU C 199 -3.26 19.69 -51.11
N ASN C 200 -2.64 20.72 -51.68
CA ASN C 200 -1.76 21.57 -50.89
C ASN C 200 -2.52 22.29 -49.79
N ASN C 201 -3.73 22.76 -50.09
CA ASN C 201 -4.54 23.43 -49.07
C ASN C 201 -4.90 22.49 -47.94
N ARG C 202 -5.30 21.26 -48.27
CA ARG C 202 -5.66 20.30 -47.23
C ARG C 202 -4.43 19.82 -46.48
N LEU C 203 -3.34 19.55 -47.20
CA LEU C 203 -2.12 19.09 -46.55
C LEU C 203 -1.54 20.15 -45.62
N GLU C 204 -1.56 21.41 -46.05
CA GLU C 204 -1.01 22.48 -45.22
C GLU C 204 -1.83 22.66 -43.95
N GLN C 205 -3.15 22.52 -44.05
CA GLN C 205 -3.99 22.64 -42.86
C GLN C 205 -3.65 21.56 -41.84
N GLU C 206 -3.42 20.33 -42.31
CA GLU C 206 -3.06 19.26 -41.40
C GLU C 206 -1.67 19.48 -40.79
N LEU C 207 -0.75 20.04 -41.58
CA LEU C 207 0.60 20.29 -41.06
C LEU C 207 0.58 21.31 -39.94
N VAL C 208 -0.26 22.34 -40.05
CA VAL C 208 -0.33 23.36 -39.02
C VAL C 208 -0.87 22.77 -37.72
N LEU C 209 -1.94 21.97 -37.81
CA LEU C 209 -2.53 21.40 -36.61
C LEU C 209 -1.57 20.43 -35.92
N LEU C 210 -0.87 19.61 -36.69
CA LEU C 210 0.11 18.70 -36.11
C LEU C 210 1.23 19.47 -35.43
N ALA C 211 1.66 20.58 -36.04
CA ALA C 211 2.69 21.42 -35.41
C ALA C 211 2.21 21.94 -34.07
N GLN C 212 0.96 22.39 -34.00
CA GLN C 212 0.41 22.82 -32.72
C GLN C 212 0.36 21.68 -31.72
N ARG C 213 0.11 20.46 -32.19
CA ARG C 213 0.12 19.31 -31.30
C ARG C 213 1.52 19.05 -30.74
N ILE C 214 2.56 19.21 -31.57
CA ILE C 214 3.92 18.91 -31.14
C ILE C 214 4.69 20.15 -30.69
N ASP C 215 4.06 21.32 -30.69
CA ASP C 215 4.72 22.53 -30.22
C ASP C 215 4.72 22.58 -28.70
N VAL C 216 5.83 23.04 -28.12
CA VAL C 216 6.00 23.07 -26.68
C VAL C 216 6.17 24.49 -26.16
N ALA C 217 5.73 25.49 -26.92
CA ALA C 217 5.84 26.87 -26.45
C ALA C 217 5.00 27.10 -25.20
N GLU C 218 3.80 26.53 -25.16
CA GLU C 218 2.93 26.72 -24.00
C GLU C 218 3.54 26.10 -22.75
N GLU C 219 4.17 24.93 -22.89
CA GLU C 219 4.80 24.29 -21.74
C GLU C 219 5.91 25.16 -21.16
N LEU C 220 6.75 25.74 -22.03
CA LEU C 220 7.83 26.59 -21.55
C LEU C 220 7.29 27.88 -20.93
N ASP C 221 6.23 28.44 -21.50
CA ASP C 221 5.61 29.61 -20.89
C ASP C 221 5.08 29.28 -19.50
N ARG C 222 4.44 28.12 -19.35
CA ARG C 222 3.97 27.70 -18.04
C ARG C 222 5.13 27.49 -17.08
N LEU C 223 6.25 26.96 -17.57
CA LEU C 223 7.41 26.79 -16.71
C LEU C 223 7.95 28.12 -16.22
N GLU C 224 8.01 29.13 -17.10
CA GLU C 224 8.46 30.45 -16.67
C GLU C 224 7.51 31.06 -15.65
N ALA C 225 6.21 30.95 -15.88
CA ALA C 225 5.25 31.43 -14.89
C ALA C 225 5.42 30.70 -13.57
N HIS C 226 5.73 29.41 -13.62
CA HIS C 226 5.90 28.63 -12.41
C HIS C 226 7.15 29.05 -11.65
N VAL C 227 8.26 29.33 -12.34
CA VAL C 227 9.45 29.78 -11.62
C VAL C 227 9.22 31.16 -11.01
N LYS C 228 8.49 32.04 -11.70
CA LYS C 228 8.17 33.33 -11.11
C LYS C 228 7.31 33.17 -9.85
N GLU C 229 6.29 32.30 -9.92
CA GLU C 229 5.47 32.06 -8.74
C GLU C 229 6.27 31.40 -7.63
N THR C 230 7.25 30.56 -7.98
CA THR C 230 8.11 29.95 -6.97
C THR C 230 8.95 31.00 -6.26
N TYR C 231 9.46 31.98 -7.01
CA TYR C 231 10.18 33.08 -6.38
C TYR C 231 9.26 33.84 -5.43
N ASN C 232 8.02 34.10 -5.85
CA ASN C 232 7.09 34.79 -4.96
C ASN C 232 6.81 33.98 -3.70
N ILE C 233 6.63 32.65 -3.85
CA ILE C 233 6.37 31.80 -2.69
C ILE C 233 7.55 31.81 -1.74
N LEU C 234 8.77 31.75 -2.27
CA LEU C 234 9.94 31.85 -1.41
C LEU C 234 9.96 33.19 -0.69
N LYS C 235 9.54 34.27 -1.36
CA LYS C 235 9.46 35.56 -0.71
C LYS C 235 8.31 35.67 0.28
N LYS C 236 7.36 34.72 0.27
CA LYS C 236 6.25 34.75 1.21
C LYS C 236 6.77 34.58 2.65
N LYS C 237 5.84 34.67 3.61
CA LYS C 237 6.22 34.80 5.01
C LYS C 237 6.30 33.45 5.73
N GLU C 238 5.18 32.72 5.80
CA GLU C 238 5.14 31.51 6.61
C GLU C 238 4.45 30.38 5.86
N ALA C 239 4.80 29.15 6.25
CA ALA C 239 4.18 27.92 5.76
C ALA C 239 4.27 27.82 4.23
N VAL C 240 5.50 27.72 3.74
CA VAL C 240 5.75 27.63 2.31
C VAL C 240 6.44 26.32 1.98
N GLY C 241 6.18 25.29 2.77
CA GLY C 241 6.73 23.98 2.48
C GLY C 241 5.84 23.15 1.58
N ARG C 242 4.60 22.93 2.00
CA ARG C 242 3.69 22.09 1.23
C ARG C 242 3.26 22.78 -0.06
N ARG C 243 3.03 24.08 -0.02
CA ARG C 243 2.72 24.82 -1.25
C ARG C 243 3.85 24.69 -2.25
N LEU C 244 5.08 24.78 -1.77
CA LEU C 244 6.23 24.70 -2.66
C LEU C 244 6.40 23.29 -3.20
N ASP C 245 6.06 22.27 -2.40
CA ASP C 245 6.08 20.90 -2.89
C ASP C 245 5.04 20.68 -3.99
N PHE C 246 3.85 21.27 -3.83
CA PHE C 246 2.85 21.17 -4.89
C PHE C 246 3.31 21.89 -6.14
N MET C 247 3.99 23.02 -5.98
CA MET C 247 4.58 23.70 -7.13
C MET C 247 5.59 22.79 -7.83
N MET C 248 6.37 22.03 -7.05
CA MET C 248 7.31 21.09 -7.66
C MET C 248 6.59 19.97 -8.39
N GLN C 249 5.44 19.53 -7.88
CA GLN C 249 4.65 18.55 -8.61
C GLN C 249 4.22 19.12 -9.97
N GLU C 250 3.79 20.38 -10.00
CA GLU C 250 3.44 21.01 -11.27
C GLU C 250 4.66 21.11 -12.19
N PHE C 251 5.82 21.42 -11.62
CA PHE C 251 7.06 21.44 -12.39
C PHE C 251 7.31 20.10 -13.06
N ASN C 252 7.17 19.02 -12.29
CA ASN C 252 7.37 17.68 -12.83
C ASN C 252 6.37 17.39 -13.93
N ARG C 253 5.12 17.82 -13.75
CA ARG C 253 4.11 17.59 -14.78
C ARG C 253 4.50 18.27 -16.09
N GLU C 254 4.92 19.54 -16.00
CA GLU C 254 5.29 20.26 -17.21
C GLU C 254 6.52 19.63 -17.87
N SER C 255 7.50 19.22 -17.07
CA SER C 255 8.69 18.59 -17.63
C SER C 255 8.36 17.26 -18.29
N ASN C 256 7.46 16.48 -17.69
CA ASN C 256 7.05 15.21 -18.29
C ASN C 256 6.33 15.44 -19.61
N THR C 257 5.45 16.44 -19.66
CA THR C 257 4.79 16.75 -20.93
C THR C 257 5.80 17.17 -21.99
N LEU C 258 6.78 17.99 -21.61
CA LEU C 258 7.81 18.40 -22.55
C LEU C 258 8.62 17.22 -23.05
N ALA C 259 8.98 16.30 -22.15
CA ALA C 259 9.74 15.13 -22.56
C ALA C 259 8.93 14.22 -23.48
N SER C 260 7.65 14.04 -23.19
CA SER C 260 6.82 13.15 -24.00
C SER C 260 6.54 13.76 -25.38
N LYS C 261 6.41 15.08 -25.46
CA LYS C 261 6.14 15.73 -26.74
C LYS C 261 7.41 16.05 -27.52
N SER C 262 8.59 15.75 -26.98
CA SER C 262 9.83 16.12 -27.64
C SER C 262 10.07 15.25 -28.87
N ILE C 263 10.85 15.79 -29.81
CA ILE C 263 11.27 15.08 -31.00
C ILE C 263 12.78 15.02 -31.11
N ASN C 264 13.45 16.15 -30.96
CA ASN C 264 14.90 16.19 -31.04
C ASN C 264 15.52 15.59 -29.78
N ALA C 265 16.75 15.11 -29.92
CA ALA C 265 17.47 14.56 -28.77
C ALA C 265 17.89 15.66 -27.79
N GLU C 266 18.19 16.85 -28.29
CA GLU C 266 18.58 17.95 -27.40
C GLU C 266 17.44 18.33 -26.46
N VAL C 267 16.21 18.37 -26.99
CA VAL C 267 15.06 18.70 -26.14
C VAL C 267 14.86 17.62 -25.09
N THR C 268 15.06 16.36 -25.45
CA THR C 268 14.93 15.28 -24.47
C THR C 268 16.00 15.39 -23.39
N ASN C 269 17.24 15.71 -23.78
CA ASN C 269 18.30 15.90 -22.78
C ASN C 269 17.97 17.07 -21.86
N SER C 270 17.44 18.15 -22.42
CA SER C 270 17.05 19.29 -21.59
C SER C 270 15.91 18.93 -20.65
N ALA C 271 14.97 18.10 -21.11
CA ALA C 271 13.90 17.64 -20.22
C ALA C 271 14.45 16.77 -19.11
N ILE C 272 15.43 15.93 -19.40
CA ILE C 272 16.06 15.12 -18.37
C ILE C 272 16.75 16.02 -17.35
N GLU C 273 17.44 17.06 -17.81
CA GLU C 273 18.07 18.00 -16.90
C GLU C 273 17.05 18.73 -16.05
N LEU C 274 15.92 19.12 -16.65
CA LEU C 274 14.86 19.77 -15.89
C LEU C 274 14.32 18.84 -14.81
N LYS C 275 14.10 17.57 -15.15
CA LYS C 275 13.60 16.63 -14.16
C LYS C 275 14.63 16.41 -13.05
N VAL C 276 15.91 16.39 -13.37
CA VAL C 276 16.94 16.25 -12.35
C VAL C 276 16.93 17.46 -11.41
N LEU C 277 16.84 18.66 -11.98
CA LEU C 277 16.81 19.86 -11.15
C LEU C 277 15.57 19.87 -10.26
N ILE C 278 14.43 19.45 -10.79
CA ILE C 278 13.21 19.41 -10.01
C ILE C 278 13.31 18.37 -8.90
N GLU C 279 13.96 17.24 -9.17
CA GLU C 279 14.16 16.24 -8.11
C GLU C 279 15.04 16.78 -7.00
N GLN C 280 16.11 17.49 -7.35
CA GLN C 280 16.97 18.08 -6.33
C GLN C 280 16.23 19.14 -5.52
N MET C 281 15.41 19.97 -6.19
CA MET C 281 14.60 20.94 -5.47
C MET C 281 13.62 20.26 -4.53
N ARG C 282 13.00 19.16 -4.98
CA ARG C 282 12.08 18.43 -4.10
C ARG C 282 12.81 17.90 -2.87
N GLU C 283 14.02 17.36 -3.08
CA GLU C 283 14.78 16.85 -1.95
C GLU C 283 15.08 17.96 -0.95
N GLN C 284 15.45 19.15 -1.44
CA GLN C 284 15.73 20.26 -0.54
C GLN C 284 14.45 20.77 0.13
N ILE C 285 13.35 20.82 -0.61
CA ILE C 285 12.10 21.38 -0.11
C ILE C 285 11.45 20.48 0.92
N GLN C 286 11.72 19.18 0.85
CA GLN C 286 11.18 18.24 1.83
C GLN C 286 11.61 18.61 3.25
N ASN C 287 12.69 19.38 3.39
CA ASN C 287 13.23 19.80 4.68
C ASN C 287 12.95 21.26 4.97
N ILE C 288 11.79 21.76 4.55
CA ILE C 288 11.41 23.16 4.73
C ILE C 288 10.10 23.22 5.49
N GLU C 289 10.05 24.06 6.53
CA GLU C 289 8.83 24.26 7.28
C GLU C 289 7.80 25.02 6.45
N MET D 3 -17.47 -29.87 -12.21
CA MET D 3 -18.03 -28.73 -12.91
C MET D 3 -17.07 -27.55 -12.89
N ILE D 4 -17.63 -26.34 -12.95
CA ILE D 4 -16.84 -25.12 -12.91
C ILE D 4 -16.77 -24.63 -11.47
N ARG D 5 -15.62 -24.09 -11.09
CA ARG D 5 -15.35 -23.72 -9.70
C ARG D 5 -15.09 -22.23 -9.59
N SER D 6 -15.66 -21.63 -8.55
CA SER D 6 -15.37 -20.24 -8.25
C SER D 6 -13.94 -20.07 -7.76
N MET D 7 -13.35 -18.92 -8.06
CA MET D 7 -11.98 -18.67 -7.64
C MET D 7 -11.87 -18.37 -6.15
N THR D 8 -12.90 -17.76 -5.57
CA THR D 8 -12.86 -17.36 -4.17
C THR D 8 -13.60 -18.37 -3.30
N ALA D 9 -12.98 -18.75 -2.19
CA ALA D 9 -13.56 -19.72 -1.27
C ALA D 9 -12.83 -19.59 0.06
N TYR D 10 -13.33 -20.32 1.06
CA TYR D 10 -12.73 -20.28 2.38
C TYR D 10 -12.92 -21.64 3.04
N ALA D 11 -11.83 -22.20 3.57
CA ALA D 11 -11.90 -23.47 4.28
C ALA D 11 -11.03 -23.39 5.53
N ARG D 12 -11.45 -24.09 6.57
CA ARG D 12 -10.77 -24.05 7.85
C ARG D 12 -10.96 -25.38 8.55
N ARG D 13 -9.88 -25.88 9.15
CA ARG D 13 -9.96 -27.17 9.83
C ARG D 13 -9.00 -27.19 11.01
N GLU D 14 -9.47 -27.64 12.16
CA GLU D 14 -8.69 -27.67 13.38
C GLU D 14 -8.53 -29.11 13.86
N ILE D 15 -7.31 -29.45 14.29
CA ILE D 15 -7.00 -30.77 14.81
C ILE D 15 -6.46 -30.62 16.22
N LYS D 16 -6.87 -31.54 17.10
CA LYS D 16 -6.47 -31.54 18.49
C LYS D 16 -5.74 -32.83 18.82
N GLY D 17 -4.90 -32.77 19.85
CA GLY D 17 -4.21 -33.95 20.33
C GLY D 17 -3.44 -33.61 21.59
N GLU D 18 -2.85 -34.65 22.18
CA GLU D 18 -2.11 -34.47 23.42
C GLU D 18 -0.95 -33.49 23.24
N TRP D 19 -0.41 -33.37 22.02
CA TRP D 19 0.66 -32.42 21.77
C TRP D 19 0.14 -31.00 21.74
N GLY D 20 -1.10 -30.79 21.34
CA GLY D 20 -1.65 -29.45 21.26
C GLY D 20 -2.67 -29.37 20.13
N SER D 21 -2.83 -28.17 19.60
CA SER D 21 -3.82 -27.88 18.57
C SER D 21 -3.16 -27.25 17.36
N ALA D 22 -3.64 -27.62 16.18
CA ALA D 22 -3.18 -27.03 14.93
C ALA D 22 -4.39 -26.63 14.09
N THR D 23 -4.22 -25.57 13.30
CA THR D 23 -5.32 -25.00 12.54
C THR D 23 -4.86 -24.66 11.13
N TRP D 24 -5.56 -25.20 10.14
CA TRP D 24 -5.32 -24.88 8.75
C TRP D 24 -6.40 -23.93 8.28
N GLU D 25 -6.00 -22.85 7.62
CA GLU D 25 -6.94 -21.90 7.05
C GLU D 25 -6.52 -21.57 5.63
N MET D 26 -7.38 -21.85 4.67
CA MET D 26 -7.11 -21.59 3.25
C MET D 26 -8.15 -20.62 2.72
N ARG D 27 -7.69 -19.53 2.11
CA ARG D 27 -8.59 -18.54 1.54
C ARG D 27 -8.03 -18.03 0.23
N SER D 28 -8.89 -17.91 -0.79
CA SER D 28 -8.45 -17.48 -2.09
C SER D 28 -9.35 -16.37 -2.62
N VAL D 29 -8.80 -15.55 -3.50
CA VAL D 29 -9.53 -14.49 -4.18
C VAL D 29 -9.12 -14.49 -5.66
N ASN D 30 -9.82 -13.69 -6.44
CA ASN D 30 -9.62 -13.66 -7.87
C ASN D 30 -8.21 -13.21 -8.23
N GLN D 31 -7.66 -13.81 -9.28
CA GLN D 31 -6.32 -13.48 -9.75
C GLN D 31 -6.20 -13.93 -11.19
N ARG D 32 -5.32 -13.25 -11.94
CA ARG D 32 -5.09 -13.63 -13.32
C ARG D 32 -4.42 -15.00 -13.42
N TYR D 33 -3.47 -15.27 -12.52
CA TYR D 33 -2.78 -16.55 -12.50
C TYR D 33 -2.88 -17.18 -11.12
N LEU D 34 -2.13 -18.26 -10.88
CA LEU D 34 -2.14 -18.95 -9.60
C LEU D 34 -0.99 -18.43 -8.75
N GLU D 35 -1.33 -17.79 -7.63
CA GLU D 35 -0.35 -17.34 -6.65
C GLU D 35 -0.68 -18.00 -5.32
N THR D 36 0.32 -18.68 -4.73
CA THR D 36 0.14 -19.35 -3.45
C THR D 36 1.13 -18.78 -2.45
N TYR D 37 0.62 -18.20 -1.38
CA TYR D 37 1.43 -17.67 -0.29
C TYR D 37 1.16 -18.48 0.97
N PHE D 38 2.22 -18.98 1.58
CA PHE D 38 2.12 -19.84 2.75
C PHE D 38 2.68 -19.12 3.97
N ARG D 39 1.92 -19.12 5.06
CA ARG D 39 2.34 -18.54 6.33
C ARG D 39 2.40 -19.68 7.34
N LEU D 40 3.52 -20.34 7.39
CA LEU D 40 3.71 -21.52 8.21
C LEU D 40 4.44 -21.17 9.50
N PRO D 41 4.20 -21.92 10.58
CA PRO D 41 4.89 -21.64 11.84
C PRO D 41 6.37 -21.98 11.73
N GLU D 42 7.13 -21.48 12.72
CA GLU D 42 8.58 -21.65 12.70
C GLU D 42 8.97 -23.12 12.73
N GLN D 43 8.28 -23.92 13.55
CA GLN D 43 8.65 -25.32 13.69
C GLN D 43 8.35 -26.14 12.44
N PHE D 44 7.46 -25.65 11.57
CA PHE D 44 7.02 -26.42 10.40
C PHE D 44 7.28 -25.69 9.09
N ARG D 45 8.37 -24.91 9.02
CA ARG D 45 8.70 -24.24 7.78
C ARG D 45 9.19 -25.19 6.70
N SER D 46 9.58 -26.41 7.09
CA SER D 46 10.11 -27.36 6.12
C SER D 46 9.02 -28.05 5.31
N LEU D 47 7.75 -27.83 5.64
CA LEU D 47 6.65 -28.42 4.90
C LEU D 47 6.26 -27.60 3.68
N GLU D 48 6.91 -26.46 3.44
CA GLU D 48 6.51 -25.59 2.34
C GLU D 48 6.56 -26.27 0.98
N PRO D 49 7.61 -27.00 0.60
CA PRO D 49 7.59 -27.64 -0.74
C PRO D 49 6.47 -28.65 -0.92
N VAL D 50 6.22 -29.51 0.08
CA VAL D 50 5.19 -30.52 -0.05
C VAL D 50 3.80 -29.88 -0.13
N VAL D 51 3.54 -28.91 0.76
CA VAL D 51 2.26 -28.23 0.75
C VAL D 51 2.06 -27.49 -0.57
N ARG D 52 3.10 -26.82 -1.05
CA ARG D 52 2.99 -26.10 -2.31
C ARG D 52 2.70 -27.04 -3.46
N GLU D 53 3.38 -28.19 -3.50
CA GLU D 53 3.14 -29.15 -4.57
C GLU D 53 1.70 -29.64 -4.54
N ARG D 54 1.18 -29.96 -3.36
CA ARG D 54 -0.18 -30.45 -3.27
C ARG D 54 -1.19 -29.37 -3.67
N ILE D 55 -0.98 -28.15 -3.20
CA ILE D 55 -1.88 -27.04 -3.54
C ILE D 55 -1.91 -26.85 -5.05
N ARG D 56 -0.73 -26.78 -5.68
CA ARG D 56 -0.67 -26.54 -7.11
C ARG D 56 -1.24 -27.71 -7.90
N SER D 57 -1.14 -28.93 -7.37
CA SER D 57 -1.76 -30.06 -8.04
C SER D 57 -3.28 -29.95 -8.02
N ARG D 58 -3.85 -29.58 -6.87
CA ARG D 58 -5.31 -29.58 -6.75
C ARG D 58 -5.95 -28.38 -7.43
N LEU D 59 -5.30 -27.21 -7.41
CA LEU D 59 -5.93 -25.97 -7.84
C LEU D 59 -5.37 -25.52 -9.19
N THR D 60 -6.18 -24.74 -9.90
CA THR D 60 -5.81 -24.22 -11.22
C THR D 60 -5.31 -22.78 -11.15
N ARG D 61 -6.11 -21.87 -10.61
CA ARG D 61 -5.66 -20.49 -10.48
C ARG D 61 -6.44 -19.81 -9.37
N GLY D 62 -5.88 -18.71 -8.89
CA GLY D 62 -6.44 -17.98 -7.78
C GLY D 62 -5.33 -17.25 -7.04
N LYS D 63 -5.69 -16.71 -5.87
CA LYS D 63 -4.70 -16.09 -5.00
C LYS D 63 -4.65 -16.81 -3.66
N VAL D 64 -4.57 -18.14 -3.71
CA VAL D 64 -4.71 -18.96 -2.51
C VAL D 64 -3.66 -18.57 -1.47
N GLU D 65 -4.10 -18.46 -0.22
CA GLU D 65 -3.22 -18.25 0.92
C GLU D 65 -3.57 -19.27 1.98
N CYS D 66 -2.56 -20.00 2.44
CA CYS D 66 -2.71 -21.04 3.45
C CYS D 66 -1.92 -20.65 4.68
N THR D 67 -2.59 -20.64 5.83
CA THR D 67 -1.96 -20.32 7.10
C THR D 67 -2.13 -21.49 8.06
N LEU D 68 -1.04 -21.90 8.68
CA LEU D 68 -1.04 -22.94 9.68
C LEU D 68 -0.71 -22.31 11.04
N ARG D 69 -1.62 -22.48 11.99
CA ARG D 69 -1.43 -22.00 13.35
C ARG D 69 -1.11 -23.19 14.23
N TYR D 70 0.02 -23.14 14.93
CA TYR D 70 0.47 -24.21 15.78
C TYR D 70 0.48 -23.73 17.23
N GLU D 71 -0.20 -24.48 18.10
CA GLU D 71 -0.36 -24.13 19.51
C GLU D 71 0.06 -25.32 20.36
N PRO D 72 1.35 -25.48 20.61
CA PRO D 72 1.81 -26.63 21.42
C PRO D 72 1.30 -26.53 22.84
N ASP D 73 1.05 -27.70 23.43
CA ASP D 73 0.71 -27.75 24.84
C ASP D 73 1.94 -27.47 25.68
N VAL D 74 1.75 -26.72 26.78
CA VAL D 74 2.87 -26.33 27.62
C VAL D 74 3.51 -27.56 28.26
N SER D 75 2.70 -28.49 28.75
CA SER D 75 3.17 -29.69 29.40
C SER D 75 3.06 -30.86 28.44
N ALA D 76 4.19 -31.51 28.17
CA ALA D 76 4.19 -32.66 27.26
C ALA D 76 5.45 -33.48 27.50
N GLN D 77 5.43 -34.70 26.98
CA GLN D 77 6.59 -35.61 27.00
C GLN D 77 7.06 -35.90 28.42
N GLY D 78 6.11 -36.03 29.33
CA GLY D 78 6.43 -36.44 30.69
C GLY D 78 7.30 -35.43 31.40
N GLU D 79 8.45 -35.89 31.89
CA GLU D 79 9.34 -35.04 32.68
C GLU D 79 9.86 -33.88 31.84
N LEU D 80 9.95 -32.70 32.47
CA LEU D 80 10.47 -31.53 31.79
C LEU D 80 11.95 -31.71 31.47
N ILE D 81 12.34 -31.24 30.29
CA ILE D 81 13.74 -31.32 29.87
C ILE D 81 14.56 -30.31 30.67
N LEU D 82 15.57 -30.80 31.38
CA LEU D 82 16.42 -29.97 32.22
C LEU D 82 17.85 -30.01 31.69
N ASN D 83 18.50 -28.86 31.71
CA ASN D 83 19.93 -28.78 31.40
C ASN D 83 20.69 -29.26 32.63
N GLU D 84 21.07 -30.55 32.62
CA GLU D 84 21.67 -31.15 33.81
C GLU D 84 22.98 -30.48 34.17
N LYS D 85 23.82 -30.18 33.19
CA LYS D 85 25.11 -29.55 33.47
C LYS D 85 24.91 -28.15 34.05
N LEU D 86 24.01 -27.36 33.46
CA LEU D 86 23.81 -26.00 33.93
C LEU D 86 23.20 -25.99 35.33
N ALA D 87 22.25 -26.87 35.60
CA ALA D 87 21.67 -26.95 36.94
C ALA D 87 22.70 -27.39 37.96
N LYS D 88 23.53 -28.37 37.61
CA LYS D 88 24.58 -28.81 38.51
C LYS D 88 25.64 -27.73 38.69
N GLN D 89 25.95 -27.01 37.62
CA GLN D 89 26.96 -25.95 37.69
C GLN D 89 26.54 -24.85 38.66
N LEU D 90 25.28 -24.46 38.62
CA LEU D 90 24.79 -23.41 39.53
C LEU D 90 24.79 -23.89 40.98
N VAL D 91 24.49 -25.17 41.22
CA VAL D 91 24.50 -25.69 42.58
C VAL D 91 25.90 -25.61 43.17
N THR D 92 26.91 -25.99 42.39
CA THR D 92 28.28 -25.91 42.87
C THR D 92 28.67 -24.46 43.15
N ALA D 93 28.31 -23.54 42.24
CA ALA D 93 28.59 -22.13 42.47
C ALA D 93 27.86 -21.61 43.69
N ALA D 94 26.59 -22.01 43.85
CA ALA D 94 25.82 -21.56 45.02
C ALA D 94 26.41 -22.11 46.30
N ASN D 95 26.92 -23.35 46.28
CA ASN D 95 27.50 -23.95 47.47
C ASN D 95 28.73 -23.17 47.92
N TRP D 96 29.52 -22.67 46.98
CA TRP D 96 30.70 -21.90 47.32
C TRP D 96 30.32 -20.61 48.05
N VAL D 97 29.21 -19.98 47.64
CA VAL D 97 28.75 -18.78 48.32
C VAL D 97 28.36 -19.08 49.75
N LYS D 98 27.79 -20.27 49.98
CA LYS D 98 27.37 -20.64 51.33
C LYS D 98 28.56 -20.77 52.27
N MET D 99 29.70 -21.25 51.76
CA MET D 99 30.86 -21.45 52.62
C MET D 99 31.35 -20.13 53.21
N GLN D 100 31.40 -19.08 52.39
CA GLN D 100 31.88 -17.79 52.87
C GLN D 100 30.90 -17.17 53.87
N SER D 101 29.61 -17.15 53.54
CA SER D 101 28.63 -16.54 54.42
C SER D 101 28.26 -17.43 55.60
N ASP D 102 28.54 -18.74 55.52
CA ASP D 102 28.25 -19.75 56.53
C ASP D 102 26.76 -19.98 56.72
N GLU D 103 25.90 -19.27 56.00
CA GLU D 103 24.46 -19.43 56.09
C GLU D 103 23.85 -19.26 54.70
N GLY D 104 22.84 -20.06 54.41
CA GLY D 104 22.15 -19.91 53.14
C GLY D 104 21.30 -21.13 52.82
N GLU D 105 20.39 -20.94 51.87
CA GLU D 105 19.53 -22.01 51.40
C GLU D 105 19.26 -21.79 49.91
N ILE D 106 19.10 -22.88 49.18
CA ILE D 106 18.92 -22.85 47.74
C ILE D 106 17.48 -23.23 47.44
N ASN D 107 16.73 -22.28 46.89
CA ASN D 107 15.36 -22.56 46.46
C ASN D 107 15.39 -23.28 45.12
N PRO D 108 14.79 -24.48 45.00
CA PRO D 108 14.83 -25.18 43.72
C PRO D 108 14.19 -24.40 42.58
N VAL D 109 13.11 -23.68 42.85
CA VAL D 109 12.45 -22.93 41.78
C VAL D 109 13.32 -21.78 41.30
N ASP D 110 14.16 -21.23 42.17
CA ASP D 110 15.07 -20.16 41.75
C ASP D 110 16.05 -20.65 40.70
N ILE D 111 16.57 -21.87 40.88
CA ILE D 111 17.46 -22.44 39.88
C ILE D 111 16.70 -22.78 38.61
N LEU D 112 15.48 -23.29 38.75
CA LEU D 112 14.66 -23.58 37.57
C LEU D 112 14.35 -22.31 36.79
N ARG D 113 14.07 -21.21 37.50
CA ARG D 113 13.79 -19.96 36.83
C ARG D 113 15.01 -19.35 36.16
N TRP D 114 16.20 -19.87 36.43
CA TRP D 114 17.40 -19.34 35.79
C TRP D 114 17.34 -19.59 34.29
N PRO D 115 17.67 -18.60 33.47
CA PRO D 115 17.63 -18.81 32.02
C PRO D 115 18.59 -19.91 31.58
N GLY D 116 18.14 -20.72 30.62
CA GLY D 116 18.91 -21.81 30.09
C GLY D 116 18.70 -23.14 30.81
N VAL D 117 18.39 -23.11 32.11
CA VAL D 117 18.13 -24.35 32.83
C VAL D 117 16.88 -25.03 32.30
N MET D 118 15.82 -24.27 32.06
CA MET D 118 14.58 -24.81 31.52
C MET D 118 14.59 -24.58 30.01
N ALA D 119 15.19 -25.53 29.29
CA ALA D 119 15.25 -25.42 27.84
C ALA D 119 13.87 -25.60 27.22
N ALA D 120 13.74 -25.15 25.99
CA ALA D 120 12.48 -25.30 25.26
C ALA D 120 12.11 -26.78 25.16
N GLN D 121 10.85 -27.08 25.46
CA GLN D 121 10.41 -28.47 25.52
C GLN D 121 10.50 -29.11 24.14
N GLU D 122 11.04 -30.33 24.11
CA GLU D 122 11.24 -31.03 22.86
C GLU D 122 9.94 -31.70 22.41
N GLN D 123 9.64 -31.58 21.11
CA GLN D 123 8.49 -32.20 20.51
C GLN D 123 8.94 -33.14 19.40
N ASP D 124 8.10 -34.14 19.10
CA ASP D 124 8.46 -35.12 18.08
C ASP D 124 8.60 -34.44 16.71
N LEU D 125 7.65 -33.57 16.37
CA LEU D 125 7.65 -32.80 15.12
C LEU D 125 7.66 -33.67 13.88
N ASP D 126 7.51 -34.98 14.02
CA ASP D 126 7.44 -35.90 12.88
C ASP D 126 6.12 -36.64 12.83
N ALA D 127 5.66 -37.19 13.97
CA ALA D 127 4.32 -37.74 14.02
C ALA D 127 3.27 -36.65 13.88
N ILE D 128 3.57 -35.44 14.38
CA ILE D 128 2.64 -34.33 14.23
C ILE D 128 2.57 -33.87 12.78
N ALA D 129 3.65 -34.02 12.03
CA ALA D 129 3.65 -33.61 10.63
C ALA D 129 2.66 -34.42 9.81
N ALA D 130 2.54 -35.71 10.09
CA ALA D 130 1.58 -36.53 9.37
C ALA D 130 0.15 -36.07 9.63
N GLU D 131 -0.16 -35.76 10.90
CA GLU D 131 -1.50 -35.26 11.23
C GLU D 131 -1.76 -33.92 10.58
N ILE D 132 -0.74 -33.05 10.55
CA ILE D 132 -0.91 -31.74 9.91
C ILE D 132 -1.13 -31.89 8.42
N LEU D 133 -0.43 -32.82 7.77
CA LEU D 133 -0.63 -33.02 6.34
C LEU D 133 -2.00 -33.63 6.07
N ALA D 134 -2.48 -34.53 6.94
CA ALA D 134 -3.83 -35.05 6.79
C ALA D 134 -4.87 -33.94 6.94
N ALA D 135 -4.66 -33.05 7.90
CA ALA D 135 -5.54 -31.89 8.05
C ALA D 135 -5.49 -31.00 6.82
N LEU D 136 -4.30 -30.87 6.21
CA LEU D 136 -4.19 -30.11 4.98
C LEU D 136 -5.00 -30.73 3.85
N ASP D 137 -4.95 -32.06 3.72
CA ASP D 137 -5.76 -32.72 2.70
C ASP D 137 -7.25 -32.53 2.95
N GLY D 138 -7.67 -32.64 4.22
CA GLY D 138 -9.06 -32.36 4.54
C GLY D 138 -9.48 -30.94 4.21
N THR D 139 -8.59 -29.98 4.50
CA THR D 139 -8.89 -28.59 4.18
C THR D 139 -8.96 -28.36 2.68
N LEU D 140 -8.13 -29.05 1.91
CA LEU D 140 -8.25 -29.01 0.45
C LEU D 140 -9.58 -29.55 -0.03
N ASP D 141 -10.03 -30.65 0.56
CA ASP D 141 -11.32 -31.21 0.17
C ASP D 141 -12.45 -30.22 0.48
N ASP D 142 -12.41 -29.60 1.66
CA ASP D 142 -13.40 -28.59 2.01
C ASP D 142 -13.31 -27.37 1.09
N PHE D 143 -12.09 -26.95 0.77
CA PHE D 143 -11.89 -25.79 -0.10
C PHE D 143 -12.44 -26.05 -1.49
N ILE D 144 -12.20 -27.24 -2.04
CA ILE D 144 -12.71 -27.57 -3.37
C ILE D 144 -14.23 -27.69 -3.34
N VAL D 145 -14.79 -28.25 -2.26
CA VAL D 145 -16.24 -28.32 -2.15
C VAL D 145 -16.84 -26.93 -2.12
N ALA D 146 -16.23 -26.01 -1.36
CA ALA D 146 -16.72 -24.64 -1.30
C ALA D 146 -16.59 -23.94 -2.65
N ARG D 147 -15.50 -24.22 -3.38
CA ARG D 147 -15.34 -23.64 -4.71
C ARG D 147 -16.43 -24.13 -5.65
N GLU D 148 -16.72 -25.43 -5.63
CA GLU D 148 -17.73 -25.98 -6.53
C GLU D 148 -19.12 -25.48 -6.16
N THR D 149 -19.42 -25.36 -4.87
CA THR D 149 -20.72 -24.87 -4.45
C THR D 149 -20.96 -23.44 -4.94
N GLU D 150 -19.96 -22.59 -4.77
CA GLU D 150 -20.07 -21.22 -5.28
C GLU D 150 -20.08 -21.20 -6.81
N GLY D 151 -19.35 -22.12 -7.43
CA GLY D 151 -19.31 -22.16 -8.89
C GLY D 151 -20.65 -22.50 -9.51
N GLN D 152 -21.44 -23.34 -8.85
CA GLN D 152 -22.75 -23.69 -9.39
C GLN D 152 -23.67 -22.48 -9.44
N ALA D 153 -23.56 -21.58 -8.46
CA ALA D 153 -24.34 -20.35 -8.50
C ALA D 153 -23.92 -19.48 -9.68
N LEU D 154 -22.63 -19.42 -9.98
CA LEU D 154 -22.15 -18.63 -11.10
C LEU D 154 -22.64 -19.20 -12.42
N LYS D 155 -22.70 -20.52 -12.53
CA LYS D 155 -23.20 -21.15 -13.76
C LYS D 155 -24.66 -20.80 -14.00
N ALA D 156 -25.47 -20.75 -12.93
CA ALA D 156 -26.87 -20.38 -13.09
C ALA D 156 -27.01 -18.95 -13.58
N LEU D 157 -26.22 -18.03 -13.02
CA LEU D 157 -26.32 -16.63 -13.42
C LEU D 157 -25.95 -16.43 -14.88
N ILE D 158 -24.89 -17.11 -15.33
CA ILE D 158 -24.46 -16.98 -16.73
C ILE D 158 -25.54 -17.52 -17.66
N GLU D 159 -26.12 -18.66 -17.32
CA GLU D 159 -27.15 -19.24 -18.18
C GLU D 159 -28.43 -18.41 -18.18
N GLN D 160 -28.73 -17.72 -17.08
CA GLN D 160 -29.87 -16.82 -17.07
C GLN D 160 -29.67 -15.67 -18.04
N ARG D 161 -28.45 -15.11 -18.07
CA ARG D 161 -28.17 -14.01 -18.99
C ARG D 161 -28.10 -14.49 -20.43
N LEU D 162 -27.64 -15.72 -20.66
CA LEU D 162 -27.59 -16.25 -22.02
C LEU D 162 -28.99 -16.39 -22.61
N GLU D 163 -29.97 -16.79 -21.78
CA GLU D 163 -31.35 -16.80 -22.25
C GLU D 163 -31.81 -15.38 -22.60
N GLY D 164 -31.31 -14.37 -21.88
CA GLY D 164 -31.64 -13.01 -22.23
C GLY D 164 -31.06 -12.60 -23.57
N VAL D 165 -29.86 -13.10 -23.90
CA VAL D 165 -29.24 -12.77 -25.18
C VAL D 165 -30.05 -13.36 -26.33
N THR D 166 -30.51 -14.61 -26.17
CA THR D 166 -31.33 -15.22 -27.21
C THR D 166 -32.65 -14.48 -27.39
N ALA D 167 -33.25 -14.06 -26.27
CA ALA D 167 -34.49 -13.29 -26.37
C ALA D 167 -34.27 -11.96 -27.08
N GLU D 168 -33.15 -11.29 -26.80
CA GLU D 168 -32.86 -10.02 -27.46
C GLU D 168 -32.62 -10.23 -28.95
N VAL D 169 -31.92 -11.30 -29.32
CA VAL D 169 -31.68 -11.58 -30.73
C VAL D 169 -33.00 -11.84 -31.45
N VAL D 170 -33.94 -12.52 -30.78
CA VAL D 170 -35.26 -12.74 -31.36
C VAL D 170 -35.96 -11.40 -31.60
N LYS D 171 -35.87 -10.49 -30.62
CA LYS D 171 -36.52 -9.20 -30.76
C LYS D 171 -35.95 -8.40 -31.92
N VAL D 172 -34.62 -8.42 -32.08
CA VAL D 172 -34.01 -7.68 -33.18
C VAL D 172 -34.44 -8.25 -34.52
N ARG D 173 -34.48 -9.58 -34.64
CA ARG D 173 -34.83 -10.20 -35.90
C ARG D 173 -36.30 -9.99 -36.27
N SER D 174 -37.14 -9.59 -35.32
CA SER D 174 -38.54 -9.32 -35.60
C SER D 174 -38.80 -7.84 -35.85
N HIS D 175 -38.04 -6.95 -35.24
CA HIS D 175 -38.19 -5.51 -35.45
C HIS D 175 -37.33 -4.98 -36.59
N MET D 176 -36.59 -5.86 -37.27
CA MET D 176 -35.71 -5.44 -38.35
C MET D 176 -36.48 -5.42 -39.66
N PRO D 177 -36.63 -4.28 -40.33
CA PRO D 177 -37.33 -4.25 -41.61
C PRO D 177 -36.46 -4.83 -42.73
N GLU D 178 -37.11 -5.03 -43.88
CA GLU D 178 -36.38 -5.49 -45.05
C GLU D 178 -35.36 -4.44 -45.47
N ILE D 179 -34.08 -4.83 -45.48
CA ILE D 179 -33.01 -3.87 -45.71
C ILE D 179 -33.10 -3.29 -47.12
N LEU D 180 -33.33 -4.15 -48.12
CA LEU D 180 -33.39 -3.67 -49.50
C LEU D 180 -34.55 -2.71 -49.70
N GLN D 181 -35.72 -3.03 -49.13
CA GLN D 181 -36.87 -2.15 -49.30
C GLN D 181 -36.74 -0.89 -48.46
N TRP D 182 -36.15 -0.98 -47.28
CA TRP D 182 -36.04 0.19 -46.41
C TRP D 182 -35.21 1.30 -47.05
N GLN D 183 -34.06 0.94 -47.63
CA GLN D 183 -33.22 1.94 -48.25
C GLN D 183 -33.78 2.41 -49.59
N ARG D 184 -34.55 1.57 -50.28
CA ARG D 184 -35.16 1.99 -51.53
C ARG D 184 -36.17 3.11 -51.30
N GLU D 185 -37.04 2.94 -50.31
CA GLU D 185 -38.03 3.98 -50.00
C GLU D 185 -37.35 5.26 -49.52
N ARG D 186 -36.33 5.13 -48.68
CA ARG D 186 -35.62 6.30 -48.18
C ARG D 186 -34.92 7.05 -49.31
N LEU D 187 -34.28 6.32 -50.22
CA LEU D 187 -33.60 6.96 -51.34
C LEU D 187 -34.58 7.65 -52.27
N VAL D 188 -35.72 7.02 -52.55
CA VAL D 188 -36.69 7.60 -53.48
C VAL D 188 -37.20 8.93 -52.96
N ALA D 189 -37.54 8.99 -51.67
CA ALA D 189 -38.03 10.24 -51.09
C ALA D 189 -36.95 11.31 -51.12
N LYS D 190 -35.71 10.95 -50.78
CA LYS D 190 -34.63 11.92 -50.84
C LYS D 190 -34.32 12.35 -52.28
N LEU D 191 -34.34 11.39 -53.21
CA LEU D 191 -34.11 11.74 -54.61
C LEU D 191 -35.30 12.47 -55.22
N GLU D 192 -36.48 12.40 -54.58
CA GLU D 192 -37.63 13.14 -55.08
C GLU D 192 -37.39 14.64 -55.00
N ASP D 193 -36.68 15.09 -53.96
CA ASP D 193 -36.29 16.49 -53.89
C ASP D 193 -35.29 16.85 -54.98
N ALA D 194 -34.34 15.94 -55.25
CA ALA D 194 -33.36 16.19 -56.30
C ALA D 194 -33.99 16.16 -57.69
N GLN D 195 -35.02 15.33 -57.87
CA GLN D 195 -35.82 15.22 -59.10
C GLN D 195 -35.04 14.68 -60.29
N VAL D 196 -33.79 14.28 -60.11
CA VAL D 196 -32.96 13.77 -61.21
C VAL D 196 -32.38 12.42 -60.80
N GLN D 197 -32.51 11.44 -61.69
CA GLN D 197 -31.94 10.11 -61.50
C GLN D 197 -31.05 9.78 -62.69
N LEU D 198 -29.79 9.43 -62.41
CA LEU D 198 -28.84 9.17 -63.49
C LEU D 198 -29.23 7.92 -64.27
N GLU D 199 -29.46 6.81 -63.57
CA GLU D 199 -29.77 5.54 -64.22
C GLU D 199 -30.44 4.61 -63.22
N ASN D 200 -31.58 4.04 -63.59
CA ASN D 200 -32.27 3.11 -62.72
C ASN D 200 -31.56 1.76 -62.68
N ASN D 201 -30.91 1.36 -63.78
CA ASN D 201 -30.26 0.05 -63.82
C ASN D 201 -29.04 0.01 -62.91
N ARG D 202 -28.17 1.01 -62.99
CA ARG D 202 -26.98 1.03 -62.15
C ARG D 202 -27.32 1.28 -60.69
N LEU D 203 -28.41 2.00 -60.43
CA LEU D 203 -28.81 2.27 -59.05
C LEU D 203 -29.19 1.00 -58.32
N GLU D 204 -29.85 0.06 -59.00
CA GLU D 204 -30.27 -1.17 -58.35
C GLU D 204 -29.08 -2.05 -57.96
N GLN D 205 -28.00 -2.02 -58.74
CA GLN D 205 -26.83 -2.81 -58.40
C GLN D 205 -26.21 -2.36 -57.09
N GLU D 206 -26.12 -1.04 -56.88
CA GLU D 206 -25.49 -0.52 -55.67
C GLU D 206 -26.34 -0.81 -54.44
N LEU D 207 -27.66 -0.89 -54.58
CA LEU D 207 -28.52 -1.16 -53.44
C LEU D 207 -28.21 -2.52 -52.84
N VAL D 208 -28.03 -3.55 -53.68
CA VAL D 208 -27.75 -4.88 -53.17
C VAL D 208 -26.35 -4.95 -52.59
N LEU D 209 -25.37 -4.33 -53.27
CA LEU D 209 -23.99 -4.39 -52.78
C LEU D 209 -23.84 -3.68 -51.44
N LEU D 210 -24.49 -2.54 -51.28
CA LEU D 210 -24.38 -1.77 -50.04
C LEU D 210 -25.47 -2.11 -49.04
N ALA D 211 -26.34 -3.08 -49.33
CA ALA D 211 -27.32 -3.52 -48.34
C ALA D 211 -26.64 -4.17 -47.15
N GLN D 212 -25.54 -4.89 -47.37
CA GLN D 212 -24.83 -5.57 -46.28
C GLN D 212 -24.16 -4.58 -45.33
N ARG D 213 -24.00 -3.32 -45.74
CA ARG D 213 -23.40 -2.34 -44.85
C ARG D 213 -24.28 -2.07 -43.64
N ILE D 214 -25.60 -2.01 -43.85
CA ILE D 214 -26.54 -1.76 -42.77
C ILE D 214 -27.26 -3.02 -42.30
N ASP D 215 -27.11 -4.13 -43.01
CA ASP D 215 -27.78 -5.36 -42.61
C ASP D 215 -27.07 -5.97 -41.41
N VAL D 216 -27.83 -6.32 -40.37
CA VAL D 216 -27.31 -6.91 -39.16
C VAL D 216 -27.67 -8.38 -39.04
N ALA D 217 -28.14 -9.00 -40.12
CA ALA D 217 -28.45 -10.42 -40.08
C ALA D 217 -27.20 -11.25 -39.84
N GLU D 218 -26.08 -10.86 -40.45
CA GLU D 218 -24.83 -11.58 -40.25
C GLU D 218 -24.36 -11.47 -38.80
N GLU D 219 -24.47 -10.28 -38.20
CA GLU D 219 -24.05 -10.10 -36.82
C GLU D 219 -24.92 -10.92 -35.87
N LEU D 220 -26.22 -11.00 -36.14
CA LEU D 220 -27.12 -11.75 -35.27
C LEU D 220 -26.81 -13.24 -35.32
N ASP D 221 -26.45 -13.76 -36.49
CA ASP D 221 -26.13 -15.17 -36.60
C ASP D 221 -24.92 -15.54 -35.77
N ARG D 222 -23.90 -14.66 -35.77
CA ARG D 222 -22.73 -14.91 -34.94
C ARG D 222 -23.08 -14.86 -33.46
N LEU D 223 -24.00 -13.98 -33.07
CA LEU D 223 -24.46 -13.96 -31.68
C LEU D 223 -25.16 -15.27 -31.32
N GLU D 224 -25.96 -15.80 -32.23
CA GLU D 224 -26.61 -17.08 -31.98
C GLU D 224 -25.62 -18.23 -32.02
N ALA D 225 -24.52 -18.07 -32.75
CA ALA D 225 -23.49 -19.11 -32.75
C ALA D 225 -22.68 -19.10 -31.47
N HIS D 226 -22.52 -17.92 -30.86
CA HIS D 226 -21.72 -17.82 -29.63
C HIS D 226 -22.48 -18.34 -28.42
N VAL D 227 -23.79 -18.10 -28.35
CA VAL D 227 -24.56 -18.62 -27.21
C VAL D 227 -24.59 -20.14 -27.25
N LYS D 228 -24.63 -20.73 -28.45
CA LYS D 228 -24.53 -22.18 -28.55
C LYS D 228 -23.14 -22.65 -28.14
N GLU D 229 -22.10 -21.91 -28.50
CA GLU D 229 -20.74 -22.28 -28.10
C GLU D 229 -20.52 -22.04 -26.62
N THR D 230 -21.10 -20.98 -26.06
CA THR D 230 -20.93 -20.69 -24.65
C THR D 230 -21.57 -21.78 -23.80
N TYR D 231 -22.71 -22.33 -24.25
CA TYR D 231 -23.31 -23.46 -23.55
C TYR D 231 -22.39 -24.68 -23.58
N ASN D 232 -21.75 -24.91 -24.73
CA ASN D 232 -20.82 -26.03 -24.84
C ASN D 232 -19.61 -25.84 -23.94
N ILE D 233 -19.07 -24.62 -23.88
CA ILE D 233 -17.90 -24.36 -23.06
C ILE D 233 -18.20 -24.58 -21.59
N LEU D 234 -19.42 -24.24 -21.15
CA LEU D 234 -19.78 -24.38 -19.75
C LEU D 234 -19.83 -25.82 -19.28
N LYS D 235 -19.82 -26.79 -20.18
CA LYS D 235 -19.89 -28.20 -19.83
C LYS D 235 -18.56 -28.92 -19.97
N LYS D 236 -17.46 -28.20 -20.15
CA LYS D 236 -16.16 -28.83 -20.27
C LYS D 236 -15.58 -29.12 -18.89
N LYS D 237 -14.73 -30.14 -18.83
CA LYS D 237 -14.12 -30.56 -17.58
C LYS D 237 -12.85 -29.79 -17.24
N GLU D 238 -12.30 -29.01 -18.16
CA GLU D 238 -11.05 -28.30 -17.96
C GLU D 238 -11.33 -26.97 -17.26
N ALA D 239 -10.29 -26.14 -17.15
CA ALA D 239 -10.47 -24.79 -16.62
C ALA D 239 -11.20 -23.95 -17.65
N VAL D 240 -12.24 -23.25 -17.21
CA VAL D 240 -13.16 -22.58 -18.11
C VAL D 240 -13.11 -21.06 -18.00
N GLY D 241 -12.57 -20.52 -16.91
CA GLY D 241 -12.64 -19.08 -16.70
C GLY D 241 -11.92 -18.28 -17.78
N ARG D 242 -10.72 -18.73 -18.17
CA ARG D 242 -9.97 -18.02 -19.20
C ARG D 242 -10.67 -18.12 -20.55
N ARG D 243 -11.20 -19.30 -20.89
CA ARG D 243 -11.85 -19.46 -22.19
C ARG D 243 -13.11 -18.60 -22.29
N LEU D 244 -13.92 -18.58 -21.23
CA LEU D 244 -15.12 -17.76 -21.26
C LEU D 244 -14.78 -16.27 -21.25
N ASP D 245 -13.72 -15.88 -20.56
CA ASP D 245 -13.33 -14.47 -20.53
C ASP D 245 -13.00 -13.96 -21.93
N PHE D 246 -12.31 -14.79 -22.72
CA PHE D 246 -12.02 -14.43 -24.11
C PHE D 246 -13.24 -14.58 -25.00
N MET D 247 -14.26 -15.33 -24.57
CA MET D 247 -15.47 -15.44 -25.37
C MET D 247 -16.29 -14.17 -25.27
N MET D 248 -16.33 -13.53 -24.10
CA MET D 248 -17.09 -12.30 -23.94
C MET D 248 -16.56 -11.18 -24.83
N GLN D 249 -15.29 -11.24 -25.21
CA GLN D 249 -14.78 -10.26 -26.18
C GLN D 249 -15.49 -10.40 -27.52
N GLU D 250 -15.73 -11.64 -27.95
CA GLU D 250 -16.48 -11.86 -29.18
C GLU D 250 -17.93 -11.42 -29.02
N PHE D 251 -18.51 -11.60 -27.83
CA PHE D 251 -19.85 -11.09 -27.59
C PHE D 251 -19.88 -9.57 -27.71
N ASN D 252 -18.89 -8.89 -27.15
CA ASN D 252 -18.84 -7.44 -27.23
C ASN D 252 -18.53 -6.96 -28.64
N ARG D 253 -17.80 -7.77 -29.42
CA ARG D 253 -17.49 -7.37 -30.79
C ARG D 253 -18.75 -7.27 -31.65
N GLU D 254 -19.68 -8.20 -31.48
CA GLU D 254 -20.90 -8.18 -32.28
C GLU D 254 -21.85 -7.08 -31.81
N SER D 255 -21.92 -6.84 -30.49
CA SER D 255 -22.80 -5.81 -29.97
C SER D 255 -22.38 -4.43 -30.46
N ASN D 256 -21.07 -4.18 -30.51
CA ASN D 256 -20.59 -2.88 -31.00
C ASN D 256 -20.94 -2.70 -32.48
N THR D 257 -20.73 -3.73 -33.29
CA THR D 257 -21.08 -3.62 -34.71
C THR D 257 -22.59 -3.51 -34.90
N LEU D 258 -23.37 -4.24 -34.10
CA LEU D 258 -24.82 -4.14 -34.20
C LEU D 258 -25.30 -2.74 -33.83
N ALA D 259 -24.70 -2.14 -32.80
CA ALA D 259 -25.08 -0.79 -32.42
C ALA D 259 -24.72 0.23 -33.49
N SER D 260 -23.52 0.11 -34.07
CA SER D 260 -23.09 1.06 -35.09
C SER D 260 -23.93 0.95 -36.34
N LYS D 261 -24.24 -0.28 -36.77
CA LYS D 261 -25.04 -0.50 -37.96
C LYS D 261 -26.52 -0.23 -37.75
N SER D 262 -26.94 0.04 -36.51
CA SER D 262 -28.36 0.23 -36.23
C SER D 262 -28.89 1.45 -36.96
N ILE D 263 -30.09 1.31 -37.53
CA ILE D 263 -30.79 2.39 -38.21
C ILE D 263 -32.15 2.67 -37.60
N ASN D 264 -32.52 1.98 -36.53
CA ASN D 264 -33.81 2.16 -35.88
C ASN D 264 -33.61 2.25 -34.37
N ALA D 265 -34.51 2.99 -33.71
CA ALA D 265 -34.41 3.13 -32.26
C ALA D 265 -34.62 1.81 -31.54
N GLU D 266 -35.45 0.93 -32.10
CA GLU D 266 -35.67 -0.38 -31.49
C GLU D 266 -34.40 -1.22 -31.49
N VAL D 267 -33.66 -1.21 -32.60
CA VAL D 267 -32.42 -1.96 -32.66
C VAL D 267 -31.39 -1.37 -31.70
N THR D 268 -31.28 -0.04 -31.66
CA THR D 268 -30.31 0.60 -30.78
C THR D 268 -30.61 0.31 -29.32
N ASN D 269 -31.89 0.38 -28.93
CA ASN D 269 -32.26 0.03 -27.56
C ASN D 269 -31.96 -1.44 -27.27
N SER D 270 -32.11 -2.31 -28.26
CA SER D 270 -31.76 -3.71 -28.06
C SER D 270 -30.25 -3.89 -27.96
N ALA D 271 -29.49 -3.12 -28.73
CA ALA D 271 -28.04 -3.21 -28.67
C ALA D 271 -27.52 -2.82 -27.29
N ILE D 272 -28.11 -1.77 -26.70
CA ILE D 272 -27.74 -1.40 -25.34
C ILE D 272 -28.12 -2.50 -24.37
N GLU D 273 -29.29 -3.10 -24.54
CA GLU D 273 -29.71 -4.20 -23.68
C GLU D 273 -28.78 -5.39 -23.84
N LEU D 274 -28.34 -5.68 -25.07
CA LEU D 274 -27.37 -6.75 -25.28
C LEU D 274 -26.05 -6.44 -24.59
N LYS D 275 -25.60 -5.18 -24.66
CA LYS D 275 -24.35 -4.82 -24.01
C LYS D 275 -24.46 -4.89 -22.50
N VAL D 276 -25.64 -4.58 -21.94
CA VAL D 276 -25.84 -4.69 -20.51
C VAL D 276 -25.78 -6.15 -20.07
N LEU D 277 -26.45 -7.03 -20.81
CA LEU D 277 -26.44 -8.45 -20.45
C LEU D 277 -25.04 -9.03 -20.55
N ILE D 278 -24.29 -8.67 -21.59
CA ILE D 278 -22.92 -9.14 -21.72
C ILE D 278 -22.07 -8.63 -20.57
N GLU D 279 -22.26 -7.36 -20.19
CA GLU D 279 -21.52 -6.82 -19.06
C GLU D 279 -21.86 -7.56 -17.77
N GLN D 280 -23.14 -7.84 -17.55
CA GLN D 280 -23.52 -8.61 -16.36
C GLN D 280 -22.97 -10.02 -16.43
N MET D 281 -23.00 -10.63 -17.61
CA MET D 281 -22.45 -11.97 -17.78
C MET D 281 -20.95 -11.97 -17.61
N ARG D 282 -20.28 -10.90 -18.06
CA ARG D 282 -18.82 -10.83 -17.95
C ARG D 282 -18.38 -10.66 -16.51
N GLU D 283 -19.21 -10.03 -15.67
CA GLU D 283 -18.85 -9.86 -14.27
C GLU D 283 -18.73 -11.20 -13.55
N GLN D 284 -19.66 -12.11 -13.80
CA GLN D 284 -19.63 -13.41 -13.15
C GLN D 284 -18.47 -14.26 -13.64
N ILE D 285 -18.11 -14.14 -14.93
CA ILE D 285 -17.03 -14.94 -15.48
C ILE D 285 -15.70 -14.61 -14.81
N GLN D 286 -15.55 -13.37 -14.32
CA GLN D 286 -14.33 -13.01 -13.62
C GLN D 286 -14.11 -13.82 -12.36
N ASN D 287 -15.16 -14.44 -11.82
CA ASN D 287 -15.06 -15.25 -10.61
C ASN D 287 -14.88 -16.73 -10.90
N ILE D 288 -14.81 -17.13 -12.17
CA ILE D 288 -14.67 -18.54 -12.54
C ILE D 288 -13.22 -18.81 -12.90
N GLU D 289 -12.66 -19.87 -12.34
CA GLU D 289 -11.26 -20.19 -12.57
C GLU D 289 -11.08 -20.82 -13.94
N MET E 3 19.28 -25.82 -17.98
CA MET E 3 19.41 -24.51 -18.62
C MET E 3 18.50 -23.49 -17.94
N ILE E 4 17.21 -23.48 -18.33
CA ILE E 4 16.27 -22.55 -17.72
C ILE E 4 15.93 -23.01 -16.31
N ARG E 5 15.48 -22.06 -15.49
CA ARG E 5 15.25 -22.30 -14.08
C ARG E 5 13.92 -21.72 -13.66
N SER E 6 13.34 -22.30 -12.63
CA SER E 6 12.13 -21.75 -12.02
C SER E 6 12.50 -20.68 -11.00
N MET E 7 11.60 -19.74 -10.79
CA MET E 7 11.86 -18.64 -9.87
C MET E 7 11.45 -18.95 -8.44
N THR E 8 10.80 -20.07 -8.19
CA THR E 8 10.40 -20.47 -6.85
C THR E 8 10.98 -21.84 -6.52
N ALA E 9 11.51 -21.97 -5.31
CA ALA E 9 12.17 -23.18 -4.86
C ALA E 9 12.31 -23.11 -3.35
N TYR E 10 12.84 -24.17 -2.76
CA TYR E 10 13.05 -24.23 -1.32
C TYR E 10 14.17 -25.20 -1.03
N ALA E 11 15.22 -24.74 -0.35
CA ALA E 11 16.33 -25.59 0.03
C ALA E 11 16.64 -25.39 1.50
N ARG E 12 16.84 -26.49 2.22
CA ARG E 12 17.14 -26.45 3.64
C ARG E 12 18.28 -27.40 3.94
N ARG E 13 19.27 -26.91 4.68
CA ARG E 13 20.45 -27.70 5.01
C ARG E 13 20.77 -27.51 6.48
N GLU E 14 21.03 -28.61 7.18
CA GLU E 14 21.32 -28.60 8.60
C GLU E 14 22.68 -29.25 8.85
N ILE E 15 23.48 -28.62 9.70
CA ILE E 15 24.81 -29.11 10.04
C ILE E 15 24.86 -29.37 11.55
N LYS E 16 25.38 -30.54 11.91
CA LYS E 16 25.52 -30.93 13.31
C LYS E 16 27.01 -30.90 13.65
N GLY E 17 27.46 -29.78 14.22
CA GLY E 17 28.85 -29.62 14.58
C GLY E 17 29.16 -30.24 15.93
N GLU E 18 30.37 -29.95 16.41
CA GLU E 18 30.77 -30.45 17.73
C GLU E 18 29.88 -29.89 18.82
N TRP E 19 29.56 -28.60 18.73
CA TRP E 19 28.67 -27.95 19.69
C TRP E 19 27.65 -27.12 18.92
N GLY E 20 26.38 -27.33 19.25
CA GLY E 20 25.30 -26.62 18.60
C GLY E 20 25.00 -27.16 17.21
N SER E 21 24.07 -26.48 16.55
CA SER E 21 23.69 -26.83 15.19
C SER E 21 23.12 -25.58 14.52
N ALA E 22 23.25 -25.53 13.20
CA ALA E 22 22.76 -24.41 12.41
C ALA E 22 22.01 -24.94 11.20
N THR E 23 20.98 -24.21 10.79
CA THR E 23 20.15 -24.58 9.65
C THR E 23 20.08 -23.42 8.67
N TRP E 24 20.32 -23.70 7.40
CA TRP E 24 20.20 -22.72 6.34
C TRP E 24 18.90 -22.97 5.59
N GLU E 25 18.04 -21.97 5.53
CA GLU E 25 16.75 -22.08 4.86
C GLU E 25 16.67 -21.01 3.77
N MET E 26 16.23 -21.41 2.59
CA MET E 26 16.08 -20.48 1.46
C MET E 26 14.70 -20.62 0.86
N ARG E 27 14.13 -19.48 0.48
CA ARG E 27 12.84 -19.44 -0.19
C ARG E 27 12.94 -18.54 -1.40
N SER E 28 12.03 -18.70 -2.34
CA SER E 28 12.03 -17.88 -3.54
C SER E 28 10.62 -17.69 -4.04
N VAL E 29 10.29 -16.46 -4.42
CA VAL E 29 8.97 -16.10 -4.94
C VAL E 29 9.19 -15.27 -6.20
N ASN E 30 8.21 -15.29 -7.08
CA ASN E 30 8.31 -14.54 -8.33
C ASN E 30 8.46 -13.05 -8.08
N GLN E 31 9.34 -12.41 -8.84
CA GLN E 31 9.57 -10.98 -8.77
C GLN E 31 10.09 -10.50 -10.12
N ARG E 32 9.87 -9.22 -10.40
CA ARG E 32 10.40 -8.66 -11.63
C ARG E 32 11.88 -8.32 -11.54
N TYR E 33 12.42 -8.23 -10.32
CA TYR E 33 13.85 -8.00 -10.13
C TYR E 33 14.38 -8.96 -9.07
N LEU E 34 15.61 -8.76 -8.63
CA LEU E 34 16.22 -9.63 -7.63
C LEU E 34 16.18 -8.94 -6.27
N GLU E 35 15.49 -9.57 -5.31
CA GLU E 35 15.42 -9.09 -3.94
C GLU E 35 16.01 -10.15 -3.04
N THR E 36 16.99 -9.77 -2.23
CA THR E 36 17.65 -10.70 -1.31
C THR E 36 17.48 -10.17 0.11
N TYR E 37 16.61 -10.80 0.87
CA TYR E 37 16.36 -10.46 2.26
C TYR E 37 16.97 -11.53 3.15
N PHE E 38 17.73 -11.09 4.15
CA PHE E 38 18.43 -12.00 5.04
C PHE E 38 17.95 -11.80 6.47
N ARG E 39 17.73 -12.92 7.17
CA ARG E 39 17.38 -12.92 8.58
C ARG E 39 18.43 -13.75 9.30
N LEU E 40 19.51 -13.11 9.68
CA LEU E 40 20.63 -13.72 10.37
C LEU E 40 20.54 -13.50 11.86
N PRO E 41 21.11 -14.39 12.67
CA PRO E 41 21.06 -14.21 14.13
C PRO E 41 21.92 -13.03 14.56
N GLU E 42 21.78 -12.69 15.85
CA GLU E 42 22.54 -11.58 16.41
C GLU E 42 24.04 -11.85 16.35
N GLN E 43 24.45 -13.10 16.61
CA GLN E 43 25.86 -13.42 16.69
C GLN E 43 26.54 -13.37 15.32
N PHE E 44 25.88 -13.92 14.29
CA PHE E 44 26.45 -13.98 12.95
C PHE E 44 25.92 -12.89 12.04
N ARG E 45 25.61 -11.72 12.59
CA ARG E 45 25.04 -10.64 11.78
C ARG E 45 26.04 -10.08 10.78
N SER E 46 27.32 -10.32 10.97
CA SER E 46 28.35 -9.78 10.09
C SER E 46 28.54 -10.61 8.82
N LEU E 47 27.83 -11.72 8.67
CA LEU E 47 27.97 -12.54 7.48
C LEU E 47 27.17 -12.01 6.30
N GLU E 48 26.37 -10.96 6.50
CA GLU E 48 25.52 -10.47 5.41
C GLU E 48 26.30 -10.08 4.16
N PRO E 49 27.38 -9.29 4.24
CA PRO E 49 28.12 -8.99 2.99
C PRO E 49 28.69 -10.22 2.31
N VAL E 50 29.16 -11.21 3.07
CA VAL E 50 29.70 -12.42 2.47
C VAL E 50 28.59 -13.27 1.88
N VAL E 51 27.49 -13.42 2.61
CA VAL E 51 26.38 -14.24 2.12
C VAL E 51 25.71 -13.58 0.92
N ARG E 52 25.53 -12.26 0.97
CA ARG E 52 24.86 -11.56 -0.13
C ARG E 52 25.67 -11.68 -1.42
N GLU E 53 26.99 -11.54 -1.34
CA GLU E 53 27.81 -11.66 -2.53
C GLU E 53 27.75 -13.07 -3.11
N ARG E 54 27.78 -14.09 -2.24
CA ARG E 54 27.75 -15.47 -2.69
C ARG E 54 26.40 -15.88 -3.27
N ILE E 55 25.35 -15.10 -3.04
CA ILE E 55 24.02 -15.41 -3.53
C ILE E 55 23.68 -14.61 -4.78
N ARG E 56 23.97 -13.30 -4.76
CA ARG E 56 23.67 -12.47 -5.92
C ARG E 56 24.49 -12.86 -7.14
N SER E 57 25.57 -13.62 -6.95
CA SER E 57 26.39 -14.09 -8.06
C SER E 57 25.88 -15.39 -8.68
N ARG E 58 24.93 -16.06 -8.04
CA ARG E 58 24.37 -17.30 -8.58
C ARG E 58 22.92 -17.17 -9.01
N LEU E 59 22.22 -16.12 -8.57
CA LEU E 59 20.81 -15.94 -8.86
C LEU E 59 20.61 -14.67 -9.67
N THR E 60 19.58 -14.67 -10.51
CA THR E 60 19.30 -13.54 -11.39
C THR E 60 18.01 -12.82 -11.02
N ARG E 61 16.93 -13.55 -10.74
CA ARG E 61 15.66 -12.93 -10.43
C ARG E 61 14.97 -13.72 -9.33
N GLY E 62 14.02 -13.08 -8.67
CA GLY E 62 13.26 -13.72 -7.63
C GLY E 62 13.36 -13.04 -6.28
N LYS E 63 12.44 -13.35 -5.37
CA LYS E 63 12.44 -12.78 -4.02
C LYS E 63 13.07 -13.78 -3.07
N VAL E 64 14.40 -13.82 -3.08
CA VAL E 64 15.14 -14.82 -2.32
C VAL E 64 15.23 -14.37 -0.87
N GLU E 65 14.76 -15.21 0.05
CA GLU E 65 14.84 -14.95 1.47
C GLU E 65 15.64 -16.07 2.13
N CYS E 66 16.69 -15.69 2.88
CA CYS E 66 17.56 -16.65 3.53
C CYS E 66 17.52 -16.43 5.03
N THR E 67 17.26 -17.51 5.77
CA THR E 67 17.16 -17.46 7.22
C THR E 67 18.17 -18.44 7.81
N LEU E 68 19.08 -17.91 8.63
CA LEU E 68 20.06 -18.73 9.33
C LEU E 68 19.61 -18.86 10.78
N ARG E 69 19.31 -20.08 11.20
CA ARG E 69 18.85 -20.35 12.55
C ARG E 69 19.97 -21.04 13.32
N TYR E 70 20.46 -20.36 14.36
CA TYR E 70 21.58 -20.86 15.16
C TYR E 70 21.05 -21.39 16.48
N GLU E 71 21.38 -22.64 16.79
CA GLU E 71 20.90 -23.32 17.99
C GLU E 71 22.11 -23.73 18.82
N PRO E 72 22.55 -22.87 19.74
CA PRO E 72 23.73 -23.21 20.55
C PRO E 72 23.44 -24.37 21.48
N ASP E 73 24.50 -25.10 21.83
CA ASP E 73 24.42 -26.19 22.80
C ASP E 73 24.87 -25.62 24.14
N VAL E 74 23.91 -25.39 25.04
CA VAL E 74 24.23 -24.84 26.34
C VAL E 74 25.04 -25.85 27.15
N SER E 75 24.77 -27.14 27.00
CA SER E 75 25.54 -28.15 27.70
C SER E 75 27.01 -28.12 27.29
N ALA E 76 27.26 -27.99 25.99
CA ALA E 76 28.62 -27.88 25.48
C ALA E 76 29.16 -26.45 25.51
N GLN E 77 28.35 -25.49 25.97
CA GLN E 77 28.81 -24.12 26.08
C GLN E 77 29.85 -23.99 27.18
N GLY E 78 30.65 -22.92 27.09
CA GLY E 78 31.67 -22.70 28.09
C GLY E 78 31.06 -22.48 29.47
N GLU E 79 31.74 -22.99 30.49
CA GLU E 79 31.27 -22.84 31.86
C GLU E 79 31.23 -21.36 32.25
N LEU E 80 30.13 -20.96 32.88
CA LEU E 80 29.99 -19.58 33.33
C LEU E 80 31.08 -19.26 34.36
N ILE E 81 31.73 -18.12 34.17
CA ILE E 81 32.79 -17.68 35.06
C ILE E 81 32.18 -16.94 36.24
N LEU E 82 32.64 -17.27 37.44
CA LEU E 82 32.13 -16.69 38.67
C LEU E 82 33.06 -15.58 39.12
N ASN E 83 32.53 -14.37 39.27
CA ASN E 83 33.31 -13.23 39.71
C ASN E 83 33.52 -13.35 41.22
N GLU E 84 34.65 -13.94 41.60
CA GLU E 84 34.92 -14.18 43.01
C GLU E 84 35.03 -12.87 43.79
N LYS E 85 35.72 -11.89 43.24
CA LYS E 85 35.89 -10.61 43.94
C LYS E 85 34.55 -9.90 44.11
N LEU E 86 33.74 -9.87 43.06
CA LEU E 86 32.43 -9.23 43.16
C LEU E 86 31.52 -9.96 44.13
N ALA E 87 31.56 -11.30 44.11
CA ALA E 87 30.75 -12.07 45.05
C ALA E 87 31.19 -11.83 46.49
N LYS E 88 32.51 -11.78 46.73
CA LYS E 88 33.01 -11.52 48.07
C LYS E 88 32.61 -10.14 48.56
N GLN E 89 32.63 -9.14 47.66
CA GLN E 89 32.26 -7.79 48.06
C GLN E 89 30.81 -7.72 48.50
N LEU E 90 29.91 -8.40 47.77
CA LEU E 90 28.50 -8.39 48.15
C LEU E 90 28.28 -9.10 49.48
N VAL E 91 28.95 -10.23 49.70
CA VAL E 91 28.75 -10.99 50.93
C VAL E 91 29.20 -10.19 52.15
N THR E 92 30.38 -9.56 52.05
CA THR E 92 30.85 -8.74 53.17
C THR E 92 29.92 -7.57 53.42
N ALA E 93 29.43 -6.93 52.35
CA ALA E 93 28.47 -5.85 52.51
C ALA E 93 27.13 -6.36 53.04
N ALA E 94 26.73 -7.56 52.64
CA ALA E 94 25.51 -8.15 53.18
C ALA E 94 25.65 -8.41 54.68
N ASN E 95 26.84 -8.87 55.11
CA ASN E 95 27.08 -9.08 56.54
C ASN E 95 27.05 -7.77 57.30
N TRP E 96 27.39 -6.66 56.63
CA TRP E 96 27.29 -5.36 57.27
C TRP E 96 25.84 -5.03 57.64
N VAL E 97 24.91 -5.35 56.74
CA VAL E 97 23.50 -5.13 57.03
C VAL E 97 23.02 -6.09 58.12
N LYS E 98 23.55 -7.32 58.13
CA LYS E 98 23.11 -8.30 59.11
C LYS E 98 23.44 -7.86 60.53
N MET E 99 24.58 -7.18 60.72
CA MET E 99 24.93 -6.69 62.05
C MET E 99 23.92 -5.68 62.55
N GLN E 100 23.50 -4.74 61.69
CA GLN E 100 22.56 -3.72 62.11
C GLN E 100 21.13 -4.24 62.19
N SER E 101 20.76 -5.14 61.27
CA SER E 101 19.43 -5.75 61.32
C SER E 101 19.32 -6.83 62.38
N ASP E 102 20.43 -7.39 62.83
CA ASP E 102 20.51 -8.43 63.85
C ASP E 102 19.80 -9.72 63.45
N GLU E 103 19.35 -9.83 62.20
CA GLU E 103 18.66 -11.03 61.75
C GLU E 103 18.74 -11.09 60.23
N GLY E 104 18.45 -12.27 59.70
CA GLY E 104 18.45 -12.48 58.27
C GLY E 104 19.60 -13.36 57.83
N GLU E 105 19.35 -14.14 56.78
CA GLU E 105 20.35 -15.04 56.22
C GLU E 105 20.56 -14.73 54.75
N ILE E 106 21.82 -14.74 54.32
CA ILE E 106 22.16 -14.41 52.95
C ILE E 106 21.74 -15.54 52.04
N ASN E 107 20.98 -15.22 51.00
CA ASN E 107 20.55 -16.22 50.04
C ASN E 107 21.65 -16.45 49.01
N PRO E 108 22.22 -17.66 48.91
CA PRO E 108 23.29 -17.88 47.93
C PRO E 108 22.87 -17.65 46.50
N VAL E 109 21.63 -17.99 46.14
CA VAL E 109 21.17 -17.79 44.78
C VAL E 109 21.03 -16.31 44.47
N ASP E 110 20.59 -15.53 45.45
CA ASP E 110 20.40 -14.10 45.23
C ASP E 110 21.71 -13.41 44.90
N ILE E 111 22.80 -13.84 45.54
CA ILE E 111 24.11 -13.28 45.21
C ILE E 111 24.48 -13.61 43.77
N LEU E 112 24.22 -14.85 43.34
CA LEU E 112 24.50 -15.22 41.96
C LEU E 112 23.62 -14.45 40.99
N ARG E 113 22.36 -14.20 41.36
CA ARG E 113 21.46 -13.47 40.50
C ARG E 113 21.86 -12.01 40.30
N TRP E 114 22.78 -11.50 41.13
CA TRP E 114 23.21 -10.12 40.99
C TRP E 114 23.88 -9.93 39.63
N PRO E 115 23.58 -8.83 38.93
CA PRO E 115 24.19 -8.61 37.61
C PRO E 115 25.70 -8.53 37.70
N GLY E 116 26.37 -9.14 36.72
CA GLY E 116 27.81 -9.12 36.65
C GLY E 116 28.52 -10.18 37.46
N VAL E 117 27.81 -10.90 38.34
CA VAL E 117 28.46 -11.93 39.14
C VAL E 117 28.82 -13.12 38.26
N MET E 118 27.90 -13.55 37.39
CA MET E 118 28.15 -14.68 36.50
C MET E 118 27.81 -14.29 35.07
N ALA E 119 28.67 -14.69 34.14
CA ALA E 119 28.47 -14.42 32.73
C ALA E 119 29.30 -15.39 31.92
N ALA E 120 28.98 -15.49 30.63
CA ALA E 120 29.72 -16.34 29.71
C ALA E 120 30.96 -15.58 29.23
N GLN E 121 32.14 -16.06 29.62
CA GLN E 121 33.37 -15.32 29.35
C GLN E 121 33.78 -15.42 27.89
N GLU E 122 33.65 -16.60 27.29
CA GLU E 122 34.15 -16.85 25.95
C GLU E 122 33.07 -17.45 25.08
N GLN E 123 33.10 -17.09 23.79
CA GLN E 123 32.20 -17.64 22.79
C GLN E 123 32.93 -18.38 21.69
N ASP E 124 34.00 -17.81 21.14
CA ASP E 124 34.84 -18.44 20.12
C ASP E 124 34.02 -18.83 18.89
N LEU E 125 33.47 -17.81 18.23
CA LEU E 125 32.59 -18.01 17.10
C LEU E 125 33.31 -17.99 15.75
N ASP E 126 34.63 -17.77 15.73
CA ASP E 126 35.34 -17.71 14.46
C ASP E 126 35.40 -19.08 13.78
N ALA E 127 35.60 -20.13 14.57
CA ALA E 127 35.67 -21.48 13.99
C ALA E 127 34.28 -21.98 13.59
N ILE E 128 33.27 -21.70 14.41
CA ILE E 128 31.93 -22.17 14.12
C ILE E 128 31.29 -21.38 12.98
N ALA E 129 31.80 -20.19 12.67
CA ALA E 129 31.28 -19.43 11.55
C ALA E 129 31.80 -19.95 10.21
N ALA E 130 32.97 -20.59 10.21
CA ALA E 130 33.50 -21.15 8.97
C ALA E 130 32.63 -22.30 8.47
N GLU E 131 32.16 -23.16 9.37
CA GLU E 131 31.30 -24.27 8.97
C GLU E 131 29.95 -23.76 8.49
N ILE E 132 29.42 -22.72 9.13
CA ILE E 132 28.13 -22.16 8.72
C ILE E 132 28.24 -21.60 7.30
N LEU E 133 29.33 -20.89 7.01
CA LEU E 133 29.53 -20.41 5.64
C LEU E 133 29.70 -21.56 4.67
N ALA E 134 30.37 -22.63 5.08
CA ALA E 134 30.52 -23.79 4.22
C ALA E 134 29.18 -24.47 3.95
N ALA E 135 28.27 -24.43 4.92
CA ALA E 135 26.93 -24.96 4.69
C ALA E 135 26.15 -24.10 3.71
N LEU E 136 26.42 -22.79 3.68
CA LEU E 136 25.72 -21.92 2.74
C LEU E 136 26.01 -22.30 1.30
N ASP E 137 27.27 -22.64 1.00
CA ASP E 137 27.61 -23.07 -0.35
C ASP E 137 26.89 -24.36 -0.70
N GLY E 138 26.72 -25.26 0.26
CA GLY E 138 25.95 -26.47 0.02
C GLY E 138 24.48 -26.18 -0.21
N THR E 139 23.92 -25.26 0.57
CA THR E 139 22.50 -24.93 0.43
C THR E 139 22.21 -24.30 -0.92
N LEU E 140 23.10 -23.44 -1.40
CA LEU E 140 22.90 -22.81 -2.70
C LEU E 140 22.89 -23.85 -3.81
N ASP E 141 23.75 -24.85 -3.72
CA ASP E 141 23.76 -25.91 -4.73
C ASP E 141 22.44 -26.67 -4.75
N ASP E 142 21.90 -26.98 -3.58
CA ASP E 142 20.59 -27.61 -3.53
C ASP E 142 19.50 -26.65 -4.01
N PHE E 143 19.64 -25.36 -3.70
CA PHE E 143 18.67 -24.38 -4.15
C PHE E 143 18.64 -24.28 -5.67
N ILE E 144 19.81 -24.31 -6.31
CA ILE E 144 19.86 -24.25 -7.76
C ILE E 144 19.27 -25.51 -8.37
N VAL E 145 19.60 -26.67 -7.81
CA VAL E 145 19.04 -27.92 -8.32
C VAL E 145 17.53 -27.95 -8.18
N ALA E 146 17.01 -27.46 -7.06
CA ALA E 146 15.56 -27.36 -6.89
C ALA E 146 14.95 -26.42 -7.92
N ARG E 147 15.65 -25.33 -8.24
CA ARG E 147 15.17 -24.43 -9.29
C ARG E 147 15.16 -25.13 -10.65
N GLU E 148 16.22 -25.86 -10.97
CA GLU E 148 16.31 -26.51 -12.27
C GLU E 148 15.34 -27.68 -12.39
N THR E 149 15.09 -28.40 -11.30
CA THR E 149 14.15 -29.51 -11.35
C THR E 149 12.75 -29.03 -11.71
N GLU E 150 12.30 -27.94 -11.10
CA GLU E 150 11.01 -27.36 -11.45
C GLU E 150 11.07 -26.60 -12.77
N GLY E 151 12.25 -26.23 -13.23
CA GLY E 151 12.37 -25.56 -14.51
C GLY E 151 12.01 -26.44 -15.68
N GLN E 152 12.31 -27.74 -15.60
CA GLN E 152 12.03 -28.65 -16.70
C GLN E 152 10.54 -28.83 -16.92
N ALA E 153 9.76 -28.86 -15.84
CA ALA E 153 8.31 -28.99 -15.99
C ALA E 153 7.73 -27.81 -16.74
N LEU E 154 8.20 -26.60 -16.43
CA LEU E 154 7.72 -25.42 -17.13
C LEU E 154 8.07 -25.47 -18.60
N LYS E 155 9.29 -25.91 -18.93
CA LYS E 155 9.69 -26.03 -20.33
C LYS E 155 8.83 -27.06 -21.06
N ALA E 156 8.55 -28.19 -20.42
CA ALA E 156 7.70 -29.20 -21.05
C ALA E 156 6.29 -28.65 -21.30
N LEU E 157 5.73 -27.94 -20.33
CA LEU E 157 4.40 -27.35 -20.52
C LEU E 157 4.41 -26.34 -21.66
N ILE E 158 5.43 -25.49 -21.71
CA ILE E 158 5.51 -24.48 -22.77
C ILE E 158 5.62 -25.14 -24.12
N GLU E 159 6.43 -26.21 -24.22
CA GLU E 159 6.56 -26.90 -25.50
C GLU E 159 5.26 -27.57 -25.92
N GLN E 160 4.53 -28.14 -24.97
CA GLN E 160 3.24 -28.73 -25.29
C GLN E 160 2.26 -27.68 -25.80
N ARG E 161 2.21 -26.51 -25.15
CA ARG E 161 1.33 -25.45 -25.62
C ARG E 161 1.76 -24.93 -26.99
N LEU E 162 3.07 -24.89 -27.25
CA LEU E 162 3.53 -24.47 -28.57
C LEU E 162 3.11 -25.46 -29.65
N GLU E 163 3.17 -26.75 -29.35
CA GLU E 163 2.66 -27.74 -30.29
C GLU E 163 1.17 -27.54 -30.53
N GLY E 164 0.41 -27.24 -29.48
CA GLY E 164 -1.00 -26.93 -29.65
C GLY E 164 -1.21 -25.71 -30.53
N VAL E 165 -0.38 -24.69 -30.37
CA VAL E 165 -0.48 -23.48 -31.18
C VAL E 165 -0.24 -23.81 -32.66
N THR E 166 0.78 -24.61 -32.93
CA THR E 166 1.04 -25.00 -34.32
C THR E 166 -0.13 -25.80 -34.89
N ALA E 167 -0.71 -26.70 -34.09
CA ALA E 167 -1.87 -27.46 -34.56
C ALA E 167 -3.03 -26.54 -34.88
N GLU E 168 -3.30 -25.54 -34.03
CA GLU E 168 -4.39 -24.61 -34.28
C GLU E 168 -4.13 -23.77 -35.54
N VAL E 169 -2.87 -23.38 -35.76
CA VAL E 169 -2.54 -22.61 -36.96
C VAL E 169 -2.79 -23.45 -38.20
N VAL E 170 -2.39 -24.73 -38.16
CA VAL E 170 -2.64 -25.62 -39.29
C VAL E 170 -4.14 -25.77 -39.52
N LYS E 171 -4.91 -25.88 -38.44
CA LYS E 171 -6.36 -26.03 -38.57
C LYS E 171 -6.98 -24.80 -39.22
N VAL E 172 -6.57 -23.61 -38.80
CA VAL E 172 -7.09 -22.38 -39.41
C VAL E 172 -6.71 -22.31 -40.88
N ARG E 173 -5.48 -22.66 -41.21
CA ARG E 173 -5.04 -22.62 -42.60
C ARG E 173 -5.84 -23.59 -43.46
N SER E 174 -6.16 -24.76 -42.91
CA SER E 174 -7.00 -25.71 -43.64
C SER E 174 -8.41 -25.17 -43.84
N HIS E 175 -8.97 -24.51 -42.82
CA HIS E 175 -10.34 -24.00 -42.94
C HIS E 175 -10.43 -22.81 -43.89
N MET E 176 -9.35 -22.07 -44.09
CA MET E 176 -9.44 -20.80 -44.81
C MET E 176 -10.03 -20.92 -46.23
N PRO E 177 -9.55 -21.82 -47.11
CA PRO E 177 -10.06 -21.80 -48.48
C PRO E 177 -11.56 -22.07 -48.60
N GLU E 178 -12.11 -22.93 -47.73
CA GLU E 178 -13.54 -23.20 -47.77
C GLU E 178 -14.34 -21.95 -47.45
N ILE E 179 -13.89 -21.18 -46.46
CA ILE E 179 -14.57 -19.92 -46.13
C ILE E 179 -14.40 -18.91 -47.25
N LEU E 180 -13.24 -18.92 -47.91
CA LEU E 180 -13.06 -18.04 -49.07
C LEU E 180 -14.06 -18.38 -50.17
N GLN E 181 -14.29 -19.67 -50.42
CA GLN E 181 -15.25 -20.06 -51.44
C GLN E 181 -16.69 -19.84 -51.00
N TRP E 182 -16.94 -19.90 -49.68
CA TRP E 182 -18.31 -19.75 -49.19
C TRP E 182 -18.85 -18.35 -49.44
N GLN E 183 -18.00 -17.33 -49.31
CA GLN E 183 -18.45 -15.96 -49.49
C GLN E 183 -18.90 -15.70 -50.92
N ARG E 184 -18.20 -16.27 -51.90
CA ARG E 184 -18.57 -16.06 -53.30
C ARG E 184 -19.96 -16.58 -53.59
N GLU E 185 -20.29 -17.77 -53.07
CA GLU E 185 -21.61 -18.33 -53.29
C GLU E 185 -22.70 -17.49 -52.64
N ARG E 186 -22.43 -16.97 -51.43
CA ARG E 186 -23.45 -16.19 -50.73
C ARG E 186 -23.69 -14.86 -51.43
N LEU E 187 -22.64 -14.21 -51.94
CA LEU E 187 -22.80 -12.92 -52.59
C LEU E 187 -23.60 -13.04 -53.88
N VAL E 188 -23.31 -14.05 -54.70
CA VAL E 188 -24.04 -14.22 -55.95
C VAL E 188 -25.48 -14.64 -55.68
N ALA E 189 -25.72 -15.35 -54.58
CA ALA E 189 -27.08 -15.75 -54.25
C ALA E 189 -27.96 -14.53 -53.96
N LYS E 190 -27.42 -13.53 -53.26
CA LYS E 190 -28.18 -12.31 -53.00
C LYS E 190 -28.49 -11.58 -54.30
N LEU E 191 -27.52 -11.52 -55.21
CA LEU E 191 -27.77 -10.91 -56.51
C LEU E 191 -28.82 -11.70 -57.28
N GLU E 192 -28.73 -13.04 -57.25
CA GLU E 192 -29.74 -13.86 -57.89
C GLU E 192 -31.09 -13.70 -57.22
N ASP E 193 -31.11 -13.62 -55.89
CA ASP E 193 -32.37 -13.42 -55.17
C ASP E 193 -32.96 -12.04 -55.45
N ALA E 194 -32.12 -11.03 -55.65
CA ALA E 194 -32.58 -9.69 -55.93
C ALA E 194 -32.89 -9.45 -57.40
N GLN E 195 -32.70 -10.45 -58.25
CA GLN E 195 -32.98 -10.35 -59.69
C GLN E 195 -32.23 -9.17 -60.32
N VAL E 196 -30.97 -9.03 -59.96
CA VAL E 196 -30.12 -7.95 -60.46
C VAL E 196 -28.93 -8.57 -61.19
N GLN E 197 -28.62 -8.04 -62.37
CA GLN E 197 -27.50 -8.50 -63.18
C GLN E 197 -26.33 -7.56 -62.92
N LEU E 198 -25.32 -8.05 -62.22
CA LEU E 198 -24.17 -7.22 -61.87
C LEU E 198 -23.33 -6.92 -63.10
N GLU E 199 -22.66 -5.78 -63.07
CA GLU E 199 -21.82 -5.35 -64.18
C GLU E 199 -20.61 -6.27 -64.33
N ASN E 200 -20.10 -6.35 -65.55
CA ASN E 200 -18.92 -7.17 -65.82
C ASN E 200 -17.73 -6.67 -65.02
N ASN E 201 -16.98 -7.62 -64.45
CA ASN E 201 -15.80 -7.41 -63.62
C ASN E 201 -16.12 -6.75 -62.29
N ARG E 202 -17.37 -6.36 -62.04
CA ARG E 202 -17.74 -5.81 -60.74
C ARG E 202 -17.73 -6.88 -59.67
N LEU E 203 -18.23 -8.07 -59.99
CA LEU E 203 -18.23 -9.17 -59.03
C LEU E 203 -16.81 -9.58 -58.66
N GLU E 204 -15.93 -9.69 -59.67
CA GLU E 204 -14.54 -10.03 -59.39
C GLU E 204 -13.85 -8.94 -58.57
N GLN E 205 -14.13 -7.67 -58.89
CA GLN E 205 -13.56 -6.58 -58.12
C GLN E 205 -14.08 -6.58 -56.69
N GLU E 206 -15.39 -6.82 -56.53
CA GLU E 206 -15.98 -6.79 -55.18
C GLU E 206 -15.45 -7.92 -54.32
N LEU E 207 -15.30 -9.12 -54.88
CA LEU E 207 -14.83 -10.26 -54.11
C LEU E 207 -13.40 -10.09 -53.63
N VAL E 208 -12.60 -9.25 -54.30
CA VAL E 208 -11.24 -9.00 -53.85
C VAL E 208 -11.25 -8.31 -52.49
N LEU E 209 -12.16 -7.35 -52.30
CA LEU E 209 -12.23 -6.63 -51.04
C LEU E 209 -12.56 -7.56 -49.87
N LEU E 210 -13.52 -8.46 -50.08
CA LEU E 210 -13.87 -9.41 -49.02
C LEU E 210 -12.72 -10.33 -48.70
N ALA E 211 -11.99 -10.80 -49.73
CA ALA E 211 -10.83 -11.65 -49.50
C ALA E 211 -9.78 -10.92 -48.68
N GLN E 212 -9.53 -9.65 -48.99
CA GLN E 212 -8.61 -8.87 -48.19
C GLN E 212 -9.11 -8.71 -46.76
N ARG E 213 -10.42 -8.58 -46.58
CA ARG E 213 -10.98 -8.47 -45.24
C ARG E 213 -10.73 -9.75 -44.43
N ILE E 214 -10.87 -10.91 -45.07
CA ILE E 214 -10.74 -12.17 -44.36
C ILE E 214 -9.41 -12.88 -44.65
N ASP E 215 -8.40 -12.13 -45.09
CA ASP E 215 -7.08 -12.71 -45.36
C ASP E 215 -6.26 -12.66 -44.08
N VAL E 216 -5.92 -13.83 -43.54
CA VAL E 216 -5.16 -13.93 -42.30
C VAL E 216 -3.92 -14.77 -42.53
N ALA E 217 -3.41 -14.78 -43.77
CA ALA E 217 -2.20 -15.53 -44.07
C ALA E 217 -0.99 -14.94 -43.36
N GLU E 218 -0.88 -13.62 -43.34
CA GLU E 218 0.27 -12.98 -42.69
C GLU E 218 0.28 -13.24 -41.19
N GLU E 219 -0.89 -13.22 -40.56
CA GLU E 219 -0.95 -13.50 -39.13
C GLU E 219 -0.48 -14.91 -38.82
N LEU E 220 -0.90 -15.88 -39.64
CA LEU E 220 -0.47 -17.26 -39.41
C LEU E 220 1.02 -17.44 -39.68
N ASP E 221 1.54 -16.78 -40.72
CA ASP E 221 2.98 -16.84 -40.97
C ASP E 221 3.76 -16.26 -39.79
N ARG E 222 3.31 -15.12 -39.26
CA ARG E 222 3.97 -14.54 -38.11
C ARG E 222 3.86 -15.43 -36.88
N LEU E 223 2.72 -16.11 -36.72
CA LEU E 223 2.58 -17.02 -35.59
C LEU E 223 3.55 -18.19 -35.69
N GLU E 224 3.71 -18.74 -36.89
CA GLU E 224 4.68 -19.82 -37.07
C GLU E 224 6.10 -19.33 -36.83
N ALA E 225 6.43 -18.13 -37.31
CA ALA E 225 7.74 -17.56 -37.02
C ALA E 225 7.94 -17.38 -35.53
N HIS E 226 6.89 -16.98 -34.81
CA HIS E 226 6.99 -16.76 -33.38
C HIS E 226 7.16 -18.08 -32.63
N VAL E 227 6.49 -19.14 -33.05
CA VAL E 227 6.69 -20.42 -32.36
C VAL E 227 8.09 -20.95 -32.63
N LYS E 228 8.61 -20.76 -33.85
CA LYS E 228 9.99 -21.15 -34.12
C LYS E 228 10.97 -20.35 -33.25
N GLU E 229 10.74 -19.04 -33.13
CA GLU E 229 11.61 -18.21 -32.31
C GLU E 229 11.52 -18.58 -30.84
N THR E 230 10.33 -18.95 -30.36
CA THR E 230 10.19 -19.37 -28.98
C THR E 230 10.93 -20.69 -28.73
N TYR E 231 10.84 -21.62 -29.69
CA TYR E 231 11.61 -22.85 -29.57
C TYR E 231 13.10 -22.56 -29.51
N ASN E 232 13.58 -21.62 -30.34
CA ASN E 232 14.99 -21.24 -30.28
C ASN E 232 15.34 -20.60 -28.95
N ILE E 233 14.47 -19.74 -28.42
CA ILE E 233 14.73 -19.05 -27.17
C ILE E 233 14.84 -20.03 -26.02
N LEU E 234 13.98 -21.06 -26.02
CA LEU E 234 13.99 -22.03 -24.93
C LEU E 234 15.29 -22.83 -24.86
N LYS E 235 16.13 -22.77 -25.90
CA LYS E 235 17.41 -23.47 -25.90
C LYS E 235 18.57 -22.59 -25.47
N LYS E 236 18.32 -21.34 -25.09
CA LYS E 236 19.40 -20.43 -24.72
C LYS E 236 19.82 -20.66 -23.27
N LYS E 237 21.12 -20.48 -23.01
CA LYS E 237 21.67 -20.68 -21.68
C LYS E 237 21.36 -19.53 -20.75
N GLU E 238 21.29 -18.31 -21.26
CA GLU E 238 20.96 -17.16 -20.43
C GLU E 238 19.52 -17.23 -19.96
N ALA E 239 19.21 -16.50 -18.89
CA ALA E 239 17.86 -16.44 -18.38
C ALA E 239 16.92 -15.91 -19.47
N VAL E 240 15.77 -16.56 -19.62
CA VAL E 240 14.87 -16.27 -20.73
C VAL E 240 13.48 -15.98 -20.24
N GLY E 241 13.34 -15.58 -18.98
CA GLY E 241 12.02 -15.21 -18.48
C GLY E 241 11.49 -13.95 -19.15
N ARG E 242 12.31 -12.90 -19.20
CA ARG E 242 11.88 -11.64 -19.77
C ARG E 242 11.69 -11.74 -21.28
N ARG E 243 12.61 -12.45 -21.97
CA ARG E 243 12.49 -12.57 -23.41
C ARG E 243 11.22 -13.31 -23.81
N LEU E 244 10.91 -14.39 -23.11
CA LEU E 244 9.67 -15.11 -23.39
C LEU E 244 8.45 -14.27 -23.03
N ASP E 245 8.53 -13.52 -21.93
CA ASP E 245 7.41 -12.67 -21.55
C ASP E 245 7.14 -11.61 -22.62
N PHE E 246 8.19 -11.10 -23.26
CA PHE E 246 8.00 -10.15 -24.34
C PHE E 246 7.51 -10.83 -25.62
N MET E 247 7.98 -12.06 -25.88
CA MET E 247 7.50 -12.80 -27.04
C MET E 247 6.02 -13.09 -26.95
N MET E 248 5.52 -13.33 -25.74
CA MET E 248 4.09 -13.57 -25.58
C MET E 248 3.27 -12.36 -25.98
N GLN E 249 3.85 -11.16 -25.92
CA GLN E 249 3.13 -9.98 -26.38
C GLN E 249 2.93 -10.01 -27.90
N GLU E 250 3.94 -10.43 -28.65
CA GLU E 250 3.76 -10.61 -30.09
C GLU E 250 2.76 -11.72 -30.39
N PHE E 251 2.82 -12.80 -29.63
CA PHE E 251 1.82 -13.86 -29.75
C PHE E 251 0.41 -13.29 -29.57
N ASN E 252 0.24 -12.47 -28.54
CA ASN E 252 -1.07 -11.89 -28.24
C ASN E 252 -1.52 -10.94 -29.34
N ARG E 253 -0.59 -10.16 -29.90
CA ARG E 253 -0.94 -9.27 -31.01
C ARG E 253 -1.46 -10.07 -32.20
N GLU E 254 -0.75 -11.14 -32.56
CA GLU E 254 -1.18 -11.94 -33.70
C GLU E 254 -2.53 -12.60 -33.44
N SER E 255 -2.73 -13.14 -32.24
CA SER E 255 -4.01 -13.77 -31.92
C SER E 255 -5.14 -12.76 -31.94
N ASN E 256 -4.90 -11.55 -31.42
CA ASN E 256 -5.94 -10.52 -31.42
C ASN E 256 -6.30 -10.11 -32.85
N THR E 257 -5.30 -9.94 -33.72
CA THR E 257 -5.61 -9.61 -35.11
C THR E 257 -6.40 -10.73 -35.78
N LEU E 258 -6.01 -11.97 -35.53
CA LEU E 258 -6.74 -13.10 -36.13
C LEU E 258 -8.18 -13.16 -35.64
N ALA E 259 -8.40 -12.92 -34.35
CA ALA E 259 -9.76 -12.92 -33.82
C ALA E 259 -10.57 -11.76 -34.39
N SER E 260 -9.95 -10.58 -34.52
CA SER E 260 -10.66 -9.42 -35.05
C SER E 260 -11.08 -9.64 -36.50
N LYS E 261 -10.18 -10.20 -37.32
CA LYS E 261 -10.48 -10.38 -38.73
C LYS E 261 -11.29 -11.64 -39.01
N SER E 262 -11.63 -12.42 -37.99
CA SER E 262 -12.38 -13.64 -38.19
C SER E 262 -13.85 -13.33 -38.47
N ILE E 263 -14.44 -14.10 -39.37
CA ILE E 263 -15.87 -14.01 -39.65
C ILE E 263 -16.60 -15.33 -39.46
N ASN E 264 -15.93 -16.46 -39.54
CA ASN E 264 -16.56 -17.75 -39.36
C ASN E 264 -16.51 -18.18 -37.89
N ALA E 265 -17.50 -18.98 -37.49
CA ALA E 265 -17.56 -19.45 -36.12
C ALA E 265 -16.37 -20.34 -35.80
N GLU E 266 -15.97 -21.20 -36.74
CA GLU E 266 -14.87 -22.13 -36.48
C GLU E 266 -13.55 -21.37 -36.34
N VAL E 267 -13.31 -20.36 -37.18
CA VAL E 267 -12.09 -19.60 -37.07
C VAL E 267 -12.07 -18.79 -35.77
N THR E 268 -13.22 -18.27 -35.36
CA THR E 268 -13.28 -17.57 -34.08
C THR E 268 -13.00 -18.51 -32.91
N ASN E 269 -13.55 -19.74 -32.97
CA ASN E 269 -13.25 -20.71 -31.92
C ASN E 269 -11.78 -21.07 -31.90
N SER E 270 -11.17 -21.23 -33.07
CA SER E 270 -9.74 -21.52 -33.12
C SER E 270 -8.91 -20.36 -32.59
N ALA E 271 -9.32 -19.13 -32.88
CA ALA E 271 -8.62 -17.97 -32.33
C ALA E 271 -8.75 -17.92 -30.81
N ILE E 272 -9.92 -18.26 -30.28
CA ILE E 272 -10.09 -18.31 -28.84
C ILE E 272 -9.22 -19.40 -28.23
N GLU E 273 -9.11 -20.54 -28.91
CA GLU E 273 -8.21 -21.59 -28.44
C GLU E 273 -6.76 -21.11 -28.45
N LEU E 274 -6.37 -20.38 -29.48
CA LEU E 274 -5.02 -19.81 -29.53
C LEU E 274 -4.79 -18.86 -28.38
N LYS E 275 -5.77 -18.01 -28.08
CA LYS E 275 -5.63 -17.07 -26.97
C LYS E 275 -5.54 -17.80 -25.63
N VAL E 276 -6.30 -18.88 -25.46
CA VAL E 276 -6.22 -19.67 -24.23
C VAL E 276 -4.84 -20.30 -24.11
N LEU E 277 -4.31 -20.85 -25.20
CA LEU E 277 -2.97 -21.44 -25.16
C LEU E 277 -1.92 -20.39 -24.83
N ILE E 278 -2.05 -19.20 -25.40
CA ILE E 278 -1.11 -18.13 -25.10
C ILE E 278 -1.20 -17.71 -23.64
N GLU E 279 -2.41 -17.67 -23.10
CA GLU E 279 -2.55 -17.31 -21.68
C GLU E 279 -1.92 -18.36 -20.79
N GLN E 280 -2.09 -19.65 -21.11
CA GLN E 280 -1.45 -20.70 -20.32
C GLN E 280 0.07 -20.62 -20.45
N MET E 281 0.57 -20.34 -21.65
CA MET E 281 2.00 -20.15 -21.84
C MET E 281 2.52 -19.02 -20.96
N ARG E 282 1.80 -17.90 -20.94
CA ARG E 282 2.24 -16.77 -20.13
C ARG E 282 2.20 -17.10 -18.64
N GLU E 283 1.17 -17.83 -18.21
CA GLU E 283 1.11 -18.27 -16.83
C GLU E 283 2.32 -19.11 -16.46
N GLN E 284 2.74 -19.99 -17.36
CA GLN E 284 3.97 -20.75 -17.10
C GLN E 284 5.21 -19.85 -17.16
N ILE E 285 5.19 -18.83 -18.02
CA ILE E 285 6.33 -17.94 -18.18
C ILE E 285 6.58 -17.15 -16.91
N GLN E 286 5.52 -16.78 -16.19
CA GLN E 286 5.70 -15.95 -14.99
C GLN E 286 6.63 -16.60 -13.98
N ASN E 287 6.74 -17.93 -14.00
CA ASN E 287 7.63 -18.64 -13.09
C ASN E 287 9.01 -18.90 -13.67
N ILE E 288 9.26 -18.56 -14.92
CA ILE E 288 10.55 -18.81 -15.54
C ILE E 288 11.55 -17.76 -15.09
N GLU E 289 12.78 -18.18 -14.82
CA GLU E 289 13.85 -17.27 -14.41
C GLU E 289 14.03 -16.14 -15.41
N MET F 3 -32.60 4.96 -5.09
CA MET F 3 -32.37 5.74 -6.30
C MET F 3 -30.95 5.57 -6.81
N ILE F 4 -30.41 6.63 -7.41
CA ILE F 4 -29.04 6.61 -7.91
C ILE F 4 -28.07 6.46 -6.74
N ARG F 5 -27.11 5.55 -6.87
CA ARG F 5 -26.12 5.30 -5.84
C ARG F 5 -24.73 5.67 -6.35
N SER F 6 -24.01 6.46 -5.58
CA SER F 6 -22.63 6.79 -5.89
C SER F 6 -21.70 5.72 -5.34
N MET F 7 -20.66 5.39 -6.11
CA MET F 7 -19.79 4.28 -5.74
C MET F 7 -18.86 4.59 -4.58
N THR F 8 -18.71 5.86 -4.21
CA THR F 8 -17.81 6.26 -3.13
C THR F 8 -18.61 6.67 -1.90
N ALA F 9 -18.25 6.11 -0.75
CA ALA F 9 -18.96 6.37 0.49
C ALA F 9 -18.10 5.90 1.66
N TYR F 10 -18.56 6.24 2.86
CA TYR F 10 -17.88 5.82 4.08
C TYR F 10 -18.95 5.57 5.14
N ALA F 11 -18.70 4.57 5.99
CA ALA F 11 -19.62 4.27 7.08
C ALA F 11 -18.87 3.60 8.21
N ARG F 12 -19.12 4.05 9.43
CA ARG F 12 -18.46 3.53 10.62
C ARG F 12 -19.50 3.23 11.68
N ARG F 13 -19.40 2.05 12.30
CA ARG F 13 -20.21 1.69 13.45
C ARG F 13 -19.35 0.99 14.47
N GLU F 14 -19.52 1.39 15.73
CA GLU F 14 -18.80 0.80 16.85
C GLU F 14 -19.81 0.14 17.79
N ILE F 15 -19.61 -1.15 18.06
CA ILE F 15 -20.42 -1.86 19.05
C ILE F 15 -19.56 -2.04 20.29
N LYS F 16 -20.07 -1.58 21.43
CA LYS F 16 -19.34 -1.61 22.69
C LYS F 16 -20.06 -2.49 23.70
N GLY F 17 -19.27 -3.12 24.57
CA GLY F 17 -19.83 -4.00 25.55
C GLY F 17 -18.81 -4.38 26.59
N GLU F 18 -19.19 -5.31 27.47
CA GLU F 18 -18.31 -5.76 28.53
C GLU F 18 -17.09 -6.50 28.00
N TRP F 19 -17.18 -7.08 26.81
CA TRP F 19 -16.05 -7.79 26.22
C TRP F 19 -15.00 -6.83 25.65
N GLY F 20 -15.42 -5.68 25.16
CA GLY F 20 -14.50 -4.71 24.59
C GLY F 20 -15.16 -3.78 23.58
N SER F 21 -14.58 -3.66 22.40
CA SER F 21 -15.14 -2.84 21.33
C SER F 21 -14.89 -3.52 20.00
N ALA F 22 -15.69 -3.14 19.00
CA ALA F 22 -15.56 -3.71 17.67
C ALA F 22 -16.05 -2.67 16.67
N THR F 23 -15.14 -2.12 15.88
CA THR F 23 -15.43 -1.00 14.99
C THR F 23 -15.37 -1.48 13.54
N TRP F 24 -16.49 -1.34 12.83
CA TRP F 24 -16.55 -1.60 11.40
C TRP F 24 -16.34 -0.30 10.64
N GLU F 25 -15.44 -0.32 9.65
CA GLU F 25 -15.11 0.87 8.88
C GLU F 25 -15.09 0.53 7.40
N MET F 26 -16.22 0.77 6.73
CA MET F 26 -16.33 0.46 5.31
C MET F 26 -15.99 1.70 4.49
N ARG F 27 -15.06 1.55 3.55
CA ARG F 27 -14.62 2.64 2.68
C ARG F 27 -14.70 2.14 1.25
N SER F 28 -15.27 2.94 0.35
CA SER F 28 -15.51 2.51 -1.02
C SER F 28 -15.06 3.57 -2.00
N VAL F 29 -14.48 3.11 -3.11
CA VAL F 29 -14.13 3.96 -4.25
C VAL F 29 -14.64 3.29 -5.52
N ASN F 30 -14.35 3.88 -6.67
CA ASN F 30 -14.87 3.37 -7.93
C ASN F 30 -14.18 2.08 -8.32
N GLN F 31 -14.83 1.34 -9.21
CA GLN F 31 -14.37 0.05 -9.73
C GLN F 31 -15.35 -0.37 -10.80
N ARG F 32 -14.88 -1.15 -11.78
CA ARG F 32 -15.81 -1.62 -12.80
C ARG F 32 -16.69 -2.74 -12.29
N TYR F 33 -16.18 -3.54 -11.36
CA TYR F 33 -16.91 -4.65 -10.76
C TYR F 33 -16.95 -4.44 -9.25
N LEU F 34 -17.33 -5.48 -8.52
CA LEU F 34 -17.36 -5.44 -7.07
C LEU F 34 -16.16 -6.20 -6.53
N GLU F 35 -15.26 -5.49 -5.87
CA GLU F 35 -14.10 -6.08 -5.22
C GLU F 35 -14.10 -5.69 -3.76
N THR F 36 -14.05 -6.67 -2.88
CA THR F 36 -14.08 -6.45 -1.44
C THR F 36 -12.78 -6.92 -0.83
N TYR F 37 -12.18 -6.09 0.03
CA TYR F 37 -10.99 -6.44 0.77
C TYR F 37 -11.29 -6.35 2.26
N PHE F 38 -10.81 -7.33 3.02
CA PHE F 38 -11.11 -7.43 4.43
C PHE F 38 -9.83 -7.47 5.24
N ARG F 39 -9.83 -6.77 6.37
CA ARG F 39 -8.76 -6.82 7.36
C ARG F 39 -9.43 -7.17 8.69
N LEU F 40 -9.56 -8.44 8.95
CA LEU F 40 -10.23 -8.92 10.15
C LEU F 40 -9.23 -9.31 11.22
N PRO F 41 -9.59 -9.16 12.49
CA PRO F 41 -8.68 -9.58 13.57
C PRO F 41 -8.51 -11.09 13.59
N GLU F 42 -7.39 -11.52 14.16
CA GLU F 42 -7.07 -12.94 14.17
C GLU F 42 -8.14 -13.76 14.87
N GLN F 43 -8.80 -13.19 15.87
CA GLN F 43 -9.84 -13.95 16.58
C GLN F 43 -11.07 -14.16 15.72
N PHE F 44 -11.38 -13.21 14.82
CA PHE F 44 -12.60 -13.26 14.03
C PHE F 44 -12.32 -13.40 12.54
N ARG F 45 -11.17 -13.98 12.18
CA ARG F 45 -10.87 -14.18 10.77
C ARG F 45 -11.78 -15.21 10.13
N SER F 46 -12.40 -16.09 10.94
CA SER F 46 -13.30 -17.10 10.41
C SER F 46 -14.62 -16.52 9.91
N LEU F 47 -14.87 -15.23 10.15
CA LEU F 47 -16.11 -14.61 9.70
C LEU F 47 -16.05 -14.13 8.26
N GLU F 48 -14.93 -14.31 7.57
CA GLU F 48 -14.81 -13.79 6.21
C GLU F 48 -15.85 -14.36 5.26
N PRO F 49 -16.12 -15.67 5.20
CA PRO F 49 -17.17 -16.14 4.28
C PRO F 49 -18.54 -15.59 4.61
N VAL F 50 -18.87 -15.42 5.88
CA VAL F 50 -20.17 -14.88 6.25
C VAL F 50 -20.26 -13.40 5.92
N VAL F 51 -19.21 -12.65 6.22
CA VAL F 51 -19.21 -11.22 5.94
C VAL F 51 -19.21 -10.95 4.44
N ARG F 52 -18.38 -11.70 3.70
CA ARG F 52 -18.29 -11.46 2.25
C ARG F 52 -19.62 -11.72 1.56
N GLU F 53 -20.33 -12.78 1.96
CA GLU F 53 -21.62 -13.07 1.35
C GLU F 53 -22.63 -11.98 1.64
N ARG F 54 -22.62 -11.44 2.88
CA ARG F 54 -23.57 -10.41 3.25
C ARG F 54 -23.35 -9.14 2.44
N ILE F 55 -22.08 -8.76 2.21
CA ILE F 55 -21.79 -7.55 1.47
C ILE F 55 -22.13 -7.72 -0.01
N ARG F 56 -21.79 -8.87 -0.58
CA ARG F 56 -22.02 -9.07 -2.01
C ARG F 56 -23.50 -9.01 -2.37
N SER F 57 -24.38 -9.32 -1.43
CA SER F 57 -25.81 -9.32 -1.70
C SER F 57 -26.44 -7.95 -1.62
N ARG F 58 -25.74 -6.95 -1.07
CA ARG F 58 -26.31 -5.61 -0.91
C ARG F 58 -25.62 -4.56 -1.77
N LEU F 59 -24.45 -4.86 -2.33
CA LEU F 59 -23.74 -3.93 -3.19
C LEU F 59 -23.60 -4.52 -4.59
N THR F 60 -23.41 -3.65 -5.57
CA THR F 60 -23.28 -4.08 -6.96
C THR F 60 -21.93 -3.74 -7.56
N ARG F 61 -21.39 -2.56 -7.31
CA ARG F 61 -20.11 -2.15 -7.85
C ARG F 61 -19.31 -1.43 -6.78
N GLY F 62 -18.06 -1.12 -7.11
CA GLY F 62 -17.20 -0.38 -6.23
C GLY F 62 -16.16 -1.26 -5.57
N LYS F 63 -15.07 -0.62 -5.14
CA LYS F 63 -13.99 -1.29 -4.42
C LYS F 63 -14.19 -1.01 -2.94
N VAL F 64 -14.67 -2.01 -2.21
CA VAL F 64 -15.02 -1.86 -0.81
C VAL F 64 -13.90 -2.41 0.05
N GLU F 65 -13.51 -1.64 1.07
CA GLU F 65 -12.46 -2.03 2.00
C GLU F 65 -13.02 -2.01 3.41
N CYS F 66 -13.37 -3.19 3.93
CA CYS F 66 -13.95 -3.33 5.25
C CYS F 66 -12.90 -3.78 6.25
N THR F 67 -12.74 -3.04 7.33
CA THR F 67 -11.80 -3.37 8.39
C THR F 67 -12.56 -3.49 9.71
N LEU F 68 -12.31 -4.58 10.43
CA LEU F 68 -12.88 -4.78 11.76
C LEU F 68 -11.75 -4.64 12.77
N ARG F 69 -11.93 -3.73 13.72
CA ARG F 69 -10.94 -3.51 14.78
C ARG F 69 -11.50 -4.08 16.08
N TYR F 70 -10.79 -5.02 16.67
CA TYR F 70 -11.21 -5.67 17.89
C TYR F 70 -10.29 -5.26 19.03
N GLU F 71 -10.87 -4.77 20.11
CA GLU F 71 -10.13 -4.29 21.28
C GLU F 71 -10.66 -5.01 22.51
N PRO F 72 -10.25 -6.25 22.73
CA PRO F 72 -10.77 -7.01 23.87
C PRO F 72 -10.35 -6.39 25.19
N ASP F 73 -11.21 -6.54 26.19
CA ASP F 73 -10.94 -6.00 27.51
C ASP F 73 -10.08 -6.96 28.32
N VAL F 74 -9.19 -6.41 29.14
CA VAL F 74 -8.37 -7.24 30.01
C VAL F 74 -9.23 -7.95 31.04
N SER F 75 -10.17 -7.23 31.64
CA SER F 75 -11.04 -7.83 32.66
C SER F 75 -12.03 -8.81 32.06
N ALA F 76 -12.26 -8.77 30.76
CA ALA F 76 -13.22 -9.68 30.13
C ALA F 76 -12.73 -11.11 30.03
N GLN F 77 -11.45 -11.36 30.30
CA GLN F 77 -10.93 -12.72 30.25
C GLN F 77 -11.52 -13.56 31.38
N GLY F 78 -11.63 -14.86 31.12
CA GLY F 78 -12.22 -15.76 32.08
C GLY F 78 -11.35 -15.96 33.32
N GLU F 79 -11.96 -16.56 34.34
CA GLU F 79 -11.25 -16.81 35.58
C GLU F 79 -10.14 -17.82 35.38
N LEU F 80 -9.10 -17.71 36.20
CA LEU F 80 -7.91 -18.55 36.05
C LEU F 80 -8.25 -20.01 36.35
N ILE F 81 -7.61 -20.90 35.61
CA ILE F 81 -7.73 -22.34 35.84
C ILE F 81 -6.33 -22.92 35.95
N LEU F 82 -6.21 -23.99 36.73
CA LEU F 82 -4.92 -24.56 37.08
C LEU F 82 -4.61 -25.76 36.19
N ASN F 83 -3.45 -25.71 35.53
CA ASN F 83 -2.97 -26.84 34.73
C ASN F 83 -2.31 -27.83 35.69
N GLU F 84 -3.10 -28.79 36.17
CA GLU F 84 -2.58 -29.76 37.14
C GLU F 84 -1.48 -30.61 36.54
N LYS F 85 -1.53 -30.87 35.23
CA LYS F 85 -0.48 -31.65 34.60
C LYS F 85 0.85 -30.89 34.59
N LEU F 86 0.80 -29.59 34.30
CA LEU F 86 2.03 -28.81 34.24
C LEU F 86 2.61 -28.57 35.64
N ALA F 87 1.75 -28.33 36.63
CA ALA F 87 2.24 -28.09 37.98
C ALA F 87 2.95 -29.32 38.54
N LYS F 88 2.41 -30.52 38.26
CA LYS F 88 3.05 -31.73 38.75
C LYS F 88 4.43 -31.92 38.13
N GLN F 89 4.58 -31.60 36.85
CA GLN F 89 5.88 -31.71 36.20
C GLN F 89 6.90 -30.78 36.84
N LEU F 90 6.48 -29.55 37.15
CA LEU F 90 7.38 -28.60 37.79
C LEU F 90 7.80 -29.06 39.17
N VAL F 91 6.87 -29.66 39.93
CA VAL F 91 7.20 -30.15 41.26
C VAL F 91 8.26 -31.25 41.17
N THR F 92 8.09 -32.18 40.23
CA THR F 92 9.11 -33.20 40.03
C THR F 92 10.42 -32.59 39.57
N ALA F 93 10.35 -31.62 38.66
CA ALA F 93 11.55 -30.93 38.22
C ALA F 93 12.23 -30.20 39.37
N ALA F 94 11.43 -29.56 40.23
CA ALA F 94 11.99 -28.92 41.41
C ALA F 94 12.62 -29.92 42.35
N ASN F 95 11.99 -31.10 42.50
CA ASN F 95 12.54 -32.12 43.38
C ASN F 95 13.91 -32.60 42.90
N TRP F 96 14.13 -32.62 41.59
CA TRP F 96 15.43 -33.06 41.09
C TRP F 96 16.54 -32.13 41.54
N VAL F 97 16.30 -30.81 41.49
CA VAL F 97 17.30 -29.85 41.93
C VAL F 97 17.58 -29.99 43.42
N LYS F 98 16.54 -30.33 44.20
CA LYS F 98 16.71 -30.52 45.63
C LYS F 98 17.65 -31.67 45.96
N MET F 99 17.82 -32.62 45.03
CA MET F 99 18.70 -33.76 45.30
C MET F 99 20.16 -33.32 45.32
N GLN F 100 20.59 -32.54 44.34
CA GLN F 100 21.97 -32.08 44.32
C GLN F 100 22.24 -31.12 45.47
N SER F 101 21.30 -30.22 45.76
CA SER F 101 21.49 -29.26 46.84
C SER F 101 21.30 -29.90 48.22
N ASP F 102 20.48 -30.94 48.31
CA ASP F 102 20.17 -31.62 49.57
C ASP F 102 19.57 -30.66 50.59
N GLU F 103 18.83 -29.66 50.11
CA GLU F 103 18.23 -28.64 50.96
C GLU F 103 17.22 -27.86 50.12
N GLY F 104 16.47 -27.01 50.80
CA GLY F 104 15.56 -26.11 50.13
C GLY F 104 14.12 -26.60 50.17
N GLU F 105 13.19 -25.64 50.13
CA GLU F 105 11.77 -25.92 50.11
C GLU F 105 11.15 -25.24 48.90
N ILE F 106 10.33 -25.98 48.15
CA ILE F 106 9.65 -25.41 46.99
C ILE F 106 8.51 -24.53 47.46
N ASN F 107 8.44 -23.31 46.91
CA ASN F 107 7.41 -22.35 47.30
C ASN F 107 6.17 -22.58 46.45
N PRO F 108 5.00 -22.85 47.04
CA PRO F 108 3.82 -23.12 46.22
C PRO F 108 3.42 -21.96 45.32
N VAL F 109 3.56 -20.72 45.79
CA VAL F 109 3.17 -19.57 44.97
C VAL F 109 4.13 -19.42 43.79
N ASP F 110 5.42 -19.70 44.01
CA ASP F 110 6.38 -19.61 42.91
C ASP F 110 6.04 -20.57 41.79
N ILE F 111 5.49 -21.74 42.12
CA ILE F 111 5.02 -22.65 41.08
C ILE F 111 3.86 -22.03 40.31
N LEU F 112 2.93 -21.38 41.02
CA LEU F 112 1.80 -20.75 40.35
C LEU F 112 2.24 -19.57 39.49
N ARG F 113 3.31 -18.89 39.86
CA ARG F 113 3.78 -17.76 39.07
C ARG F 113 4.44 -18.18 37.77
N TRP F 114 4.72 -19.47 37.60
CA TRP F 114 5.34 -19.94 36.37
C TRP F 114 4.39 -19.72 35.19
N PRO F 115 4.90 -19.36 34.02
CA PRO F 115 4.02 -19.16 32.87
C PRO F 115 3.31 -20.44 32.47
N GLY F 116 2.03 -20.31 32.13
CA GLY F 116 1.25 -21.40 31.61
C GLY F 116 0.62 -22.31 32.63
N VAL F 117 0.89 -22.13 33.92
CA VAL F 117 0.32 -23.02 34.93
C VAL F 117 -1.01 -22.50 35.48
N MET F 118 -1.28 -21.20 35.36
CA MET F 118 -2.53 -20.61 35.81
C MET F 118 -3.12 -19.73 34.73
N ALA F 119 -3.09 -20.19 33.48
CA ALA F 119 -3.62 -19.42 32.38
C ALA F 119 -5.14 -19.32 32.48
N ALA F 120 -5.67 -18.17 32.08
CA ALA F 120 -7.10 -17.94 32.12
C ALA F 120 -7.81 -18.75 31.03
N GLN F 121 -9.08 -19.04 31.28
CA GLN F 121 -9.89 -19.77 30.31
C GLN F 121 -10.16 -18.91 29.08
N GLU F 122 -10.12 -19.54 27.91
CA GLU F 122 -10.35 -18.82 26.66
C GLU F 122 -11.79 -18.30 26.60
N GLN F 123 -11.95 -17.15 25.95
CA GLN F 123 -13.27 -16.56 25.80
C GLN F 123 -14.12 -17.38 24.85
N ASP F 124 -15.44 -17.24 24.99
CA ASP F 124 -16.36 -17.98 24.13
C ASP F 124 -16.24 -17.55 22.68
N LEU F 125 -16.18 -16.24 22.43
CA LEU F 125 -16.06 -15.67 21.09
C LEU F 125 -17.17 -16.14 20.15
N ASP F 126 -18.30 -16.57 20.69
CA ASP F 126 -19.44 -16.99 19.90
C ASP F 126 -20.60 -16.02 19.99
N ALA F 127 -20.97 -15.60 21.20
CA ALA F 127 -21.97 -14.55 21.33
C ALA F 127 -21.45 -13.21 20.84
N ILE F 128 -20.14 -12.99 20.93
CA ILE F 128 -19.55 -11.76 20.43
C ILE F 128 -19.70 -11.67 18.92
N ALA F 129 -19.45 -12.77 18.21
CA ALA F 129 -19.57 -12.76 16.75
C ALA F 129 -20.99 -12.50 16.29
N ALA F 130 -21.98 -12.90 17.10
CA ALA F 130 -23.36 -12.60 16.76
C ALA F 130 -23.63 -11.09 16.83
N GLU F 131 -23.05 -10.41 17.81
CA GLU F 131 -23.19 -8.96 17.88
C GLU F 131 -22.37 -8.24 16.81
N ILE F 132 -21.20 -8.78 16.48
CA ILE F 132 -20.37 -8.15 15.45
C ILE F 132 -21.07 -8.19 14.10
N LEU F 133 -21.70 -9.31 13.77
CA LEU F 133 -22.43 -9.39 12.51
C LEU F 133 -23.65 -8.48 12.52
N ALA F 134 -24.23 -8.21 13.70
CA ALA F 134 -25.33 -7.26 13.77
C ALA F 134 -24.86 -5.85 13.44
N ALA F 135 -23.67 -5.47 13.91
CA ALA F 135 -23.12 -4.16 13.56
C ALA F 135 -22.80 -4.08 12.07
N LEU F 136 -22.31 -5.18 11.49
CA LEU F 136 -22.03 -5.20 10.05
C LEU F 136 -23.30 -4.96 9.25
N ASP F 137 -24.40 -5.59 9.64
CA ASP F 137 -25.66 -5.35 8.95
C ASP F 137 -26.10 -3.91 9.11
N GLY F 138 -25.91 -3.33 10.29
CA GLY F 138 -26.21 -1.92 10.48
C GLY F 138 -25.29 -1.02 9.70
N THR F 139 -24.00 -1.36 9.64
CA THR F 139 -23.04 -0.53 8.91
C THR F 139 -23.38 -0.47 7.43
N LEU F 140 -23.84 -1.59 6.86
CA LEU F 140 -24.23 -1.58 5.45
C LEU F 140 -25.41 -0.65 5.22
N ASP F 141 -26.37 -0.62 6.15
CA ASP F 141 -27.49 0.32 6.02
C ASP F 141 -27.00 1.75 6.05
N ASP F 142 -26.07 2.07 6.95
CA ASP F 142 -25.45 3.39 6.95
C ASP F 142 -24.64 3.61 5.68
N PHE F 143 -23.98 2.55 5.20
CA PHE F 143 -23.17 2.65 4.00
C PHE F 143 -24.03 2.97 2.78
N ILE F 144 -25.19 2.33 2.65
CA ILE F 144 -26.06 2.58 1.51
C ILE F 144 -26.59 4.01 1.54
N VAL F 145 -26.95 4.51 2.72
CA VAL F 145 -27.44 5.89 2.84
C VAL F 145 -26.35 6.87 2.39
N ALA F 146 -25.10 6.60 2.78
CA ALA F 146 -24.01 7.45 2.34
C ALA F 146 -23.83 7.41 0.84
N ARG F 147 -24.18 6.28 0.20
CA ARG F 147 -24.13 6.23 -1.26
C ARG F 147 -25.27 7.00 -1.88
N GLU F 148 -26.46 6.92 -1.29
CA GLU F 148 -27.62 7.58 -1.87
C GLU F 148 -27.56 9.09 -1.68
N THR F 149 -27.05 9.55 -0.54
CA THR F 149 -26.93 10.99 -0.32
C THR F 149 -25.88 11.62 -1.23
N GLU F 150 -24.96 10.84 -1.76
CA GLU F 150 -24.00 11.34 -2.73
C GLU F 150 -24.48 11.14 -4.16
N GLY F 151 -25.29 10.11 -4.41
CA GLY F 151 -25.81 9.88 -5.75
C GLY F 151 -26.87 10.86 -6.17
N GLN F 152 -27.55 11.51 -5.22
CA GLN F 152 -28.56 12.50 -5.56
C GLN F 152 -27.92 13.71 -6.23
N ALA F 153 -26.75 14.14 -5.75
CA ALA F 153 -26.06 15.25 -6.39
C ALA F 153 -25.67 14.92 -7.81
N LEU F 154 -25.16 13.71 -8.04
CA LEU F 154 -24.79 13.30 -9.39
C LEU F 154 -26.02 13.24 -10.29
N LYS F 155 -27.14 12.74 -9.76
CA LYS F 155 -28.38 12.70 -10.54
C LYS F 155 -28.83 14.11 -10.90
N ALA F 156 -28.74 15.05 -9.96
CA ALA F 156 -29.11 16.42 -10.25
C ALA F 156 -28.23 17.02 -11.35
N LEU F 157 -26.92 16.77 -11.27
CA LEU F 157 -26.02 17.29 -12.30
C LEU F 157 -26.35 16.70 -13.67
N ILE F 158 -26.62 15.39 -13.72
CA ILE F 158 -26.91 14.76 -15.00
C ILE F 158 -28.23 15.28 -15.56
N GLU F 159 -29.22 15.49 -14.70
CA GLU F 159 -30.49 16.03 -15.19
C GLU F 159 -30.32 17.47 -15.69
N GLN F 160 -29.45 18.25 -15.04
CA GLN F 160 -29.15 19.58 -15.54
C GLN F 160 -28.53 19.53 -16.92
N ARG F 161 -27.57 18.62 -17.10
CA ARG F 161 -26.95 18.48 -18.42
C ARG F 161 -27.96 18.00 -19.46
N LEU F 162 -28.91 17.15 -19.06
CA LEU F 162 -29.94 16.69 -19.98
C LEU F 162 -30.87 17.83 -20.39
N GLU F 163 -31.20 18.72 -19.45
CA GLU F 163 -31.96 19.91 -19.80
C GLU F 163 -31.19 20.78 -20.79
N GLY F 164 -29.88 20.91 -20.58
CA GLY F 164 -29.07 21.63 -21.55
C GLY F 164 -29.09 20.98 -22.93
N VAL F 165 -29.04 19.65 -22.97
CA VAL F 165 -29.10 18.93 -24.25
C VAL F 165 -30.43 19.17 -24.94
N THR F 166 -31.53 19.14 -24.17
CA THR F 166 -32.84 19.42 -24.73
C THR F 166 -32.92 20.84 -25.30
N ALA F 167 -32.35 21.81 -24.57
CA ALA F 167 -32.33 23.18 -25.07
C ALA F 167 -31.54 23.29 -26.37
N GLU F 168 -30.40 22.62 -26.45
CA GLU F 168 -29.61 22.63 -27.68
C GLU F 168 -30.37 21.99 -28.82
N VAL F 169 -31.09 20.90 -28.55
CA VAL F 169 -31.89 20.24 -29.58
C VAL F 169 -32.97 21.17 -30.09
N VAL F 170 -33.62 21.91 -29.18
CA VAL F 170 -34.64 22.89 -29.60
C VAL F 170 -34.00 23.97 -30.47
N LYS F 171 -32.83 24.45 -30.07
CA LYS F 171 -32.13 25.48 -30.86
C LYS F 171 -31.84 24.97 -32.26
N VAL F 172 -31.38 23.72 -32.38
CA VAL F 172 -31.08 23.16 -33.70
C VAL F 172 -32.36 22.99 -34.51
N ARG F 173 -33.43 22.51 -33.88
CA ARG F 173 -34.70 22.36 -34.58
C ARG F 173 -35.25 23.68 -35.07
N SER F 174 -34.88 24.78 -34.40
CA SER F 174 -35.35 26.09 -34.86
C SER F 174 -34.82 26.44 -36.25
N HIS F 175 -33.79 25.75 -36.72
CA HIS F 175 -33.17 26.03 -38.02
C HIS F 175 -33.44 24.94 -39.05
N MET F 176 -34.55 24.20 -38.88
CA MET F 176 -34.78 23.05 -39.74
C MET F 176 -34.92 23.40 -41.22
N PRO F 177 -35.69 24.42 -41.63
CA PRO F 177 -35.78 24.72 -43.07
C PRO F 177 -34.43 25.04 -43.71
N GLU F 178 -33.56 25.76 -43.00
CA GLU F 178 -32.25 26.07 -43.54
C GLU F 178 -31.43 24.81 -43.79
N ILE F 179 -31.47 23.87 -42.84
CA ILE F 179 -30.75 22.61 -43.02
C ILE F 179 -31.34 21.82 -44.17
N LEU F 180 -32.68 21.76 -44.25
CA LEU F 180 -33.34 21.01 -45.30
C LEU F 180 -32.97 21.56 -46.69
N GLN F 181 -32.90 22.88 -46.82
CA GLN F 181 -32.43 23.47 -48.07
C GLN F 181 -30.99 23.07 -48.34
N TRP F 182 -30.16 23.04 -47.29
CA TRP F 182 -28.75 22.70 -47.47
C TRP F 182 -28.59 21.26 -47.93
N GLN F 183 -29.40 20.34 -47.41
CA GLN F 183 -29.29 18.94 -47.80
C GLN F 183 -29.67 18.74 -49.26
N ARG F 184 -30.70 19.45 -49.74
CA ARG F 184 -31.07 19.35 -51.15
C ARG F 184 -29.95 19.84 -52.06
N GLU F 185 -29.32 20.96 -51.71
CA GLU F 185 -28.22 21.47 -52.52
C GLU F 185 -27.05 20.50 -52.53
N ARG F 186 -26.76 19.87 -51.38
CA ARG F 186 -25.69 18.89 -51.31
C ARG F 186 -25.97 17.70 -52.21
N LEU F 187 -27.23 17.23 -52.23
CA LEU F 187 -27.59 16.10 -53.08
C LEU F 187 -27.45 16.45 -54.56
N VAL F 188 -27.90 17.64 -54.94
CA VAL F 188 -27.82 18.05 -56.34
C VAL F 188 -26.37 18.25 -56.76
N ALA F 189 -25.53 18.78 -55.86
CA ALA F 189 -24.15 19.08 -56.20
C ALA F 189 -23.39 17.82 -56.60
N LYS F 190 -23.59 16.72 -55.88
CA LYS F 190 -22.93 15.47 -56.25
C LYS F 190 -23.46 14.94 -57.58
N LEU F 191 -24.77 15.04 -57.79
CA LEU F 191 -25.35 14.55 -59.04
C LEU F 191 -24.87 15.36 -60.23
N GLU F 192 -24.77 16.67 -60.09
CA GLU F 192 -24.36 17.54 -61.19
C GLU F 192 -22.85 17.53 -61.42
N ASP F 193 -22.08 16.87 -60.55
CA ASP F 193 -20.63 16.81 -60.74
C ASP F 193 -20.29 16.06 -62.02
N ALA F 194 -21.01 14.98 -62.31
CA ALA F 194 -20.76 14.20 -63.50
C ALA F 194 -21.07 14.99 -64.77
N LEU F 203 -20.58 7.30 -59.22
CA LEU F 203 -21.74 8.18 -59.21
C LEU F 203 -22.86 7.60 -58.36
N GLU F 204 -23.47 6.52 -58.85
CA GLU F 204 -24.51 5.85 -58.07
C GLU F 204 -23.95 5.22 -56.81
N GLN F 205 -22.65 4.90 -56.80
CA GLN F 205 -22.03 4.33 -55.60
C GLN F 205 -22.05 5.33 -54.45
N GLU F 206 -21.77 6.59 -54.73
CA GLU F 206 -21.75 7.62 -53.69
C GLU F 206 -23.16 8.06 -53.30
N LEU F 207 -24.10 8.06 -54.24
CA LEU F 207 -25.44 8.58 -53.98
C LEU F 207 -26.22 7.65 -53.04
N VAL F 208 -26.08 6.34 -53.22
CA VAL F 208 -26.87 5.40 -52.43
C VAL F 208 -26.52 5.49 -50.95
N LEU F 209 -25.24 5.61 -50.62
CA LEU F 209 -24.85 5.73 -49.22
C LEU F 209 -25.15 7.11 -48.66
N LEU F 210 -25.19 8.14 -49.51
CA LEU F 210 -25.60 9.46 -49.04
C LEU F 210 -27.04 9.45 -48.55
N ALA F 211 -27.93 8.79 -49.30
CA ALA F 211 -29.29 8.61 -48.83
C ALA F 211 -29.35 7.66 -47.64
N GLN F 212 -28.42 6.70 -47.57
CA GLN F 212 -28.37 5.80 -46.43
C GLN F 212 -27.97 6.53 -45.15
N ARG F 213 -27.23 7.63 -45.28
CA ARG F 213 -26.82 8.38 -44.10
C ARG F 213 -28.04 8.98 -43.40
N ILE F 214 -27.95 9.07 -42.07
CA ILE F 214 -29.06 9.58 -41.28
C ILE F 214 -29.17 11.08 -41.45
N ASP F 215 -30.39 11.55 -41.72
CA ASP F 215 -30.63 12.98 -41.87
C ASP F 215 -30.65 13.66 -40.50
N VAL F 216 -30.62 14.99 -40.52
CA VAL F 216 -30.49 15.76 -39.29
C VAL F 216 -31.73 15.60 -38.41
N ALA F 217 -32.92 15.60 -39.02
CA ALA F 217 -34.14 15.51 -38.23
C ALA F 217 -34.22 14.19 -37.48
N GLU F 218 -33.83 13.10 -38.14
CA GLU F 218 -33.77 11.81 -37.47
C GLU F 218 -32.76 11.82 -36.33
N GLU F 219 -31.62 12.51 -36.53
CA GLU F 219 -30.64 12.62 -35.46
C GLU F 219 -31.22 13.31 -34.24
N LEU F 220 -31.95 14.41 -34.44
CA LEU F 220 -32.55 15.13 -33.33
C LEU F 220 -33.64 14.30 -32.65
N ASP F 221 -34.43 13.57 -33.44
CA ASP F 221 -35.44 12.71 -32.85
C ASP F 221 -34.80 11.61 -32.00
N ARG F 222 -33.71 11.03 -32.48
CA ARG F 222 -32.99 10.03 -31.70
C ARG F 222 -32.39 10.64 -30.44
N LEU F 223 -31.89 11.88 -30.52
CA LEU F 223 -31.37 12.55 -29.33
C LEU F 223 -32.47 12.78 -28.30
N GLU F 224 -33.65 13.20 -28.75
CA GLU F 224 -34.77 13.39 -27.81
C GLU F 224 -35.20 12.08 -27.19
N ALA F 225 -35.25 11.01 -27.98
CA ALA F 225 -35.58 9.69 -27.44
C ALA F 225 -34.53 9.24 -26.43
N HIS F 226 -33.26 9.50 -26.71
CA HIS F 226 -32.20 9.17 -25.77
C HIS F 226 -32.35 9.94 -24.47
N VAL F 227 -32.71 11.21 -24.55
CA VAL F 227 -32.91 12.01 -23.35
C VAL F 227 -34.05 11.45 -22.52
N LYS F 228 -35.16 11.09 -23.17
CA LYS F 228 -36.29 10.51 -22.44
C LYS F 228 -35.91 9.19 -21.79
N GLU F 229 -35.20 8.33 -22.53
CA GLU F 229 -34.77 7.05 -21.99
C GLU F 229 -33.81 7.23 -20.82
N THR F 230 -32.91 8.22 -20.92
CA THR F 230 -32.00 8.50 -19.81
C THR F 230 -32.75 8.97 -18.58
N TYR F 231 -33.78 9.80 -18.79
CA TYR F 231 -34.60 10.23 -17.66
C TYR F 231 -35.26 9.04 -16.99
N ASN F 232 -35.76 8.09 -17.78
CA ASN F 232 -36.35 6.89 -17.20
C ASN F 232 -35.31 6.04 -16.46
N ILE F 233 -34.12 5.90 -17.05
CA ILE F 233 -33.08 5.09 -16.45
C ILE F 233 -32.66 5.66 -15.10
N LEU F 234 -32.57 6.98 -15.01
CA LEU F 234 -32.21 7.61 -13.74
C LEU F 234 -33.21 7.30 -12.64
N LYS F 235 -34.43 6.90 -12.99
CA LYS F 235 -35.42 6.47 -12.01
C LYS F 235 -35.63 4.97 -12.00
N LYS F 236 -34.88 4.21 -12.81
CA LYS F 236 -35.06 2.77 -12.87
C LYS F 236 -34.85 2.07 -11.53
N LYS F 237 -34.10 2.68 -10.61
CA LYS F 237 -33.91 2.14 -9.26
C LYS F 237 -33.27 0.76 -9.29
N GLU F 238 -32.07 0.71 -9.85
CA GLU F 238 -31.23 -0.49 -9.89
C GLU F 238 -29.83 -0.04 -10.28
N ALA F 239 -28.95 -1.01 -10.54
CA ALA F 239 -27.61 -0.68 -11.01
C ALA F 239 -27.69 -0.16 -12.44
N VAL F 240 -27.50 1.15 -12.61
CA VAL F 240 -27.68 1.78 -13.91
C VAL F 240 -26.42 2.52 -14.32
N GLY F 241 -25.28 2.16 -13.75
CA GLY F 241 -24.03 2.79 -14.15
C GLY F 241 -23.62 2.42 -15.57
N ARG F 242 -23.54 1.12 -15.85
CA ARG F 242 -23.10 0.68 -17.17
C ARG F 242 -24.15 1.00 -18.23
N ARG F 243 -25.43 0.90 -17.88
CA ARG F 243 -26.48 1.25 -18.83
C ARG F 243 -26.40 2.72 -19.22
N LEU F 244 -26.16 3.59 -18.23
CA LEU F 244 -25.98 5.00 -18.54
C LEU F 244 -24.72 5.25 -19.34
N ASP F 245 -23.66 4.48 -19.10
CA ASP F 245 -22.46 4.62 -19.93
C ASP F 245 -22.75 4.28 -21.38
N PHE F 246 -23.49 3.20 -21.61
CA PHE F 246 -23.84 2.83 -22.98
C PHE F 246 -24.77 3.87 -23.62
N MET F 247 -25.67 4.45 -22.82
CA MET F 247 -26.51 5.53 -23.34
C MET F 247 -25.67 6.73 -23.73
N MET F 248 -24.64 7.06 -22.94
CA MET F 248 -23.75 8.16 -23.30
C MET F 248 -22.99 7.85 -24.58
N GLN F 249 -22.59 6.59 -24.75
CA GLN F 249 -21.96 6.19 -26.01
C GLN F 249 -22.89 6.42 -27.19
N GLU F 250 -24.17 6.08 -27.02
CA GLU F 250 -25.15 6.35 -28.07
C GLU F 250 -25.31 7.84 -28.32
N PHE F 251 -25.34 8.64 -27.25
CA PHE F 251 -25.39 10.10 -27.39
C PHE F 251 -24.23 10.59 -28.24
N ASN F 252 -23.02 10.11 -27.95
CA ASN F 252 -21.85 10.52 -28.71
C ASN F 252 -21.98 10.12 -30.16
N ARG F 253 -22.45 8.89 -30.42
CA ARG F 253 -22.60 8.44 -31.80
C ARG F 253 -23.59 9.30 -32.56
N GLU F 254 -24.68 9.69 -31.92
CA GLU F 254 -25.67 10.54 -32.59
C GLU F 254 -25.12 11.93 -32.84
N SER F 255 -24.42 12.51 -31.85
CA SER F 255 -23.93 13.87 -31.98
C SER F 255 -22.73 14.00 -32.91
N ASN F 256 -22.04 12.88 -33.20
CA ASN F 256 -20.90 12.96 -34.11
C ASN F 256 -21.33 13.41 -35.50
N THR F 257 -22.52 13.00 -35.94
CA THR F 257 -23.01 13.41 -37.25
C THR F 257 -23.20 14.93 -37.32
N LEU F 258 -23.86 15.50 -36.29
CA LEU F 258 -24.04 16.94 -36.25
C LEU F 258 -22.71 17.67 -36.17
N ALA F 259 -21.77 17.13 -35.39
CA ALA F 259 -20.45 17.76 -35.29
C ALA F 259 -19.75 17.75 -36.64
N SER F 260 -19.87 16.65 -37.39
CA SER F 260 -19.21 16.57 -38.69
C SER F 260 -19.85 17.53 -39.70
N LYS F 261 -21.17 17.58 -39.74
CA LYS F 261 -21.85 18.43 -40.72
C LYS F 261 -21.61 19.91 -40.40
N SER F 262 -21.37 20.69 -41.44
CA SER F 262 -21.16 22.13 -41.30
C SER F 262 -22.11 22.86 -42.23
N ILE F 263 -22.92 23.75 -41.68
CA ILE F 263 -23.83 24.57 -42.48
C ILE F 263 -23.61 26.05 -42.17
N ASN F 264 -23.64 26.41 -40.89
CA ASN F 264 -23.50 27.80 -40.48
C ASN F 264 -22.95 27.84 -39.07
N ALA F 265 -22.63 29.06 -38.61
CA ALA F 265 -21.97 29.22 -37.33
C ALA F 265 -22.87 28.83 -36.16
N GLU F 266 -24.17 29.16 -36.24
CA GLU F 266 -25.06 28.89 -35.11
C GLU F 266 -25.21 27.41 -34.86
N VAL F 267 -25.48 26.63 -35.91
CA VAL F 267 -25.65 25.19 -35.75
C VAL F 267 -24.33 24.54 -35.34
N THR F 268 -23.21 25.04 -35.86
CA THR F 268 -21.92 24.51 -35.44
C THR F 268 -21.68 24.75 -33.95
N ASN F 269 -22.00 25.94 -33.46
CA ASN F 269 -21.85 26.22 -32.04
C ASN F 269 -22.77 25.34 -31.21
N SER F 270 -24.01 25.14 -31.68
CA SER F 270 -24.92 24.26 -30.95
C SER F 270 -24.40 22.82 -30.90
N ALA F 271 -23.83 22.34 -32.02
CA ALA F 271 -23.27 21.00 -32.04
C ALA F 271 -22.08 20.89 -31.10
N ILE F 272 -21.22 21.91 -31.06
CA ILE F 272 -20.09 21.89 -30.14
C ILE F 272 -20.59 21.86 -28.70
N GLU F 273 -21.62 22.64 -28.41
CA GLU F 273 -22.19 22.62 -27.07
C GLU F 273 -22.76 21.26 -26.73
N LEU F 274 -23.42 20.62 -27.69
CA LEU F 274 -23.94 19.27 -27.47
C LEU F 274 -22.82 18.29 -27.17
N LYS F 275 -21.72 18.38 -27.92
CA LYS F 275 -20.59 17.48 -27.68
C LYS F 275 -20.01 17.71 -26.29
N VAL F 276 -19.87 18.97 -25.89
CA VAL F 276 -19.32 19.26 -24.56
C VAL F 276 -20.24 18.75 -23.47
N LEU F 277 -21.55 18.95 -23.63
CA LEU F 277 -22.50 18.46 -22.63
C LEU F 277 -22.47 16.95 -22.53
N ILE F 278 -22.40 16.26 -23.66
CA ILE F 278 -22.35 14.80 -23.64
C ILE F 278 -21.06 14.31 -22.99
N GLU F 279 -19.95 14.98 -23.26
CA GLU F 279 -18.70 14.60 -22.62
C GLU F 279 -18.76 14.81 -21.12
N GLN F 280 -19.35 15.90 -20.66
CA GLN F 280 -19.51 16.13 -19.24
C GLN F 280 -20.40 15.07 -18.60
N MET F 281 -21.49 14.72 -19.27
CA MET F 281 -22.36 13.65 -18.76
C MET F 281 -21.63 12.34 -18.66
N ARG F 282 -20.86 11.99 -19.69
CA ARG F 282 -20.12 10.74 -19.67
C ARG F 282 -19.07 10.74 -18.56
N GLU F 283 -18.40 11.86 -18.37
CA GLU F 283 -17.41 11.95 -17.30
C GLU F 283 -18.05 11.79 -15.94
N GLN F 284 -19.23 12.37 -15.73
CA GLN F 284 -19.90 12.24 -14.45
C GLN F 284 -20.59 10.89 -14.27
N ILE F 285 -20.84 10.15 -15.35
CA ILE F 285 -21.49 8.85 -15.23
C ILE F 285 -20.53 7.83 -14.60
N GLN F 286 -19.23 7.97 -14.84
CA GLN F 286 -18.28 6.92 -14.52
C GLN F 286 -18.26 6.57 -13.04
N ASN F 287 -18.77 7.43 -12.18
CA ASN F 287 -18.75 7.21 -10.74
C ASN F 287 -20.16 7.09 -10.18
N ILE F 288 -21.02 6.34 -10.87
CA ILE F 288 -22.33 5.95 -10.37
C ILE F 288 -22.41 4.44 -10.37
N GLU F 289 -22.80 3.87 -9.23
CA GLU F 289 -22.97 2.43 -9.10
C GLU F 289 -24.11 1.94 -9.99
#